data_2BZD
#
_entry.id   2BZD
#
_cell.length_a   141.457
_cell.length_b   141.457
_cell.length_c   158.880
_cell.angle_alpha   90.00
_cell.angle_beta   90.00
_cell.angle_gamma   120.00
#
_symmetry.space_group_name_H-M   'P 32 2 1'
#
loop_
_entity.id
_entity.type
_entity.pdbx_description
1 polymer 'BACTERIAL SIALIDASE'
2 non-polymer 'SODIUM ION'
3 non-polymer beta-D-galactopyranose
4 non-polymer GLYCEROL
5 water water
#
_entity_poly.entity_id   1
_entity_poly.type   'polypeptide(L)'
_entity_poly.pdbx_seq_one_letter_code
;GEPLYTEQDLAVNGREGFPNYRIPALTVTPDGDLLASYDGRPTGIDAPGPNSILQRRSTDGGRTWGEQQVVSAGQTTAPI
KGFSDPSYLVDRETGTIFNFHVYSQRQGFAGSRPGTDPADPNVLHANVATSTDGGLTWSHRTITADITPDPGWRSRFAAS
GEGIQLRYGPHAGRLIQQYTIINAAGAFQAVSVYSDDHGRTWRAGEAVGVGMDANKTVELSDGRVLLNSRDSARSGYRKV
AVSTDGGHSYGPVTIDRDLPDPTNNASIIRAFPDAPAGSARAKVLLFSNAASQTSRSQGTIRMSCDDGQTWPVSKVFQPG
SMSYSTLTALPDGTYGLLYEPGTGIRYANFNLAWLGGICAPFTIPDVALEPGQQVTVPVAVTNQSGIAVPKPSLQLDASP
DWQVQGSVEPLMPGRQAKGQVTITVPAGTTPGRYRVGATLRTSAGNASTTFTVTVGLLDQARMSIADVDSEETAREDGRA
SNVIDGNPSTFWHTEWSRADAPGYPHRISLDLGGTHTISGLQYTRRQNSANEQVADYEIYTSLNGTTWDGPVASGRFTTS
LAPQRAVFPARDARYIRLVALSEQTGHKYAAVAELEVEGQR
;
_entity_poly.pdbx_strand_id   A,B,C
#
# COMPACT_ATOMS: atom_id res chain seq x y z
N GLY A 1 9.98 51.37 10.11
CA GLY A 1 10.93 50.56 10.92
C GLY A 1 10.20 49.54 11.77
N GLU A 2 10.43 49.58 13.08
CA GLU A 2 9.87 48.62 14.02
C GLU A 2 8.35 48.77 14.28
N PRO A 3 7.62 47.63 14.25
CA PRO A 3 6.21 47.56 14.68
C PRO A 3 6.00 48.21 16.05
N LEU A 4 4.91 48.96 16.18
CA LEU A 4 4.52 49.58 17.45
C LEU A 4 3.01 49.52 17.72
N TYR A 5 2.65 48.79 18.77
CA TYR A 5 1.33 48.91 19.38
C TYR A 5 1.48 49.27 20.86
N THR A 6 0.63 50.18 21.33
CA THR A 6 0.57 50.59 22.74
C THR A 6 -0.87 51.04 23.09
N GLU A 7 -1.24 50.92 24.37
CA GLU A 7 -2.64 50.88 24.82
C GLU A 7 -2.74 51.25 26.31
N GLN A 8 -3.70 52.12 26.67
CA GLN A 8 -3.91 52.59 28.07
C GLN A 8 -5.30 53.23 28.25
N ASP A 9 -5.99 52.91 29.34
CA ASP A 9 -7.32 53.52 29.60
C ASP A 9 -7.26 55.04 29.83
N LEU A 10 -8.35 55.72 29.50
CA LEU A 10 -8.55 57.14 29.87
C LEU A 10 -9.72 57.29 30.85
N ALA A 11 -10.56 56.26 30.87
CA ALA A 11 -11.77 56.24 31.68
C ALA A 11 -12.16 54.79 32.00
N VAL A 12 -12.46 54.55 33.28
CA VAL A 12 -12.92 53.25 33.81
C VAL A 12 -14.25 53.43 34.58
N ASN A 13 -15.21 52.51 34.35
CA ASN A 13 -16.60 52.58 34.87
C ASN A 13 -16.92 52.53 36.38
N GLY A 14 -17.06 53.71 36.99
CA GLY A 14 -17.28 53.85 38.44
C GLY A 14 -16.13 54.59 39.09
N ARG A 15 -15.28 55.17 38.25
CA ARG A 15 -14.10 55.88 38.69
C ARG A 15 -14.09 57.29 38.11
N GLU A 16 -13.52 58.23 38.85
CA GLU A 16 -13.35 59.64 38.44
C GLU A 16 -14.62 60.47 38.19
N GLY A 17 -15.77 59.99 38.69
CA GLY A 17 -16.98 60.81 38.68
C GLY A 17 -18.23 60.24 38.04
N PHE A 18 -18.08 59.23 37.20
CA PHE A 18 -19.23 58.57 36.55
C PHE A 18 -19.19 57.03 36.74
N PRO A 19 -20.38 56.38 36.85
CA PRO A 19 -20.44 54.91 36.86
C PRO A 19 -20.31 54.23 35.47
N ASN A 20 -20.40 55.02 34.39
CA ASN A 20 -20.32 54.51 33.02
C ASN A 20 -19.72 55.53 32.03
N TYR A 21 -18.77 55.06 31.24
CA TYR A 21 -18.16 55.86 30.20
C TYR A 21 -18.37 55.19 28.85
N ARG A 22 -18.87 55.94 27.87
CA ARG A 22 -19.04 55.41 26.50
C ARG A 22 -18.84 56.45 25.40
N ILE A 23 -18.81 55.93 24.16
CA ILE A 23 -18.93 56.64 22.88
C ILE A 23 -17.70 57.50 22.57
N PRO A 24 -16.64 56.86 22.01
CA PRO A 24 -15.37 57.56 21.83
C PRO A 24 -15.26 58.60 20.68
N ALA A 25 -14.46 59.63 20.95
CA ALA A 25 -14.22 60.76 20.05
C ALA A 25 -12.77 61.20 20.26
N LEU A 26 -12.09 61.66 19.21
CA LEU A 26 -10.63 61.82 19.18
C LEU A 26 -10.17 62.70 18.01
N THR A 27 -9.36 63.72 18.32
CA THR A 27 -8.79 64.59 17.27
C THR A 27 -7.43 65.14 17.71
N VAL A 28 -6.71 65.72 16.74
CA VAL A 28 -5.43 66.39 16.91
C VAL A 28 -5.67 67.86 16.62
N THR A 29 -5.15 68.74 17.48
CA THR A 29 -5.36 70.18 17.33
C THR A 29 -4.31 70.74 16.37
N PRO A 30 -4.48 72.01 15.92
CA PRO A 30 -3.38 72.61 15.18
C PRO A 30 -2.04 72.72 15.95
N ASP A 31 -2.07 72.53 17.28
CA ASP A 31 -0.86 72.41 18.12
C ASP A 31 -0.12 71.07 18.01
N GLY A 32 -0.87 70.02 17.72
CA GLY A 32 -0.38 68.67 17.88
C GLY A 32 -0.89 68.05 19.17
N ASP A 33 -1.78 68.77 19.88
CA ASP A 33 -2.41 68.30 21.12
C ASP A 33 -3.54 67.34 20.84
N LEU A 34 -3.52 66.19 21.50
CA LEU A 34 -4.56 65.21 21.28
C LEU A 34 -5.70 65.44 22.24
N LEU A 35 -6.91 65.42 21.69
CA LEU A 35 -8.14 65.59 22.47
C LEU A 35 -9.04 64.34 22.37
N ALA A 36 -9.34 63.78 23.55
CA ALA A 36 -10.22 62.61 23.71
C ALA A 36 -11.53 63.06 24.38
N SER A 37 -12.65 62.94 23.66
CA SER A 37 -13.99 63.32 24.19
C SER A 37 -14.89 62.08 24.37
N TYR A 38 -15.86 62.12 25.26
CA TYR A 38 -16.65 60.91 25.55
C TYR A 38 -17.78 61.13 26.56
N ASP A 39 -18.77 60.24 26.54
CA ASP A 39 -19.93 60.32 27.43
C ASP A 39 -19.58 59.96 28.86
N GLY A 40 -19.90 60.87 29.78
CA GLY A 40 -19.99 60.61 31.21
C GLY A 40 -21.47 60.43 31.50
N ARG A 41 -21.81 59.20 31.91
CA ARG A 41 -23.20 58.75 32.01
C ARG A 41 -23.60 58.45 33.47
N PRO A 42 -24.31 59.40 34.12
CA PRO A 42 -24.71 59.18 35.53
C PRO A 42 -25.59 57.94 35.74
N THR A 43 -26.50 57.70 34.80
CA THR A 43 -27.52 56.66 34.92
C THR A 43 -27.30 55.52 33.93
N GLY A 44 -26.10 55.51 33.34
CA GLY A 44 -25.60 54.41 32.50
C GLY A 44 -26.27 54.15 31.17
N ILE A 45 -26.94 55.17 30.61
CA ILE A 45 -27.71 55.02 29.38
C ILE A 45 -27.41 56.16 28.39
N ASP A 46 -27.63 55.91 27.09
CA ASP A 46 -27.57 56.97 26.09
C ASP A 46 -28.78 57.94 26.30
N ALA A 47 -28.90 58.98 25.47
CA ALA A 47 -30.01 59.95 25.54
C ALA A 47 -31.38 59.28 25.73
N PRO A 48 -32.22 59.79 26.65
CA PRO A 48 -32.05 60.98 27.51
C PRO A 48 -31.58 60.82 28.97
N GLY A 49 -30.53 60.03 29.24
CA GLY A 49 -29.87 60.13 30.56
C GLY A 49 -29.15 61.48 30.64
N PRO A 50 -29.15 62.14 31.83
CA PRO A 50 -28.58 63.50 32.01
C PRO A 50 -27.05 63.57 31.84
N ASN A 51 -26.57 63.12 30.67
CA ASN A 51 -25.16 62.82 30.42
C ASN A 51 -24.28 64.05 30.22
N SER A 52 -23.00 63.90 30.53
CA SER A 52 -22.02 64.96 30.25
C SER A 52 -21.05 64.62 29.09
N ILE A 53 -20.58 65.67 28.40
CA ILE A 53 -19.49 65.58 27.42
C ILE A 53 -18.15 65.94 28.09
N LEU A 54 -17.25 64.97 28.10
CA LEU A 54 -15.97 65.15 28.77
C LEU A 54 -14.81 65.16 27.77
N GLN A 55 -13.59 65.39 28.28
CA GLN A 55 -12.40 65.62 27.47
C GLN A 55 -11.11 65.59 28.29
N ARG A 56 -10.05 65.07 27.66
CA ARG A 56 -8.70 65.05 28.20
C ARG A 56 -7.69 65.47 27.12
N ARG A 57 -6.53 65.98 27.55
CA ARG A 57 -5.50 66.50 26.63
C ARG A 57 -4.08 65.95 26.79
N SER A 58 -3.52 65.46 25.69
CA SER A 58 -2.14 65.04 25.64
C SER A 58 -1.28 66.06 24.87
N THR A 59 -0.50 66.85 25.61
CA THR A 59 0.46 67.79 25.01
C THR A 59 1.84 67.15 24.72
N ASP A 60 1.97 65.83 24.93
CA ASP A 60 3.18 65.11 24.53
C ASP A 60 2.92 63.90 23.58
N GLY A 61 1.89 64.05 22.75
CA GLY A 61 1.60 63.12 21.66
C GLY A 61 1.02 61.74 22.00
N GLY A 62 0.28 61.63 23.11
CA GLY A 62 -0.42 60.38 23.50
C GLY A 62 0.21 59.56 24.62
N ARG A 63 1.29 60.07 25.21
CA ARG A 63 1.89 59.39 26.36
C ARG A 63 1.18 59.67 27.69
N THR A 64 0.95 60.95 27.96
CA THR A 64 0.37 61.41 29.22
C THR A 64 -0.91 62.21 28.98
N TRP A 65 -1.79 62.30 29.97
CA TRP A 65 -3.10 62.98 29.80
C TRP A 65 -3.56 63.81 31.01
N GLY A 66 -4.03 65.03 30.74
CA GLY A 66 -4.42 65.97 31.79
C GLY A 66 -5.74 65.63 32.46
N GLU A 67 -6.24 66.54 33.30
CA GLU A 67 -7.50 66.34 34.02
C GLU A 67 -8.68 65.99 33.08
N GLN A 68 -9.64 65.27 33.63
CA GLN A 68 -10.90 65.00 32.94
C GLN A 68 -11.77 66.25 33.07
N GLN A 69 -11.78 67.06 32.01
CA GLN A 69 -12.51 68.33 32.01
C GLN A 69 -13.91 68.18 31.39
N VAL A 70 -14.79 69.10 31.73
CA VAL A 70 -16.15 69.12 31.23
C VAL A 70 -16.25 70.13 30.06
N VAL A 71 -16.64 69.64 28.88
CA VAL A 71 -17.00 70.48 27.72
C VAL A 71 -18.50 70.85 27.83
N SER A 72 -19.34 69.83 28.00
CA SER A 72 -20.78 70.02 28.16
C SER A 72 -21.29 69.26 29.40
N ALA A 73 -21.83 70.02 30.36
CA ALA A 73 -22.27 69.47 31.64
C ALA A 73 -23.76 69.12 31.63
N GLY A 74 -24.09 67.85 31.88
CA GLY A 74 -25.50 67.43 31.92
C GLY A 74 -26.22 67.93 33.16
N GLN A 75 -27.52 68.19 33.04
CA GLN A 75 -28.34 68.58 34.20
C GLN A 75 -29.20 67.41 34.72
N THR A 76 -28.78 66.84 35.86
CA THR A 76 -29.48 65.69 36.46
C THR A 76 -30.62 66.04 37.45
N THR A 77 -30.70 67.32 37.83
CA THR A 77 -31.86 67.85 38.55
C THR A 77 -32.84 68.37 37.51
N ALA A 78 -34.14 68.19 37.77
CA ALA A 78 -35.20 68.45 36.80
C ALA A 78 -35.42 69.95 36.67
N PRO A 79 -35.68 70.45 35.44
CA PRO A 79 -35.66 69.80 34.10
C PRO A 79 -34.31 69.18 33.72
N ILE A 80 -34.30 67.88 33.48
CA ILE A 80 -33.07 67.16 33.11
C ILE A 80 -32.53 67.56 31.73
N LYS A 81 -31.20 67.47 31.55
CA LYS A 81 -30.58 67.76 30.26
C LYS A 81 -29.47 66.77 29.94
N GLY A 82 -29.56 66.13 28.77
CA GLY A 82 -28.61 65.12 28.36
C GLY A 82 -27.75 65.56 27.20
N PHE A 83 -26.44 65.33 27.34
CA PHE A 83 -25.48 65.62 26.29
C PHE A 83 -24.65 64.38 25.99
N SER A 84 -24.82 63.81 24.80
CA SER A 84 -24.15 62.55 24.50
C SER A 84 -23.76 62.36 23.04
N ASP A 85 -22.93 61.33 22.81
CA ASP A 85 -22.45 60.89 21.49
C ASP A 85 -21.51 61.97 20.87
N PRO A 86 -20.26 62.03 21.36
CA PRO A 86 -19.38 63.11 20.96
C PRO A 86 -18.66 62.86 19.65
N SER A 87 -18.39 63.94 18.92
CA SER A 87 -17.61 63.88 17.69
C SER A 87 -16.88 65.20 17.47
N TYR A 88 -15.55 65.15 17.44
CA TYR A 88 -14.72 66.30 17.01
C TYR A 88 -14.74 66.63 15.50
N LEU A 89 -14.37 67.89 15.19
CA LEU A 89 -14.09 68.36 13.82
C LEU A 89 -13.22 69.59 13.96
N VAL A 90 -11.99 69.50 13.45
CA VAL A 90 -11.03 70.62 13.43
C VAL A 90 -11.12 71.31 12.05
N ASP A 91 -11.23 72.64 12.04
CA ASP A 91 -10.98 73.40 10.85
C ASP A 91 -9.52 73.86 10.88
N ARG A 92 -8.67 73.20 10.10
CA ARG A 92 -7.24 73.41 10.23
C ARG A 92 -6.81 74.67 9.44
N GLU A 93 -7.76 75.25 8.72
CA GLU A 93 -7.59 76.50 8.01
C GLU A 93 -7.73 77.70 8.98
N THR A 94 -8.79 77.73 9.80
CA THR A 94 -8.91 78.74 10.86
C THR A 94 -8.32 78.22 12.17
N GLY A 95 -8.30 76.89 12.30
CA GLY A 95 -7.82 76.19 13.49
C GLY A 95 -8.83 76.06 14.62
N THR A 96 -10.11 76.34 14.32
CA THR A 96 -11.20 76.31 15.31
C THR A 96 -11.59 74.85 15.57
N ILE A 97 -12.12 74.58 16.77
CA ILE A 97 -12.53 73.23 17.20
C ILE A 97 -14.04 73.19 17.42
N PHE A 98 -14.66 72.17 16.86
CA PHE A 98 -16.05 71.87 17.10
C PHE A 98 -16.11 70.53 17.79
N ASN A 99 -17.10 70.38 18.65
CA ASN A 99 -17.38 69.10 19.25
C ASN A 99 -18.92 68.88 19.25
N PHE A 100 -19.41 68.04 18.33
CA PHE A 100 -20.83 67.88 18.13
C PHE A 100 -21.32 66.85 19.17
N HIS A 101 -22.53 67.02 19.66
CA HIS A 101 -23.17 65.99 20.50
C HIS A 101 -24.65 66.31 20.57
N VAL A 102 -25.44 65.37 21.06
CA VAL A 102 -26.87 65.63 21.15
C VAL A 102 -27.15 66.43 22.41
N TYR A 103 -28.19 67.26 22.34
CA TYR A 103 -28.82 67.85 23.49
C TYR A 103 -30.25 67.29 23.60
N SER A 104 -30.45 66.47 24.62
CA SER A 104 -31.70 65.76 24.78
C SER A 104 -32.41 66.30 26.00
N GLN A 105 -33.73 66.22 25.97
CA GLN A 105 -34.47 66.65 27.14
C GLN A 105 -35.32 65.54 27.75
N ARG A 106 -36.52 65.31 27.22
CA ARG A 106 -37.39 64.22 27.67
C ARG A 106 -37.23 62.99 26.77
N GLN A 107 -36.82 63.23 25.52
CA GLN A 107 -36.86 62.21 24.49
C GLN A 107 -35.47 61.82 23.94
N GLY A 108 -35.26 60.51 23.79
CA GLY A 108 -34.12 59.95 23.08
C GLY A 108 -34.33 60.00 21.56
N PHE A 109 -33.46 59.27 20.85
CA PHE A 109 -33.48 59.18 19.38
C PHE A 109 -34.80 58.59 18.86
N ALA A 110 -35.31 57.62 19.62
CA ALA A 110 -36.53 56.88 19.32
C ALA A 110 -37.80 57.75 19.38
N GLY A 111 -38.03 58.39 20.53
CA GLY A 111 -39.22 59.17 20.74
C GLY A 111 -39.12 60.66 20.42
N SER A 112 -38.16 61.05 19.58
CA SER A 112 -38.04 62.46 19.19
C SER A 112 -39.20 62.90 18.31
N ARG A 113 -39.83 63.98 18.74
CA ARG A 113 -41.02 64.54 18.13
C ARG A 113 -40.56 65.57 17.10
N PRO A 114 -41.30 65.72 16.00
CA PRO A 114 -40.90 66.75 15.01
C PRO A 114 -40.84 68.19 15.59
N GLY A 115 -40.19 69.11 14.87
CA GLY A 115 -39.98 70.52 15.31
C GLY A 115 -38.51 70.85 15.63
N THR A 116 -38.19 72.14 15.78
CA THR A 116 -36.81 72.59 15.99
C THR A 116 -36.53 73.79 16.96
N ASP A 117 -37.50 74.22 17.78
CA ASP A 117 -37.22 75.23 18.83
C ASP A 117 -36.35 74.66 19.99
N PRO A 118 -35.20 75.31 20.32
CA PRO A 118 -34.29 74.83 21.40
C PRO A 118 -34.98 74.51 22.74
N ALA A 119 -36.01 75.29 23.06
CA ALA A 119 -36.77 75.16 24.31
C ALA A 119 -37.72 73.95 24.36
N ASP A 120 -38.02 73.36 23.19
CA ASP A 120 -38.96 72.23 23.11
C ASP A 120 -38.33 70.98 23.74
N PRO A 121 -38.97 70.42 24.80
CA PRO A 121 -38.42 69.28 25.54
C PRO A 121 -38.67 67.89 24.93
N ASN A 122 -39.39 67.82 23.82
CA ASN A 122 -39.65 66.53 23.17
C ASN A 122 -38.88 66.39 21.87
N VAL A 123 -38.10 67.43 21.54
CA VAL A 123 -37.12 67.33 20.44
C VAL A 123 -35.73 66.88 20.96
N LEU A 124 -35.08 65.96 20.22
CA LEU A 124 -33.65 65.68 20.41
C LEU A 124 -32.82 66.66 19.59
N HIS A 125 -32.16 67.59 20.28
CA HIS A 125 -31.40 68.66 19.60
C HIS A 125 -30.02 68.29 19.10
N ALA A 126 -29.62 69.02 18.05
CA ALA A 126 -28.30 68.99 17.48
C ALA A 126 -27.50 70.14 18.08
N ASN A 127 -26.50 69.78 18.86
CA ASN A 127 -25.67 70.74 19.53
C ASN A 127 -24.26 70.65 19.02
N VAL A 128 -23.58 71.79 19.11
CA VAL A 128 -22.16 71.82 18.85
C VAL A 128 -21.54 72.83 19.81
N ALA A 129 -20.59 72.35 20.61
CA ALA A 129 -19.71 73.22 21.37
C ALA A 129 -18.66 73.77 20.38
N THR A 130 -18.20 75.00 20.63
CA THR A 130 -17.20 75.68 19.79
C THR A 130 -16.00 76.10 20.64
N SER A 131 -14.80 75.89 20.13
CA SER A 131 -13.61 76.38 20.84
C SER A 131 -12.56 76.92 19.87
N THR A 132 -12.30 78.22 20.02
CA THR A 132 -11.41 78.97 19.12
C THR A 132 -9.96 78.94 19.62
N ASP A 133 -9.73 78.30 20.77
CA ASP A 133 -8.46 78.39 21.51
C ASP A 133 -7.81 77.04 21.85
N GLY A 134 -8.02 76.03 21.00
CA GLY A 134 -7.41 74.71 21.16
C GLY A 134 -8.22 73.71 21.97
N GLY A 135 -9.47 74.07 22.31
CA GLY A 135 -10.35 73.17 23.05
C GLY A 135 -10.30 73.35 24.55
N LEU A 136 -10.00 74.57 24.99
CA LEU A 136 -9.93 74.88 26.42
C LEU A 136 -11.24 75.50 26.90
N THR A 137 -11.59 76.66 26.33
CA THR A 137 -12.87 77.36 26.55
C THR A 137 -13.88 76.95 25.45
N TRP A 138 -15.17 76.89 25.81
CA TRP A 138 -16.20 76.46 24.86
C TRP A 138 -17.42 77.36 24.83
N SER A 139 -17.84 77.70 23.60
CA SER A 139 -19.16 78.26 23.31
C SER A 139 -20.12 77.17 22.79
N HIS A 140 -21.42 77.39 23.02
CA HIS A 140 -22.45 76.34 22.85
C HIS A 140 -23.65 76.85 22.06
N ARG A 141 -24.07 76.10 21.05
CA ARG A 141 -25.25 76.50 20.27
C ARG A 141 -26.13 75.31 19.91
N THR A 142 -27.34 75.59 19.47
CA THR A 142 -28.24 74.52 19.05
C THR A 142 -28.60 74.77 17.59
N ILE A 143 -28.27 73.78 16.74
CA ILE A 143 -28.33 74.00 15.31
C ILE A 143 -29.51 73.33 14.57
N THR A 144 -30.35 72.62 15.32
CA THR A 144 -31.51 71.89 14.75
C THR A 144 -32.33 72.63 13.65
N ALA A 145 -32.77 73.88 13.93
CA ALA A 145 -33.51 74.74 12.96
C ALA A 145 -32.73 75.12 11.68
N ASP A 146 -31.44 74.76 11.61
CA ASP A 146 -30.59 75.00 10.42
C ASP A 146 -30.43 73.73 9.56
N ILE A 147 -30.50 72.57 10.21
CA ILE A 147 -30.24 71.30 9.53
C ILE A 147 -31.48 70.40 9.44
N THR A 148 -32.67 71.00 9.60
CA THR A 148 -33.93 70.27 9.33
C THR A 148 -34.77 71.03 8.30
N PRO A 149 -34.48 70.82 6.99
CA PRO A 149 -35.27 71.50 5.98
C PRO A 149 -36.51 70.70 5.54
N ASP A 150 -36.53 69.40 5.85
CA ASP A 150 -37.72 68.55 5.69
C ASP A 150 -38.31 68.42 7.08
N PRO A 151 -39.54 68.96 7.30
CA PRO A 151 -40.29 69.01 8.58
C PRO A 151 -40.66 67.64 9.18
N GLY A 152 -40.71 66.61 8.35
CA GLY A 152 -40.95 65.24 8.81
C GLY A 152 -39.68 64.57 9.32
N TRP A 153 -38.54 65.22 9.15
CA TRP A 153 -37.34 64.78 9.84
C TRP A 153 -37.58 65.03 11.32
N ARG A 154 -38.08 64.00 12.03
CA ARG A 154 -38.49 64.15 13.45
C ARG A 154 -37.40 63.88 14.50
N SER A 155 -36.24 63.39 14.05
CA SER A 155 -35.13 62.98 14.94
C SER A 155 -33.76 63.11 14.25
N ARG A 156 -32.68 63.27 15.02
CA ARG A 156 -31.31 63.34 14.45
C ARG A 156 -30.23 63.15 15.52
N PHE A 157 -29.07 62.66 15.11
CA PHE A 157 -27.88 62.64 15.96
C PHE A 157 -26.59 62.53 15.14
N ALA A 158 -25.64 63.44 15.40
CA ALA A 158 -24.29 63.34 14.80
C ALA A 158 -23.59 62.00 15.11
N ALA A 159 -23.03 61.39 14.06
CA ALA A 159 -22.26 60.17 14.20
C ALA A 159 -20.99 60.40 15.01
N SER A 160 -20.95 59.75 16.17
CA SER A 160 -19.81 59.83 17.10
C SER A 160 -18.47 59.40 16.51
N GLY A 161 -17.41 60.10 16.90
CA GLY A 161 -16.07 59.77 16.44
C GLY A 161 -15.28 61.01 16.07
N GLU A 162 -15.04 61.19 14.77
CA GLU A 162 -14.47 62.42 14.23
C GLU A 162 -14.80 62.75 12.77
N GLY A 163 -15.08 64.03 12.55
CA GLY A 163 -15.43 64.55 11.24
C GLY A 163 -14.28 65.15 10.44
N ILE A 164 -14.60 65.56 9.21
CA ILE A 164 -13.61 66.01 8.21
C ILE A 164 -13.75 67.45 7.70
N GLN A 165 -12.64 67.95 7.15
CA GLN A 165 -12.65 69.15 6.34
C GLN A 165 -12.11 68.78 4.95
N LEU A 166 -12.82 69.21 3.91
CA LEU A 166 -12.39 69.00 2.54
C LEU A 166 -11.18 69.86 2.28
N ARG A 167 -10.14 69.26 1.67
CA ARG A 167 -8.89 69.93 1.32
C ARG A 167 -8.83 70.26 -0.19
N TYR A 168 -9.73 69.64 -0.97
CA TYR A 168 -9.72 69.68 -2.45
C TYR A 168 -10.95 70.29 -3.12
N GLY A 169 -10.83 70.52 -4.43
CA GLY A 169 -11.96 70.79 -5.31
C GLY A 169 -12.65 72.11 -5.07
N PRO A 170 -13.83 72.31 -5.72
CA PRO A 170 -14.58 73.58 -5.58
C PRO A 170 -15.15 73.81 -4.17
N HIS A 171 -15.10 72.78 -3.32
CA HIS A 171 -15.64 72.85 -1.94
C HIS A 171 -14.57 72.86 -0.84
N ALA A 172 -13.30 73.03 -1.22
CA ALA A 172 -12.18 73.02 -0.27
C ALA A 172 -12.47 73.99 0.87
N GLY A 173 -12.18 73.53 2.09
CA GLY A 173 -12.57 74.25 3.30
C GLY A 173 -13.82 73.71 3.99
N ARG A 174 -14.82 73.33 3.20
CA ARG A 174 -16.08 72.77 3.73
C ARG A 174 -15.83 71.86 4.92
N LEU A 175 -16.51 72.12 6.04
CA LEU A 175 -16.49 71.21 7.18
C LEU A 175 -17.67 70.25 7.03
N ILE A 176 -17.43 68.93 7.20
CA ILE A 176 -18.50 67.90 7.11
C ILE A 176 -18.60 66.97 8.34
N GLN A 177 -19.74 67.05 9.04
CA GLN A 177 -20.11 66.12 10.07
C GLN A 177 -21.29 65.24 9.55
N GLN A 178 -21.27 63.96 9.85
CA GLN A 178 -22.36 63.06 9.41
C GLN A 178 -23.49 62.98 10.44
N TYR A 179 -24.74 62.95 9.95
CA TYR A 179 -25.86 62.58 10.82
C TYR A 179 -26.62 61.32 10.40
N THR A 180 -27.40 60.79 11.33
CA THR A 180 -28.50 59.89 11.02
C THR A 180 -29.81 60.62 11.42
N ILE A 181 -30.83 60.56 10.56
CA ILE A 181 -32.15 61.14 10.85
C ILE A 181 -33.26 60.07 10.85
N ILE A 182 -34.41 60.44 11.39
CA ILE A 182 -35.62 59.64 11.21
C ILE A 182 -36.60 60.46 10.33
N ASN A 183 -36.91 59.97 9.13
CA ASN A 183 -37.92 60.65 8.30
C ASN A 183 -39.35 60.28 8.70
N ALA A 184 -40.31 60.98 8.08
CA ALA A 184 -41.74 60.79 8.30
C ALA A 184 -42.16 59.32 8.28
N ALA A 185 -41.73 58.58 7.27
CA ALA A 185 -42.00 57.14 7.19
C ALA A 185 -41.24 56.32 8.25
N GLY A 186 -40.48 57.02 9.09
CA GLY A 186 -39.68 56.38 10.14
C GLY A 186 -38.45 55.56 9.70
N ALA A 187 -38.00 55.74 8.45
CA ALA A 187 -36.76 55.07 7.99
C ALA A 187 -35.53 55.80 8.56
N PHE A 188 -34.48 55.04 8.89
CA PHE A 188 -33.23 55.61 9.36
C PHE A 188 -32.42 56.01 8.10
N GLN A 189 -32.08 57.28 8.00
CA GLN A 189 -31.40 57.79 6.83
C GLN A 189 -30.09 58.44 7.20
N ALA A 190 -29.15 58.42 6.26
CA ALA A 190 -27.87 59.11 6.41
C ALA A 190 -27.92 60.48 5.74
N VAL A 191 -27.23 61.46 6.33
CA VAL A 191 -27.05 62.79 5.76
C VAL A 191 -25.78 63.57 6.22
N SER A 192 -25.13 64.24 5.28
CA SER A 192 -24.06 65.13 5.68
C SER A 192 -24.61 66.47 6.15
N VAL A 193 -24.05 66.94 7.28
CA VAL A 193 -24.10 68.34 7.67
C VAL A 193 -22.75 69.06 7.38
N TYR A 194 -22.85 70.21 6.71
CA TYR A 194 -21.69 70.95 6.29
C TYR A 194 -21.76 72.48 6.48
N SER A 195 -20.56 73.05 6.48
CA SER A 195 -20.32 74.48 6.57
C SER A 195 -19.28 74.82 5.50
N ASP A 196 -19.68 75.79 4.67
CA ASP A 196 -18.78 76.46 3.76
C ASP A 196 -18.22 77.75 4.38
N ASP A 197 -18.66 78.11 5.58
CA ASP A 197 -18.14 79.33 6.23
C ASP A 197 -17.46 79.11 7.60
N HIS A 198 -16.75 77.99 7.73
CA HIS A 198 -15.89 77.71 8.89
C HIS A 198 -16.62 77.57 10.22
N GLY A 199 -17.90 77.20 10.15
CA GLY A 199 -18.68 76.93 11.35
C GLY A 199 -19.74 77.95 11.64
N ARG A 200 -19.54 79.17 11.17
CA ARG A 200 -20.53 80.24 11.33
C ARG A 200 -21.98 79.72 11.13
N THR A 201 -22.23 79.09 9.98
CA THR A 201 -23.56 78.57 9.62
C THR A 201 -23.47 77.11 9.08
N TRP A 202 -24.43 76.29 9.47
CA TRP A 202 -24.42 74.88 9.10
C TRP A 202 -25.69 74.55 8.30
N ARG A 203 -25.56 73.64 7.32
CA ARG A 203 -26.78 73.14 6.65
C ARG A 203 -26.75 71.64 6.41
N ALA A 204 -27.93 71.06 6.21
CA ALA A 204 -28.11 69.66 5.82
C ALA A 204 -28.06 69.43 4.28
N GLY A 205 -27.38 68.36 3.85
CA GLY A 205 -27.39 67.93 2.45
C GLY A 205 -28.65 67.12 2.13
N GLU A 206 -28.61 66.35 1.05
CA GLU A 206 -29.71 65.46 0.71
C GLU A 206 -29.55 64.14 1.46
N ALA A 207 -30.64 63.77 2.15
CA ALA A 207 -30.81 62.48 2.80
C ALA A 207 -30.69 61.35 1.78
N VAL A 208 -29.90 60.33 2.14
CA VAL A 208 -29.64 59.15 1.31
C VAL A 208 -29.73 57.88 2.19
N GLY A 209 -30.27 56.81 1.64
CA GLY A 209 -30.32 55.55 2.36
C GLY A 209 -31.59 55.23 3.15
N VAL A 210 -31.83 53.93 3.27
CA VAL A 210 -32.75 53.35 4.25
C VAL A 210 -31.91 52.35 5.06
N GLY A 211 -32.34 52.07 6.30
CA GLY A 211 -31.62 51.14 7.18
C GLY A 211 -30.23 51.65 7.53
N MET A 212 -30.10 52.98 7.62
CA MET A 212 -28.81 53.61 7.94
C MET A 212 -28.66 53.80 9.47
N ASP A 213 -27.57 54.41 9.91
CA ASP A 213 -27.33 54.65 11.32
C ASP A 213 -26.01 55.36 11.38
N ALA A 214 -25.45 55.51 12.59
CA ALA A 214 -24.09 56.12 12.77
C ALA A 214 -23.19 55.87 11.56
N ASN A 215 -22.68 56.93 10.90
CA ASN A 215 -21.89 56.82 9.64
C ASN A 215 -20.83 57.92 9.41
N LYS A 216 -19.83 57.62 8.59
CA LYS A 216 -18.65 58.49 8.49
C LYS A 216 -18.34 58.73 7.07
N THR A 217 -17.61 59.83 6.89
CA THR A 217 -17.15 60.22 5.60
C THR A 217 -15.67 60.55 5.66
N VAL A 218 -15.07 60.44 4.47
CA VAL A 218 -13.65 60.62 4.19
C VAL A 218 -13.64 61.09 2.75
N GLU A 219 -12.70 61.98 2.43
CA GLU A 219 -12.52 62.50 1.06
C GLU A 219 -11.35 61.76 0.43
N LEU A 220 -11.58 61.23 -0.77
CA LEU A 220 -10.62 60.35 -1.42
C LEU A 220 -9.67 61.17 -2.23
N SER A 221 -8.63 60.54 -2.76
CA SER A 221 -7.55 61.19 -3.56
C SER A 221 -8.02 62.09 -4.72
N ASP A 222 -9.26 61.87 -5.17
CA ASP A 222 -9.89 62.69 -6.17
C ASP A 222 -10.98 63.61 -5.64
N GLY A 223 -11.07 63.80 -4.33
CA GLY A 223 -12.01 64.77 -3.77
C GLY A 223 -13.45 64.28 -3.64
N ARG A 224 -13.71 63.05 -4.10
CA ARG A 224 -15.00 62.38 -3.88
C ARG A 224 -15.18 62.04 -2.42
N VAL A 225 -16.41 62.12 -1.92
CA VAL A 225 -16.66 61.75 -0.51
C VAL A 225 -17.24 60.33 -0.39
N LEU A 226 -16.48 59.45 0.28
CA LEU A 226 -16.97 58.10 0.58
C LEU A 226 -17.74 58.09 1.92
N LEU A 227 -18.99 57.67 1.85
CA LEU A 227 -19.77 57.41 3.07
C LEU A 227 -19.61 55.91 3.44
N ASN A 228 -19.45 55.65 4.74
CA ASN A 228 -19.34 54.28 5.26
C ASN A 228 -20.22 54.20 6.52
N SER A 229 -21.25 53.37 6.45
CA SER A 229 -22.33 53.44 7.43
C SER A 229 -22.50 52.18 8.26
N ARG A 230 -23.08 52.37 9.44
CA ARG A 230 -23.63 51.26 10.22
C ARG A 230 -24.94 50.76 9.57
N ASP A 231 -25.06 49.42 9.36
CA ASP A 231 -26.31 48.81 8.82
C ASP A 231 -27.31 48.46 9.94
N SER A 232 -28.33 49.31 10.09
CA SER A 232 -29.37 49.13 11.08
C SER A 232 -30.40 48.03 10.69
N ALA A 233 -30.34 47.59 9.42
CA ALA A 233 -31.12 46.43 8.96
C ALA A 233 -30.42 45.10 9.25
N ARG A 234 -29.21 45.18 9.82
CA ARG A 234 -28.38 44.03 10.32
C ARG A 234 -28.00 43.02 9.23
N SER A 235 -27.22 43.50 8.26
CA SER A 235 -26.79 42.72 7.10
C SER A 235 -25.57 41.85 7.42
N GLY A 236 -24.83 42.23 8.46
CA GLY A 236 -23.55 41.61 8.79
C GLY A 236 -22.42 42.44 8.22
N TYR A 237 -22.80 43.53 7.54
CA TYR A 237 -21.86 44.39 6.81
C TYR A 237 -22.08 45.88 6.99
N ARG A 238 -21.07 46.63 6.54
CA ARG A 238 -21.11 48.07 6.41
C ARG A 238 -21.83 48.44 5.11
N LYS A 239 -22.64 49.50 5.17
CA LYS A 239 -23.21 50.09 3.96
C LYS A 239 -22.29 51.23 3.47
N VAL A 240 -22.18 51.36 2.14
CA VAL A 240 -21.30 52.36 1.53
C VAL A 240 -22.01 53.18 0.43
N ALA A 241 -21.54 54.41 0.27
CA ALA A 241 -21.97 55.30 -0.82
C ALA A 241 -20.86 56.32 -1.23
N VAL A 242 -21.10 57.05 -2.33
CA VAL A 242 -20.18 58.13 -2.72
C VAL A 242 -20.86 59.37 -3.28
N SER A 243 -20.37 60.53 -2.81
CA SER A 243 -20.69 61.89 -3.32
C SER A 243 -19.63 62.49 -4.27
N THR A 244 -20.07 63.00 -5.41
CA THR A 244 -19.17 63.78 -6.31
C THR A 244 -19.43 65.30 -6.22
N ASP A 245 -20.15 65.73 -5.17
CA ASP A 245 -20.57 67.15 -4.99
C ASP A 245 -20.31 67.68 -3.57
N GLY A 246 -19.35 67.02 -2.91
CA GLY A 246 -18.76 67.47 -1.65
C GLY A 246 -19.63 67.24 -0.43
N GLY A 247 -20.42 66.15 -0.46
CA GLY A 247 -21.26 65.72 0.67
C GLY A 247 -22.72 66.20 0.57
N HIS A 248 -23.01 67.00 -0.45
CA HIS A 248 -24.39 67.41 -0.64
C HIS A 248 -25.26 66.18 -0.89
N SER A 249 -24.84 65.35 -1.84
CA SER A 249 -25.66 64.21 -2.28
C SER A 249 -24.80 62.98 -2.57
N TYR A 250 -25.34 61.82 -2.23
CA TYR A 250 -24.65 60.55 -2.46
C TYR A 250 -25.40 59.74 -3.52
N GLY A 251 -24.69 58.83 -4.18
CA GLY A 251 -25.30 57.89 -5.11
C GLY A 251 -26.02 56.74 -4.40
N PRO A 252 -26.30 55.64 -5.13
CA PRO A 252 -26.85 54.40 -4.55
C PRO A 252 -26.05 53.90 -3.36
N VAL A 253 -26.75 53.32 -2.39
CA VAL A 253 -26.14 52.67 -1.22
C VAL A 253 -26.06 51.17 -1.48
N THR A 254 -24.88 50.58 -1.23
CA THR A 254 -24.70 49.13 -1.32
C THR A 254 -24.16 48.54 -0.02
N ILE A 255 -24.44 47.25 0.19
CA ILE A 255 -23.80 46.46 1.24
C ILE A 255 -22.36 46.22 0.80
N ASP A 256 -21.39 46.53 1.64
CA ASP A 256 -19.99 46.30 1.30
C ASP A 256 -19.54 45.02 1.96
N ARG A 257 -19.50 43.95 1.16
CA ARG A 257 -19.15 42.63 1.67
C ARG A 257 -17.65 42.43 1.92
N ASP A 258 -16.82 43.45 1.65
CA ASP A 258 -15.43 43.46 2.14
C ASP A 258 -15.45 43.72 3.64
N LEU A 259 -16.54 44.32 4.10
CA LEU A 259 -16.58 44.94 5.43
C LEU A 259 -17.64 44.37 6.40
N PRO A 260 -17.36 43.16 6.96
CA PRO A 260 -18.29 42.59 7.93
C PRO A 260 -18.34 43.42 9.22
N ASP A 261 -19.56 43.60 9.71
CA ASP A 261 -19.88 44.46 10.85
C ASP A 261 -21.06 43.88 11.67
N PRO A 262 -20.96 43.91 13.03
CA PRO A 262 -22.05 43.32 13.84
C PRO A 262 -23.22 44.31 14.16
N THR A 263 -23.31 45.40 13.40
CA THR A 263 -24.17 46.57 13.71
C THR A 263 -23.56 47.40 14.86
N ASN A 264 -22.48 48.09 14.48
CA ASN A 264 -21.58 48.81 15.39
C ASN A 264 -21.06 50.03 14.63
N ASN A 265 -20.61 51.05 15.36
CA ASN A 265 -19.94 52.21 14.76
C ASN A 265 -18.55 51.75 14.33
N ALA A 266 -17.96 52.46 13.35
CA ALA A 266 -16.66 52.16 12.80
C ALA A 266 -16.01 53.48 12.43
N SER A 267 -14.74 53.49 12.05
CA SER A 267 -14.12 54.76 11.66
C SER A 267 -13.26 54.60 10.44
N ILE A 268 -13.16 55.65 9.65
CA ILE A 268 -12.42 55.58 8.40
C ILE A 268 -11.75 56.93 8.19
N ILE A 269 -10.42 56.89 8.08
CA ILE A 269 -9.61 58.10 7.98
C ILE A 269 -8.68 58.04 6.77
N ARG A 270 -8.15 59.21 6.39
CA ARG A 270 -6.93 59.32 5.59
C ARG A 270 -5.72 59.03 6.48
N ALA A 271 -4.87 58.13 6.00
CA ALA A 271 -3.60 57.82 6.65
C ALA A 271 -2.67 59.02 6.48
N PHE A 272 -2.78 59.67 5.30
CA PHE A 272 -2.01 60.85 4.95
C PHE A 272 -2.93 62.07 4.57
N PRO A 273 -3.54 62.73 5.59
CA PRO A 273 -4.57 63.76 5.35
C PRO A 273 -4.07 65.04 4.65
N ASP A 274 -2.76 65.27 4.64
CA ASP A 274 -2.21 66.47 4.02
C ASP A 274 -1.62 66.26 2.61
N ALA A 275 -1.62 65.02 2.13
CA ALA A 275 -1.04 64.72 0.83
C ALA A 275 -1.78 65.45 -0.30
N PRO A 276 -1.05 65.74 -1.40
CA PRO A 276 -1.61 66.39 -2.57
C PRO A 276 -2.74 65.55 -3.17
N ALA A 277 -3.76 66.20 -3.73
CA ALA A 277 -4.79 65.50 -4.52
C ALA A 277 -4.14 64.62 -5.62
N GLY A 278 -4.54 63.35 -5.68
CA GLY A 278 -4.15 62.46 -6.78
C GLY A 278 -2.93 61.60 -6.52
N SER A 279 -2.20 61.92 -5.46
CA SER A 279 -0.94 61.22 -5.11
C SER A 279 -1.20 59.82 -4.53
N ALA A 280 -0.19 58.94 -4.59
CA ALA A 280 -0.32 57.60 -4.04
C ALA A 280 -0.76 57.60 -2.56
N ARG A 281 -0.11 58.46 -1.76
CA ARG A 281 -0.41 58.61 -0.32
C ARG A 281 -1.81 59.12 -0.07
N ALA A 282 -2.36 59.88 -1.01
CA ALA A 282 -3.72 60.39 -0.90
C ALA A 282 -4.81 59.31 -1.09
N LYS A 283 -4.42 58.12 -1.52
CA LYS A 283 -5.36 57.01 -1.73
C LYS A 283 -5.39 56.07 -0.53
N VAL A 284 -4.56 56.37 0.47
CA VAL A 284 -4.40 55.51 1.66
C VAL A 284 -5.44 55.82 2.76
N LEU A 285 -6.15 54.76 3.17
CA LEU A 285 -7.20 54.84 4.18
C LEU A 285 -6.97 53.76 5.21
N LEU A 286 -7.18 54.10 6.47
CA LEU A 286 -7.24 53.09 7.55
C LEU A 286 -8.67 53.03 8.01
N PHE A 287 -9.14 51.81 8.27
CA PHE A 287 -10.49 51.52 8.69
C PHE A 287 -10.38 50.72 9.96
N SER A 288 -11.17 51.08 10.97
CA SER A 288 -11.28 50.32 12.23
C SER A 288 -12.73 49.93 12.46
N ASN A 289 -12.95 48.69 12.86
CA ASN A 289 -14.27 48.26 13.32
C ASN A 289 -14.23 46.86 13.96
N ALA A 290 -15.30 46.50 14.68
CA ALA A 290 -15.54 45.08 15.03
C ALA A 290 -15.63 44.18 13.77
N ALA A 291 -14.53 43.45 13.51
CA ALA A 291 -14.40 42.48 12.40
C ALA A 291 -15.13 41.14 12.66
N SER A 292 -16.32 41.21 13.24
CA SER A 292 -17.18 40.04 13.35
C SER A 292 -18.59 40.44 12.88
N GLN A 293 -19.25 39.56 12.12
CA GLN A 293 -20.63 39.83 11.67
C GLN A 293 -21.65 39.77 12.79
N THR A 294 -21.28 39.14 13.89
CA THR A 294 -22.24 38.83 14.96
C THR A 294 -21.91 39.44 16.33
N SER A 295 -20.62 39.62 16.64
CA SER A 295 -20.26 40.25 17.93
C SER A 295 -19.33 41.48 17.90
N ARG A 296 -19.44 42.26 18.98
CA ARG A 296 -18.57 43.41 19.22
C ARG A 296 -17.20 42.92 19.76
N SER A 297 -16.39 42.40 18.85
CA SER A 297 -15.12 41.78 19.19
C SER A 297 -14.28 41.61 17.92
N GLN A 298 -13.05 41.15 18.09
CA GLN A 298 -12.05 41.09 17.01
C GLN A 298 -11.99 42.45 16.34
N GLY A 299 -11.70 43.49 17.11
CA GLY A 299 -11.43 44.82 16.53
C GLY A 299 -10.30 44.65 15.54
N THR A 300 -10.49 45.20 14.32
CA THR A 300 -9.58 45.02 13.20
C THR A 300 -9.27 46.33 12.46
N ILE A 301 -8.00 46.50 12.15
CA ILE A 301 -7.57 47.59 11.27
C ILE A 301 -7.36 47.05 9.87
N ARG A 302 -7.97 47.75 8.91
CA ARG A 302 -7.70 47.49 7.51
C ARG A 302 -7.00 48.71 6.90
N MET A 303 -6.08 48.46 5.97
CA MET A 303 -5.50 49.52 5.16
C MET A 303 -5.92 49.35 3.69
N SER A 304 -6.47 50.41 3.11
CA SER A 304 -6.64 50.52 1.66
C SER A 304 -5.63 51.51 1.12
N CYS A 305 -5.06 51.24 -0.05
CA CYS A 305 -4.14 52.18 -0.74
C CYS A 305 -4.70 52.51 -2.13
N ASP A 306 -5.97 52.15 -2.35
CA ASP A 306 -6.68 52.47 -3.60
C ASP A 306 -8.10 53.04 -3.39
N ASP A 307 -8.14 54.13 -2.61
CA ASP A 307 -9.38 54.87 -2.26
C ASP A 307 -10.49 54.01 -1.65
N GLY A 308 -10.12 52.86 -1.10
CA GLY A 308 -11.09 52.02 -0.40
C GLY A 308 -11.84 51.05 -1.28
N GLN A 309 -11.39 50.90 -2.53
CA GLN A 309 -11.88 49.86 -3.43
C GLN A 309 -11.58 48.49 -2.82
N THR A 310 -10.28 48.23 -2.65
CA THR A 310 -9.78 46.98 -2.08
C THR A 310 -9.24 47.23 -0.67
N TRP A 311 -9.27 46.20 0.18
CA TRP A 311 -8.69 46.33 1.51
C TRP A 311 -7.69 45.18 1.79
N PRO A 312 -6.51 45.21 1.13
CA PRO A 312 -5.47 44.16 1.13
C PRO A 312 -4.89 43.78 2.49
N VAL A 313 -4.77 44.76 3.41
CA VAL A 313 -4.12 44.60 4.72
C VAL A 313 -5.15 44.65 5.86
N SER A 314 -5.01 43.71 6.80
CA SER A 314 -5.81 43.72 8.03
C SER A 314 -5.06 43.13 9.20
N LYS A 315 -5.33 43.65 10.39
CA LYS A 315 -4.74 43.08 11.59
C LYS A 315 -5.62 43.31 12.81
N VAL A 316 -5.76 42.27 13.64
CA VAL A 316 -6.58 42.37 14.84
C VAL A 316 -5.87 43.20 15.94
N PHE A 317 -6.54 44.23 16.48
CA PHE A 317 -5.98 45.00 17.61
C PHE A 317 -6.51 44.58 18.98
N GLN A 318 -7.74 44.05 18.97
CA GLN A 318 -8.40 43.52 20.14
C GLN A 318 -9.11 42.23 19.75
N PRO A 319 -8.63 41.06 20.26
CA PRO A 319 -9.37 39.79 20.23
C PRO A 319 -10.77 39.85 20.89
N GLY A 320 -10.80 40.20 22.19
CA GLY A 320 -12.04 40.26 23.00
C GLY A 320 -12.97 41.43 22.68
N SER A 321 -13.73 41.89 23.68
CA SER A 321 -14.82 42.85 23.46
C SER A 321 -14.33 44.20 22.95
N MET A 322 -14.98 44.67 21.89
CA MET A 322 -14.59 45.89 21.22
C MET A 322 -15.82 46.47 20.52
N SER A 323 -16.35 47.57 21.09
CA SER A 323 -17.52 48.25 20.57
C SER A 323 -17.19 49.39 19.56
N TYR A 324 -17.36 50.64 19.99
CA TYR A 324 -17.08 51.81 19.15
C TYR A 324 -15.58 52.01 19.10
N SER A 325 -15.06 52.25 17.88
CA SER A 325 -13.66 52.56 17.68
C SER A 325 -13.57 53.79 16.80
N THR A 326 -12.59 54.62 17.08
CA THR A 326 -12.32 55.74 16.21
C THR A 326 -10.80 55.99 16.09
N LEU A 327 -10.40 56.31 14.86
CA LEU A 327 -9.02 56.60 14.49
C LEU A 327 -8.76 58.07 14.29
N THR A 328 -7.51 58.45 14.55
CA THR A 328 -7.01 59.78 14.15
C THR A 328 -5.50 59.83 13.76
N ALA A 329 -5.23 60.56 12.67
CA ALA A 329 -3.87 60.68 12.15
C ALA A 329 -3.02 61.52 13.10
N LEU A 330 -1.92 60.96 13.61
CA LEU A 330 -0.97 61.74 14.46
C LEU A 330 0.15 62.52 13.72
N PRO A 331 0.53 63.74 14.23
CA PRO A 331 1.68 64.54 13.71
C PRO A 331 3.02 63.80 13.71
N ASP A 332 3.18 62.83 14.61
CA ASP A 332 4.38 62.01 14.59
C ASP A 332 4.38 60.96 13.46
N GLY A 333 3.28 60.85 12.73
CA GLY A 333 3.16 59.92 11.61
C GLY A 333 2.57 58.57 11.99
N THR A 334 2.25 58.43 13.28
CA THR A 334 1.62 57.22 13.83
C THR A 334 0.14 57.51 14.01
N TYR A 335 -0.60 56.56 14.58
CA TYR A 335 -2.05 56.69 14.59
C TYR A 335 -2.69 56.45 15.96
N GLY A 336 -3.68 57.32 16.28
CA GLY A 336 -4.45 57.19 17.50
C GLY A 336 -5.73 56.36 17.29
N LEU A 337 -5.95 55.41 18.21
CA LEU A 337 -7.15 54.58 18.25
C LEU A 337 -7.86 54.61 19.62
N LEU A 338 -9.02 55.28 19.68
CA LEU A 338 -9.80 55.39 20.91
C LEU A 338 -11.02 54.45 20.84
N TYR A 339 -11.04 53.40 21.64
CA TYR A 339 -12.15 52.45 21.51
C TYR A 339 -12.83 52.11 22.83
N GLU A 340 -13.75 51.13 22.75
CA GLU A 340 -14.53 50.70 23.90
C GLU A 340 -14.21 49.26 24.18
N PRO A 341 -13.32 49.03 25.16
CA PRO A 341 -12.96 47.67 25.59
C PRO A 341 -14.01 47.03 26.53
N GLY A 342 -14.91 47.84 27.10
CA GLY A 342 -16.01 47.36 27.96
C GLY A 342 -16.01 47.94 29.37
N THR A 343 -14.83 48.39 29.79
CA THR A 343 -14.62 49.01 31.10
C THR A 343 -14.62 50.55 31.03
N GLY A 344 -14.85 51.06 29.80
CA GLY A 344 -14.99 52.49 29.55
C GLY A 344 -14.34 52.95 28.25
N ILE A 345 -13.27 53.74 28.39
CA ILE A 345 -12.62 54.40 27.27
C ILE A 345 -11.10 54.09 27.36
N ARG A 346 -10.59 53.46 26.31
CA ARG A 346 -9.19 53.11 26.19
C ARG A 346 -8.54 53.90 25.07
N TYR A 347 -7.25 54.24 25.21
CA TYR A 347 -6.50 54.91 24.16
C TYR A 347 -5.32 54.08 23.65
N ALA A 348 -5.33 53.78 22.35
CA ALA A 348 -4.26 53.02 21.69
C ALA A 348 -3.51 53.73 20.56
N ASN A 349 -2.19 53.44 20.48
CA ASN A 349 -1.32 53.97 19.44
C ASN A 349 -0.70 52.85 18.63
N PHE A 350 -0.71 52.99 17.31
CA PHE A 350 -0.03 52.07 16.43
C PHE A 350 0.62 52.79 15.26
N ASN A 351 1.65 52.17 14.72
CA ASN A 351 2.28 52.64 13.50
C ASN A 351 2.00 51.69 12.35
N LEU A 352 2.35 52.13 11.15
CA LEU A 352 2.00 51.39 9.95
C LEU A 352 2.80 50.11 9.86
N ALA A 353 3.96 50.08 10.51
CA ALA A 353 4.76 48.87 10.57
C ALA A 353 4.12 47.81 11.45
N TRP A 354 3.33 48.23 12.43
CA TRP A 354 2.57 47.25 13.26
C TRP A 354 1.58 46.42 12.41
N LEU A 355 0.85 47.13 11.55
CA LEU A 355 -0.16 46.56 10.67
C LEU A 355 0.39 45.39 9.86
N GLY A 356 1.63 45.57 9.39
CA GLY A 356 2.45 44.46 8.88
C GLY A 356 2.13 44.10 7.44
N GLY A 357 1.77 45.11 6.65
CA GLY A 357 1.32 44.89 5.29
C GLY A 357 2.21 45.44 4.19
N ILE A 358 1.85 45.10 2.96
CA ILE A 358 2.45 45.65 1.74
C ILE A 358 1.35 46.24 0.85
N CYS A 359 1.50 47.50 0.42
CA CYS A 359 0.53 48.12 -0.46
C CYS A 359 0.72 47.49 -1.84
N ALA A 360 0.12 46.33 -2.04
CA ALA A 360 0.23 45.59 -3.30
C ALA A 360 -0.94 44.63 -3.43
N PRO A 361 -2.18 45.17 -3.55
CA PRO A 361 -3.36 44.31 -3.62
C PRO A 361 -3.32 43.44 -4.87
N PHE A 362 -3.81 42.21 -4.74
CA PHE A 362 -3.83 41.27 -5.87
C PHE A 362 -5.21 40.68 -6.09
N THR A 363 -5.49 40.37 -7.35
CA THR A 363 -6.77 39.80 -7.77
C THR A 363 -6.50 38.37 -8.16
N ILE A 364 -7.34 37.46 -7.69
CA ILE A 364 -7.36 36.10 -8.19
C ILE A 364 -8.84 35.80 -8.41
N PRO A 365 -9.22 35.55 -9.68
CA PRO A 365 -10.65 35.53 -10.01
C PRO A 365 -11.39 34.34 -9.38
N ASP A 366 -12.72 34.46 -9.27
CA ASP A 366 -13.57 33.32 -8.92
C ASP A 366 -13.49 32.28 -10.05
N VAL A 367 -13.58 31.02 -9.67
CA VAL A 367 -13.52 29.92 -10.62
C VAL A 367 -14.60 28.88 -10.32
N ALA A 368 -15.17 28.33 -11.39
CA ALA A 368 -16.22 27.32 -11.28
C ALA A 368 -15.73 26.01 -11.88
N LEU A 369 -16.10 24.90 -11.23
CA LEU A 369 -15.65 23.56 -11.66
C LEU A 369 -16.36 22.42 -10.97
N GLU A 370 -16.41 21.26 -11.64
CA GLU A 370 -16.87 20.00 -11.08
C GLU A 370 -15.74 19.35 -10.27
N PRO A 371 -16.08 18.48 -9.30
CA PRO A 371 -15.08 17.69 -8.59
C PRO A 371 -14.37 16.69 -9.48
N GLY A 372 -13.07 16.49 -9.24
CA GLY A 372 -12.22 15.69 -10.11
C GLY A 372 -11.32 16.57 -10.96
N GLN A 373 -11.78 17.79 -11.20
CA GLN A 373 -11.12 18.72 -12.13
C GLN A 373 -9.93 19.52 -11.55
N GLN A 374 -8.93 19.74 -12.40
CA GLN A 374 -7.78 20.59 -12.12
C GLN A 374 -7.95 21.91 -12.91
N VAL A 375 -7.59 23.04 -12.30
CA VAL A 375 -7.74 24.34 -12.95
C VAL A 375 -6.67 25.36 -12.51
N THR A 376 -6.04 26.00 -13.48
CA THR A 376 -5.17 27.14 -13.21
C THR A 376 -5.90 28.45 -13.45
N VAL A 377 -5.93 29.25 -12.39
CA VAL A 377 -6.48 30.59 -12.42
C VAL A 377 -5.31 31.56 -12.17
N PRO A 378 -5.26 32.68 -12.93
CA PRO A 378 -4.12 33.61 -12.82
C PRO A 378 -4.16 34.52 -11.57
N VAL A 379 -2.98 35.06 -11.22
CA VAL A 379 -2.88 36.10 -10.21
C VAL A 379 -2.36 37.37 -10.86
N ALA A 380 -2.98 38.50 -10.52
CA ALA A 380 -2.52 39.81 -10.95
C ALA A 380 -2.20 40.63 -9.71
N VAL A 381 -0.92 40.86 -9.46
CA VAL A 381 -0.54 41.71 -8.35
C VAL A 381 -0.34 43.14 -8.82
N THR A 382 -1.12 44.04 -8.24
CA THR A 382 -1.03 45.47 -8.49
C THR A 382 -0.11 46.11 -7.42
N ASN A 383 1.20 46.08 -7.69
CA ASN A 383 2.21 46.61 -6.75
C ASN A 383 2.16 48.13 -6.61
N GLN A 384 1.52 48.58 -5.52
CA GLN A 384 1.33 50.02 -5.21
C GLN A 384 2.37 50.49 -4.19
N SER A 385 3.28 49.60 -3.79
CA SER A 385 4.30 49.88 -2.78
C SER A 385 5.47 50.67 -3.36
N GLY A 386 5.68 50.52 -4.66
CA GLY A 386 6.84 51.10 -5.32
C GLY A 386 8.17 50.60 -4.79
N ILE A 387 8.22 49.36 -4.30
CA ILE A 387 9.50 48.76 -3.84
C ILE A 387 9.81 47.34 -4.40
N ALA A 388 11.10 47.06 -4.62
CA ALA A 388 11.56 45.75 -5.10
C ALA A 388 11.54 44.69 -3.99
N VAL A 389 11.00 43.52 -4.32
CA VAL A 389 10.99 42.36 -3.42
C VAL A 389 11.45 41.10 -4.18
N PRO A 390 12.69 40.63 -3.92
CA PRO A 390 13.24 39.51 -4.69
C PRO A 390 12.31 38.30 -4.79
N LYS A 391 11.93 37.71 -3.65
CA LYS A 391 11.26 36.41 -3.64
C LYS A 391 9.94 36.40 -2.85
N PRO A 392 8.82 36.82 -3.50
CA PRO A 392 7.51 36.70 -2.86
C PRO A 392 6.92 35.29 -3.04
N SER A 393 6.13 34.86 -2.08
CA SER A 393 5.45 33.57 -2.21
C SER A 393 3.95 33.74 -2.00
N LEU A 394 3.19 32.73 -2.41
CA LEU A 394 1.74 32.76 -2.26
C LEU A 394 1.23 31.65 -1.37
N GLN A 395 0.85 31.96 -0.13
CA GLN A 395 0.23 30.95 0.73
C GLN A 395 -1.28 30.95 0.49
N LEU A 396 -1.84 29.76 0.28
CA LEU A 396 -3.27 29.64 0.12
C LEU A 396 -3.88 28.82 1.23
N ASP A 397 -5.07 29.24 1.64
CA ASP A 397 -5.81 28.54 2.66
C ASP A 397 -7.06 27.96 2.03
N ALA A 398 -6.93 26.74 1.53
CA ALA A 398 -8.05 26.00 0.94
C ALA A 398 -8.37 24.76 1.78
N SER A 399 -9.48 24.09 1.48
CA SER A 399 -9.89 22.86 2.22
C SER A 399 -8.74 21.88 2.47
N PRO A 400 -8.78 21.19 3.63
CA PRO A 400 -7.78 20.20 4.01
C PRO A 400 -7.40 19.18 2.92
N ASP A 401 -8.37 18.60 2.21
CA ASP A 401 -8.01 17.59 1.19
C ASP A 401 -7.98 18.02 -0.28
N TRP A 402 -7.70 19.29 -0.56
CA TRP A 402 -7.52 19.78 -1.94
C TRP A 402 -6.03 19.81 -2.31
N GLN A 403 -5.72 19.73 -3.61
CA GLN A 403 -4.34 19.95 -4.10
C GLN A 403 -4.19 21.40 -4.61
N VAL A 404 -3.39 22.20 -3.90
CA VAL A 404 -3.33 23.66 -4.12
C VAL A 404 -1.87 24.14 -4.15
N GLN A 405 -1.56 25.13 -5.01
CA GLN A 405 -0.26 25.85 -4.96
C GLN A 405 -0.32 27.22 -5.62
N GLY A 406 0.42 28.16 -5.04
CA GLY A 406 0.50 29.53 -5.55
C GLY A 406 1.92 29.93 -5.90
N SER A 407 2.03 30.89 -6.80
CA SER A 407 3.31 31.31 -7.38
C SER A 407 3.13 32.76 -7.81
N VAL A 408 4.20 33.54 -7.73
CA VAL A 408 4.14 34.96 -8.09
C VAL A 408 5.51 35.43 -8.59
N GLU A 409 5.53 36.12 -9.74
CA GLU A 409 6.75 36.68 -10.32
C GLU A 409 7.40 37.63 -9.31
N PRO A 410 8.70 37.94 -9.48
CA PRO A 410 9.29 38.96 -8.60
C PRO A 410 8.47 40.27 -8.54
N LEU A 411 8.49 40.97 -7.40
CA LEU A 411 7.73 42.23 -7.27
C LEU A 411 8.54 43.48 -7.60
N MET A 412 8.12 44.18 -8.66
CA MET A 412 8.81 45.36 -9.15
C MET A 412 7.97 46.61 -8.94
N PRO A 413 8.61 47.73 -8.54
CA PRO A 413 7.96 49.03 -8.33
C PRO A 413 7.27 49.60 -9.57
N GLY A 414 6.08 50.16 -9.37
CA GLY A 414 5.34 50.84 -10.45
C GLY A 414 4.70 49.94 -11.49
N ARG A 415 5.14 48.68 -11.54
CA ARG A 415 4.63 47.70 -12.49
C ARG A 415 3.96 46.51 -11.81
N GLN A 416 2.97 45.94 -12.50
CA GLN A 416 2.23 44.78 -12.00
C GLN A 416 3.02 43.48 -12.10
N ALA A 417 2.70 42.54 -11.22
CA ALA A 417 3.26 41.19 -11.30
C ALA A 417 2.20 40.17 -11.73
N LYS A 418 2.67 39.06 -12.32
CA LYS A 418 1.80 37.94 -12.67
C LYS A 418 2.06 36.76 -11.72
N GLY A 419 1.00 35.99 -11.47
CA GLY A 419 1.10 34.79 -10.66
C GLY A 419 0.07 33.77 -11.09
N GLN A 420 0.11 32.58 -10.48
CA GLN A 420 -0.86 31.53 -10.77
C GLN A 420 -1.26 30.74 -9.51
N VAL A 421 -2.46 30.17 -9.56
CA VAL A 421 -2.97 29.31 -8.50
C VAL A 421 -3.59 28.09 -9.18
N THR A 422 -2.93 26.93 -8.95
CA THR A 422 -3.50 25.70 -9.48
C THR A 422 -4.28 24.99 -8.33
N ILE A 423 -5.51 24.53 -8.75
CA ILE A 423 -6.38 23.80 -7.80
C ILE A 423 -6.82 22.46 -8.38
N THR A 424 -6.69 21.39 -7.59
CA THR A 424 -7.37 20.10 -7.85
C THR A 424 -8.39 19.84 -6.74
N VAL A 425 -9.65 19.64 -7.16
CA VAL A 425 -10.71 19.25 -6.24
C VAL A 425 -10.89 17.74 -6.42
N PRO A 426 -10.60 16.93 -5.38
CA PRO A 426 -10.75 15.46 -5.50
C PRO A 426 -12.17 15.01 -5.72
N ALA A 427 -12.34 13.82 -6.30
CA ALA A 427 -13.67 13.21 -6.46
C ALA A 427 -14.30 13.02 -5.09
N GLY A 428 -15.59 13.31 -4.98
CA GLY A 428 -16.30 13.17 -3.72
C GLY A 428 -16.33 14.40 -2.81
N THR A 429 -15.73 15.52 -3.26
CA THR A 429 -15.91 16.81 -2.58
C THR A 429 -17.39 17.18 -2.63
N THR A 430 -17.91 17.68 -1.51
CA THR A 430 -19.29 18.14 -1.34
C THR A 430 -19.55 19.34 -2.25
N PRO A 431 -20.62 19.29 -3.07
CA PRO A 431 -20.93 20.52 -3.81
C PRO A 431 -21.04 21.75 -2.89
N GLY A 432 -20.42 22.86 -3.28
CA GLY A 432 -20.51 24.10 -2.54
C GLY A 432 -19.76 25.25 -3.19
N ARG A 433 -19.89 26.44 -2.61
CA ARG A 433 -19.05 27.57 -2.96
C ARG A 433 -17.94 27.58 -1.92
N TYR A 434 -16.70 27.57 -2.37
CA TYR A 434 -15.60 27.54 -1.43
C TYR A 434 -14.82 28.86 -1.40
N ARG A 435 -14.88 29.51 -0.24
CA ARG A 435 -14.12 30.70 0.01
C ARG A 435 -12.72 30.22 0.35
N VAL A 436 -11.75 30.59 -0.49
CA VAL A 436 -10.34 30.28 -0.27
C VAL A 436 -9.62 31.59 0.03
N GLY A 437 -8.87 31.61 1.14
CA GLY A 437 -7.98 32.73 1.46
C GLY A 437 -6.68 32.62 0.69
N ALA A 438 -6.23 33.72 0.09
CA ALA A 438 -4.86 33.79 -0.45
C ALA A 438 -4.02 34.84 0.28
N THR A 439 -2.79 34.50 0.66
CA THR A 439 -1.89 35.50 1.24
C THR A 439 -0.66 35.70 0.36
N LEU A 440 -0.30 36.95 0.15
CA LEU A 440 0.94 37.30 -0.51
C LEU A 440 1.93 37.46 0.62
N ARG A 441 2.89 36.55 0.71
CA ARG A 441 3.91 36.65 1.75
C ARG A 441 5.17 37.29 1.16
N THR A 442 5.65 38.35 1.81
CA THR A 442 6.83 39.05 1.32
C THR A 442 7.67 39.57 2.48
N SER A 443 8.95 39.81 2.18
CA SER A 443 9.93 40.40 3.09
C SER A 443 9.44 41.69 3.74
N ALA A 444 9.01 42.65 2.92
CA ALA A 444 8.40 43.89 3.41
C ALA A 444 6.87 43.82 3.41
N GLY A 445 6.29 43.07 4.34
CA GLY A 445 4.82 43.00 4.52
C GLY A 445 4.00 41.96 3.75
N ASN A 446 2.79 41.73 4.23
CA ASN A 446 1.86 40.81 3.57
C ASN A 446 0.61 41.53 3.04
N ALA A 447 0.03 40.94 2.01
CA ALA A 447 -1.27 41.37 1.49
C ALA A 447 -2.04 40.09 1.28
N SER A 448 -3.36 40.16 1.38
CA SER A 448 -4.15 38.95 1.21
C SER A 448 -5.44 39.25 0.45
N THR A 449 -5.94 38.26 -0.29
CA THR A 449 -7.24 38.39 -0.94
C THR A 449 -7.99 37.08 -0.82
N THR A 450 -9.32 37.12 -0.96
CA THR A 450 -10.10 35.88 -1.07
C THR A 450 -10.68 35.71 -2.48
N PHE A 451 -10.92 34.45 -2.84
CA PHE A 451 -11.67 34.12 -4.05
C PHE A 451 -12.45 32.83 -3.85
N THR A 452 -13.57 32.73 -4.56
CA THR A 452 -14.49 31.60 -4.47
C THR A 452 -14.17 30.57 -5.54
N VAL A 453 -14.23 29.31 -5.15
CA VAL A 453 -14.14 28.18 -6.05
C VAL A 453 -15.48 27.47 -5.90
N THR A 454 -16.30 27.54 -6.93
CA THR A 454 -17.59 26.86 -6.93
C THR A 454 -17.41 25.42 -7.38
N VAL A 455 -17.91 24.48 -6.58
CA VAL A 455 -17.82 23.07 -6.87
C VAL A 455 -19.22 22.52 -7.18
N GLY A 456 -19.38 22.01 -8.40
CA GLY A 456 -20.61 21.36 -8.82
C GLY A 456 -21.92 22.08 -8.53
N LEU A 457 -21.90 23.41 -8.49
CA LEU A 457 -23.15 24.17 -8.48
C LEU A 457 -23.38 24.78 -9.85
N LEU A 458 -24.66 24.95 -10.20
CA LEU A 458 -25.04 25.61 -11.43
C LEU A 458 -24.83 27.10 -11.28
N ASP A 459 -24.67 27.79 -12.41
CA ASP A 459 -24.47 29.24 -12.44
C ASP A 459 -25.78 29.98 -12.18
N GLN A 460 -25.83 30.64 -11.04
CA GLN A 460 -26.97 31.48 -10.61
C GLN A 460 -27.33 32.60 -11.61
N ALA A 461 -26.30 33.16 -12.26
CA ALA A 461 -26.46 34.28 -13.17
C ALA A 461 -27.38 33.95 -14.34
N ARG A 462 -27.45 32.65 -14.68
CA ARG A 462 -28.25 32.18 -15.82
C ARG A 462 -29.67 31.83 -15.35
N MET A 463 -29.87 31.80 -14.03
CA MET A 463 -31.15 31.43 -13.47
C MET A 463 -32.10 32.61 -13.43
N SER A 464 -33.38 32.29 -13.30
CA SER A 464 -34.44 33.26 -13.12
C SER A 464 -35.55 32.65 -12.29
N ILE A 465 -36.45 33.50 -11.79
CA ILE A 465 -37.63 33.01 -11.06
C ILE A 465 -38.70 32.60 -12.08
N ALA A 466 -39.17 31.37 -11.96
CA ALA A 466 -40.18 30.86 -12.86
C ALA A 466 -41.56 31.15 -12.29
N ASP A 467 -41.70 31.00 -10.98
CA ASP A 467 -42.91 31.35 -10.27
C ASP A 467 -42.56 31.48 -8.79
N VAL A 468 -43.35 32.25 -8.08
CA VAL A 468 -43.29 32.28 -6.64
C VAL A 468 -44.76 32.34 -6.21
N ASP A 469 -45.04 31.71 -5.08
CA ASP A 469 -46.41 31.73 -4.58
C ASP A 469 -46.77 33.14 -4.06
N SER A 470 -45.79 33.78 -3.39
CA SER A 470 -45.99 34.98 -2.60
C SER A 470 -44.64 35.68 -2.37
N GLU A 471 -44.65 37.01 -2.45
CA GLU A 471 -43.45 37.81 -2.13
C GLU A 471 -43.82 39.18 -1.60
N GLU A 472 -43.05 39.63 -0.59
CA GLU A 472 -43.13 41.00 -0.11
C GLU A 472 -42.25 41.97 -0.93
N THR A 473 -42.85 42.99 -1.54
CA THR A 473 -42.08 44.07 -2.17
C THR A 473 -42.51 45.50 -1.74
N ALA A 474 -43.63 45.58 -1.02
CA ALA A 474 -44.15 46.87 -0.61
C ALA A 474 -43.33 47.48 0.52
N ARG A 475 -43.30 46.81 1.67
CA ARG A 475 -42.68 47.35 2.88
C ARG A 475 -41.22 46.95 3.05
N GLU A 476 -40.74 46.04 2.20
CA GLU A 476 -39.34 45.68 2.20
C GLU A 476 -39.02 44.90 0.94
N ASP A 477 -37.74 44.71 0.68
CA ASP A 477 -37.32 43.99 -0.50
C ASP A 477 -37.23 42.49 -0.24
N GLY A 478 -38.31 41.77 -0.55
CA GLY A 478 -38.37 40.34 -0.32
C GLY A 478 -38.65 39.61 -1.63
N ARG A 479 -38.30 40.26 -2.75
CA ARG A 479 -38.32 39.66 -4.11
C ARG A 479 -37.74 38.24 -4.13
N ALA A 480 -38.40 37.34 -4.85
CA ALA A 480 -37.99 35.94 -4.99
C ALA A 480 -36.59 35.78 -5.64
N SER A 481 -36.27 36.63 -6.62
CA SER A 481 -34.98 36.61 -7.31
C SER A 481 -33.78 36.85 -6.40
N ASN A 482 -34.02 37.45 -5.24
CA ASN A 482 -33.05 37.51 -4.13
C ASN A 482 -32.46 36.13 -3.73
N VAL A 483 -33.16 35.02 -3.95
CA VAL A 483 -32.52 33.71 -3.67
C VAL A 483 -31.40 33.35 -4.60
N ILE A 484 -31.33 33.99 -5.77
CA ILE A 484 -30.29 33.68 -6.74
C ILE A 484 -29.41 34.90 -7.06
N ASP A 485 -29.28 35.82 -6.12
CA ASP A 485 -28.44 37.02 -6.36
C ASP A 485 -27.02 36.97 -5.77
N GLY A 486 -26.67 35.90 -5.07
CA GLY A 486 -25.33 35.74 -4.49
C GLY A 486 -25.17 36.18 -3.03
N ASN A 487 -26.21 36.82 -2.50
CA ASN A 487 -26.10 37.63 -1.28
C ASN A 487 -26.90 36.99 -0.13
N PRO A 488 -26.23 36.31 0.83
CA PRO A 488 -26.95 35.78 2.01
C PRO A 488 -27.64 36.84 2.86
N SER A 489 -27.41 38.11 2.54
CA SER A 489 -27.96 39.28 3.28
C SER A 489 -29.27 39.81 2.70
N THR A 490 -29.57 39.38 1.47
CA THR A 490 -30.85 39.66 0.84
C THR A 490 -31.60 38.35 0.80
N PHE A 491 -32.91 38.42 0.90
CA PHE A 491 -33.69 37.21 1.02
C PHE A 491 -34.99 37.38 0.26
N TRP A 492 -35.57 36.25 -0.11
CA TRP A 492 -36.98 36.17 -0.46
C TRP A 492 -37.76 36.13 0.84
N HIS A 493 -38.92 36.78 0.85
CA HIS A 493 -39.84 36.79 1.98
C HIS A 493 -41.24 36.77 1.39
N THR A 494 -42.07 35.84 1.84
CA THR A 494 -43.44 35.77 1.34
C THR A 494 -44.17 37.02 1.85
N GLU A 495 -45.24 37.43 1.16
CA GLU A 495 -45.89 38.67 1.51
C GLU A 495 -46.25 38.69 2.97
N TRP A 496 -46.03 39.83 3.61
CA TRP A 496 -46.46 39.97 5.00
C TRP A 496 -47.21 41.27 5.24
N SER A 497 -46.89 42.32 4.49
CA SER A 497 -47.47 43.64 4.69
C SER A 497 -49.01 43.75 4.62
N ARG A 498 -49.69 42.79 3.98
CA ARG A 498 -51.15 42.72 4.00
C ARG A 498 -51.60 41.54 4.84
N ALA A 499 -52.71 41.73 5.55
CA ALA A 499 -53.25 40.70 6.45
C ALA A 499 -53.77 39.44 5.75
N ASP A 500 -54.28 39.58 4.53
CA ASP A 500 -54.82 38.46 3.73
C ASP A 500 -53.75 37.69 2.92
N ALA A 501 -52.46 37.95 3.19
CA ALA A 501 -51.36 37.19 2.60
C ALA A 501 -51.49 35.70 2.94
N PRO A 502 -51.06 34.81 2.02
CA PRO A 502 -51.15 33.38 2.39
C PRO A 502 -50.19 32.95 3.50
N GLY A 503 -50.56 31.90 4.21
CA GLY A 503 -49.66 31.16 5.10
C GLY A 503 -49.10 30.02 4.27
N TYR A 504 -48.61 28.99 4.96
CA TYR A 504 -48.08 27.78 4.31
C TYR A 504 -49.20 26.90 3.71
N PRO A 505 -48.89 26.13 2.66
CA PRO A 505 -47.59 25.96 1.99
C PRO A 505 -47.07 27.16 1.19
N HIS A 506 -45.76 27.27 1.08
CA HIS A 506 -45.18 28.25 0.17
C HIS A 506 -44.38 27.56 -0.95
N ARG A 507 -44.15 28.30 -2.05
CA ARG A 507 -43.59 27.75 -3.27
C ARG A 507 -42.69 28.79 -4.02
N ILE A 508 -41.55 28.31 -4.51
CA ILE A 508 -40.60 29.06 -5.30
C ILE A 508 -40.01 28.09 -6.31
N SER A 509 -40.09 28.49 -7.58
CA SER A 509 -39.56 27.72 -8.71
C SER A 509 -38.51 28.50 -9.50
N LEU A 510 -37.38 27.83 -9.76
CA LEU A 510 -36.30 28.39 -10.56
C LEU A 510 -36.31 27.81 -11.96
N ASP A 511 -36.12 28.68 -12.94
CA ASP A 511 -35.79 28.33 -14.29
C ASP A 511 -34.26 28.38 -14.34
N LEU A 512 -33.65 27.32 -14.86
CA LEU A 512 -32.21 27.13 -14.75
C LEU A 512 -31.43 27.75 -15.92
N GLY A 513 -32.17 28.31 -16.86
CA GLY A 513 -31.62 28.93 -18.08
C GLY A 513 -31.43 27.97 -19.24
N GLY A 514 -31.52 26.69 -18.95
CA GLY A 514 -31.28 25.61 -19.90
C GLY A 514 -31.40 24.28 -19.19
N THR A 515 -31.36 23.18 -19.96
CA THR A 515 -31.44 21.83 -19.35
C THR A 515 -30.07 21.40 -18.83
N HIS A 516 -30.05 20.82 -17.64
CA HIS A 516 -28.81 20.43 -16.93
C HIS A 516 -29.11 19.17 -16.15
N THR A 517 -28.11 18.30 -16.03
CA THR A 517 -28.13 17.20 -15.06
C THR A 517 -28.06 17.78 -13.65
N ILE A 518 -29.12 17.61 -12.86
CA ILE A 518 -29.13 18.10 -11.48
C ILE A 518 -29.32 17.00 -10.40
N SER A 519 -28.86 17.29 -9.19
CA SER A 519 -28.83 16.26 -8.15
C SER A 519 -29.03 16.78 -6.71
N GLY A 520 -29.47 18.03 -6.56
CA GLY A 520 -29.58 18.57 -5.22
C GLY A 520 -29.83 20.06 -5.19
N LEU A 521 -30.23 20.51 -4.01
CA LEU A 521 -30.62 21.87 -3.75
C LEU A 521 -30.02 22.24 -2.39
N GLN A 522 -29.40 23.42 -2.32
CA GLN A 522 -28.88 23.97 -1.06
C GLN A 522 -29.68 25.21 -0.64
N TYR A 523 -30.29 25.12 0.53
CA TYR A 523 -31.12 26.16 1.13
C TYR A 523 -30.34 26.90 2.23
N THR A 524 -30.37 28.22 2.18
CA THR A 524 -29.77 29.04 3.24
C THR A 524 -30.88 29.86 3.90
N ARG A 525 -31.06 29.70 5.21
CA ARG A 525 -32.09 30.45 5.90
C ARG A 525 -31.83 31.97 5.86
N ARG A 526 -32.87 32.76 6.09
CA ARG A 526 -32.67 34.19 6.37
C ARG A 526 -31.81 34.35 7.66
N GLN A 527 -30.75 35.18 7.60
CA GLN A 527 -29.73 35.23 8.66
C GLN A 527 -30.08 36.10 9.85
N ASN A 528 -30.91 37.12 9.64
CA ASN A 528 -31.09 38.14 10.69
C ASN A 528 -32.44 38.10 11.41
N SER A 529 -33.20 37.02 11.13
CA SER A 529 -34.51 36.75 11.75
C SER A 529 -34.77 35.26 11.79
N ALA A 530 -35.47 34.81 12.83
CA ALA A 530 -35.60 33.38 13.10
C ALA A 530 -37.03 32.84 13.08
N ASN A 531 -38.01 33.71 12.79
CA ASN A 531 -39.44 33.30 12.71
C ASN A 531 -40.01 33.09 11.30
N GLU A 532 -39.16 32.84 10.31
CA GLU A 532 -39.62 32.59 8.93
C GLU A 532 -38.77 31.49 8.31
N GLN A 533 -38.28 30.61 9.17
CA GLN A 533 -37.43 29.52 8.76
C GLN A 533 -38.22 28.33 8.23
N VAL A 534 -37.78 27.75 7.11
CA VAL A 534 -38.49 26.64 6.52
C VAL A 534 -38.14 25.35 7.32
N ALA A 535 -39.16 24.57 7.65
CA ALA A 535 -38.95 23.24 8.27
C ALA A 535 -39.22 22.18 7.22
N ASP A 536 -40.43 21.61 7.21
CA ASP A 536 -40.78 20.57 6.24
C ASP A 536 -40.77 21.14 4.83
N TYR A 537 -40.36 20.32 3.87
CA TYR A 537 -40.25 20.79 2.48
C TYR A 537 -40.31 19.60 1.52
N GLU A 538 -40.71 19.86 0.29
CA GLU A 538 -40.51 18.88 -0.79
C GLU A 538 -39.84 19.60 -1.96
N ILE A 539 -39.26 18.80 -2.84
CA ILE A 539 -38.59 19.28 -4.00
C ILE A 539 -39.18 18.62 -5.24
N TYR A 540 -39.29 19.41 -6.32
CA TYR A 540 -39.80 18.92 -7.62
C TYR A 540 -38.93 19.43 -8.76
N THR A 541 -38.93 18.70 -9.87
CA THR A 541 -38.21 19.15 -11.07
C THR A 541 -39.02 19.00 -12.38
N SER A 542 -38.62 19.75 -13.40
CA SER A 542 -39.33 19.75 -14.66
C SER A 542 -38.41 20.05 -15.82
N LEU A 543 -38.76 19.55 -17.00
CA LEU A 543 -38.04 19.82 -18.24
C LEU A 543 -38.71 20.95 -18.99
N ASN A 544 -40.04 20.95 -18.98
CA ASN A 544 -40.84 21.95 -19.68
C ASN A 544 -41.51 22.99 -18.78
N GLY A 545 -41.34 22.86 -17.47
CA GLY A 545 -41.88 23.82 -16.47
C GLY A 545 -43.38 23.84 -16.19
N THR A 546 -44.11 22.83 -16.70
CA THR A 546 -45.56 22.70 -16.47
C THR A 546 -45.94 21.29 -15.99
N THR A 547 -45.16 20.29 -16.42
CA THR A 547 -45.32 18.91 -15.96
C THR A 547 -44.23 18.70 -14.91
N TRP A 548 -44.62 18.50 -13.66
CA TRP A 548 -43.68 18.46 -12.54
C TRP A 548 -43.52 17.07 -12.00
N ASP A 549 -42.28 16.62 -11.96
CA ASP A 549 -41.96 15.27 -11.52
C ASP A 549 -41.49 15.37 -10.07
N GLY A 550 -42.07 14.53 -9.21
CA GLY A 550 -41.78 14.61 -7.80
C GLY A 550 -42.93 14.25 -6.86
N PRO A 551 -42.74 14.45 -5.54
CA PRO A 551 -41.50 15.01 -4.92
C PRO A 551 -40.29 14.12 -5.14
N VAL A 552 -39.19 14.67 -5.65
CA VAL A 552 -37.97 13.90 -5.92
C VAL A 552 -37.14 13.76 -4.65
N ALA A 553 -37.42 14.64 -3.68
CA ALA A 553 -36.79 14.65 -2.38
C ALA A 553 -37.74 15.31 -1.39
N SER A 554 -37.56 15.02 -0.11
CA SER A 554 -38.40 15.56 0.95
C SER A 554 -37.59 15.56 2.23
N GLY A 555 -38.05 16.32 3.22
CA GLY A 555 -37.47 16.24 4.57
C GLY A 555 -37.75 17.51 5.34
N ARG A 556 -36.86 17.81 6.28
CA ARG A 556 -37.03 18.93 7.18
C ARG A 556 -35.69 19.57 7.41
N PHE A 557 -35.64 20.89 7.25
CA PHE A 557 -34.43 21.66 7.50
C PHE A 557 -34.27 21.93 9.01
N THR A 558 -33.03 22.22 9.41
CA THR A 558 -32.68 22.62 10.77
C THR A 558 -32.74 24.15 10.86
N THR A 559 -32.34 24.69 12.02
CA THR A 559 -32.21 26.15 12.20
C THR A 559 -30.76 26.63 11.93
N SER A 560 -29.95 25.73 11.37
CA SER A 560 -28.56 26.03 10.99
C SER A 560 -28.49 27.22 10.02
N LEU A 561 -27.62 28.18 10.31
CA LEU A 561 -27.45 29.36 9.46
C LEU A 561 -26.74 29.03 8.11
N ALA A 562 -26.06 27.88 8.04
CA ALA A 562 -25.28 27.45 6.86
C ALA A 562 -26.17 26.89 5.75
N PRO A 563 -25.64 26.75 4.51
CA PRO A 563 -26.42 26.05 3.48
C PRO A 563 -26.70 24.63 3.90
N GLN A 564 -27.94 24.18 3.73
CA GLN A 564 -28.32 22.80 4.02
C GLN A 564 -28.69 22.10 2.71
N ARG A 565 -28.22 20.86 2.54
CA ARG A 565 -28.42 20.17 1.26
C ARG A 565 -29.67 19.29 1.26
N ALA A 566 -30.37 19.28 0.12
CA ALA A 566 -31.39 18.29 -0.13
C ALA A 566 -30.97 17.61 -1.43
N VAL A 567 -30.69 16.31 -1.35
CA VAL A 567 -30.11 15.57 -2.50
C VAL A 567 -31.10 14.57 -3.11
N PHE A 568 -30.91 14.25 -4.40
CA PHE A 568 -31.78 13.31 -5.10
C PHE A 568 -31.10 12.67 -6.33
N PRO A 569 -31.51 11.43 -6.67
CA PRO A 569 -31.00 10.87 -7.90
C PRO A 569 -30.94 11.90 -9.04
N ALA A 570 -29.74 12.03 -9.59
CA ALA A 570 -29.45 12.80 -10.79
C ALA A 570 -30.51 12.63 -11.87
N ARG A 571 -30.78 13.72 -12.57
CA ARG A 571 -31.84 13.76 -13.59
C ARG A 571 -31.70 15.05 -14.37
N ASP A 572 -32.07 15.00 -15.65
CA ASP A 572 -32.10 16.21 -16.46
C ASP A 572 -33.35 17.03 -16.13
N ALA A 573 -33.22 18.35 -16.22
CA ALA A 573 -34.25 19.28 -15.82
C ALA A 573 -33.88 20.70 -16.28
N ARG A 574 -34.89 21.49 -16.65
CA ARG A 574 -34.68 22.91 -16.87
C ARG A 574 -35.16 23.77 -15.68
N TYR A 575 -35.95 23.17 -14.78
CA TYR A 575 -36.63 23.88 -13.69
C TYR A 575 -36.53 23.03 -12.41
N ILE A 576 -36.45 23.70 -11.26
CA ILE A 576 -36.54 23.10 -9.93
C ILE A 576 -37.48 23.94 -9.04
N ARG A 577 -38.23 23.26 -8.17
CA ARG A 577 -39.25 23.90 -7.34
C ARG A 577 -39.13 23.47 -5.89
N LEU A 578 -39.10 24.46 -5.00
CA LEU A 578 -39.11 24.18 -3.58
C LEU A 578 -40.49 24.45 -2.96
N VAL A 579 -41.09 23.42 -2.37
CA VAL A 579 -42.35 23.62 -1.66
C VAL A 579 -42.06 23.66 -0.15
N ALA A 580 -42.21 24.83 0.46
CA ALA A 580 -42.10 24.95 1.93
C ALA A 580 -43.43 24.62 2.67
N LEU A 581 -43.48 23.49 3.36
CA LEU A 581 -44.75 22.96 3.88
C LEU A 581 -45.09 23.47 5.27
N SER A 582 -44.06 23.84 6.03
CA SER A 582 -44.20 24.26 7.43
C SER A 582 -43.07 25.21 7.84
N GLU A 583 -43.29 25.95 8.91
CA GLU A 583 -42.28 26.83 9.48
C GLU A 583 -41.73 26.11 10.73
N GLN A 584 -40.49 26.43 11.12
CA GLN A 584 -39.82 25.86 12.28
C GLN A 584 -40.62 25.92 13.60
N THR A 585 -41.23 27.08 13.90
CA THR A 585 -42.03 27.21 15.12
C THR A 585 -43.50 27.53 14.84
N GLY A 586 -43.92 27.26 13.60
CA GLY A 586 -45.35 27.31 13.21
C GLY A 586 -45.83 28.58 12.55
N HIS A 587 -44.93 29.44 12.10
CA HIS A 587 -45.29 30.79 11.66
C HIS A 587 -45.84 30.90 10.24
N LYS A 588 -46.43 32.05 9.92
CA LYS A 588 -47.05 32.28 8.60
C LYS A 588 -46.08 32.29 7.41
N TYR A 589 -44.91 32.92 7.59
CA TYR A 589 -44.05 33.36 6.49
C TYR A 589 -42.84 32.50 6.20
N ALA A 590 -42.41 32.51 4.93
CA ALA A 590 -41.09 31.97 4.59
C ALA A 590 -40.14 33.06 4.16
N ALA A 591 -38.89 32.93 4.60
CA ALA A 591 -37.80 33.71 4.04
C ALA A 591 -36.64 32.75 3.75
N VAL A 592 -35.98 33.00 2.62
CA VAL A 592 -34.87 32.19 2.15
C VAL A 592 -33.80 33.17 1.68
N ALA A 593 -32.58 33.03 2.20
CA ALA A 593 -31.49 33.90 1.79
C ALA A 593 -30.89 33.51 0.43
N GLU A 594 -30.79 32.19 0.20
CA GLU A 594 -30.10 31.64 -0.98
C GLU A 594 -30.57 30.22 -1.32
N LEU A 595 -30.74 29.99 -2.61
CA LEU A 595 -30.88 28.67 -3.24
C LEU A 595 -29.77 28.46 -4.27
N GLU A 596 -29.10 27.33 -4.14
CA GLU A 596 -28.07 26.88 -5.07
C GLU A 596 -28.54 25.53 -5.61
N VAL A 597 -28.20 25.23 -6.85
CA VAL A 597 -28.60 23.98 -7.47
C VAL A 597 -27.37 23.15 -7.74
N GLU A 598 -27.27 22.00 -7.11
CA GLU A 598 -26.21 21.03 -7.42
C GLU A 598 -26.45 20.37 -8.77
N GLY A 599 -25.51 20.57 -9.69
CA GLY A 599 -25.65 20.06 -11.03
C GLY A 599 -24.42 20.33 -11.85
N GLN A 600 -24.43 19.83 -13.09
CA GLN A 600 -23.32 20.01 -14.03
C GLN A 600 -23.59 21.20 -14.95
N ARG A 601 -22.70 22.20 -14.86
CA ARG A 601 -22.76 23.40 -15.68
C ARG A 601 -22.78 23.11 -17.19
N GLY B 1 39.32 -48.07 -33.20
CA GLY B 1 38.54 -48.81 -34.23
C GLY B 1 37.22 -49.35 -33.69
N GLU B 2 37.14 -50.68 -33.56
CA GLU B 2 35.90 -51.34 -33.15
C GLU B 2 35.77 -51.44 -31.63
N PRO B 3 34.59 -51.07 -31.07
CA PRO B 3 34.44 -51.07 -29.63
C PRO B 3 34.63 -52.44 -29.01
N LEU B 4 35.53 -52.54 -28.03
CA LEU B 4 35.82 -53.79 -27.35
C LEU B 4 35.35 -53.80 -25.89
N TYR B 5 34.57 -54.81 -25.53
CA TYR B 5 34.33 -55.10 -24.12
C TYR B 5 34.02 -56.57 -23.89
N THR B 6 34.94 -57.26 -23.23
CA THR B 6 34.77 -58.66 -22.85
C THR B 6 35.05 -58.81 -21.37
N GLU B 7 34.51 -59.87 -20.76
CA GLU B 7 34.92 -60.26 -19.42
C GLU B 7 34.84 -61.76 -19.21
N GLN B 8 35.58 -62.22 -18.21
CA GLN B 8 35.63 -63.61 -17.81
C GLN B 8 36.00 -63.63 -16.31
N ASP B 9 35.39 -64.55 -15.56
CA ASP B 9 35.72 -64.81 -14.16
C ASP B 9 37.08 -65.42 -14.03
N LEU B 10 37.75 -65.07 -12.92
CA LEU B 10 39.06 -65.60 -12.59
C LEU B 10 39.01 -66.30 -11.24
N ALA B 11 38.05 -65.93 -10.40
CA ALA B 11 37.85 -66.63 -9.13
C ALA B 11 36.38 -66.55 -8.80
N VAL B 12 35.77 -67.72 -8.58
CA VAL B 12 34.35 -67.82 -8.26
C VAL B 12 34.30 -68.46 -6.89
N ASN B 13 33.49 -67.90 -6.00
CA ASN B 13 33.43 -68.35 -4.60
C ASN B 13 33.08 -69.82 -4.52
N GLY B 14 33.85 -70.59 -3.75
CA GLY B 14 33.59 -72.04 -3.57
C GLY B 14 34.41 -72.94 -4.47
N ARG B 15 35.10 -72.34 -5.43
CA ARG B 15 35.82 -73.07 -6.45
C ARG B 15 37.31 -72.77 -6.33
N GLU B 16 38.13 -73.81 -6.48
CA GLU B 16 39.59 -73.73 -6.42
C GLU B 16 40.21 -73.43 -5.04
N GLY B 17 39.55 -73.83 -3.95
CA GLY B 17 40.19 -73.79 -2.64
C GLY B 17 39.68 -72.86 -1.57
N PHE B 18 38.78 -71.96 -1.91
CA PHE B 18 38.36 -70.97 -0.92
C PHE B 18 36.87 -70.76 -1.07
N PRO B 19 36.17 -70.62 0.07
CA PRO B 19 34.75 -70.34 -0.02
C PRO B 19 34.51 -68.89 -0.50
N ASN B 20 35.55 -68.04 -0.43
CA ASN B 20 35.41 -66.60 -0.72
C ASN B 20 36.68 -65.99 -1.33
N TYR B 21 36.46 -65.09 -2.29
CA TYR B 21 37.52 -64.36 -2.96
C TYR B 21 37.07 -62.92 -2.99
N ARG B 22 37.95 -62.02 -2.56
CA ARG B 22 37.68 -60.60 -2.53
C ARG B 22 38.96 -59.81 -2.79
N ILE B 23 38.81 -58.52 -3.12
CA ILE B 23 39.91 -57.48 -3.08
C ILE B 23 40.94 -57.54 -4.25
N PRO B 24 40.54 -57.04 -5.44
CA PRO B 24 41.38 -57.01 -6.66
C PRO B 24 42.61 -56.04 -6.68
N ALA B 25 43.78 -56.59 -7.02
CA ALA B 25 44.96 -55.81 -7.37
C ALA B 25 45.26 -56.27 -8.78
N LEU B 26 45.64 -55.36 -9.67
CA LEU B 26 45.95 -55.83 -11.02
C LEU B 26 47.09 -55.02 -11.61
N THR B 27 47.98 -55.66 -12.35
CA THR B 27 49.08 -54.92 -12.97
C THR B 27 49.58 -55.54 -14.31
N VAL B 28 50.51 -54.85 -14.98
CA VAL B 28 51.18 -55.40 -16.15
C VAL B 28 52.66 -55.42 -15.82
N THR B 29 53.28 -56.57 -16.01
CA THR B 29 54.72 -56.68 -15.75
C THR B 29 55.51 -55.97 -16.87
N PRO B 30 56.78 -55.59 -16.60
CA PRO B 30 57.65 -55.00 -17.65
C PRO B 30 57.69 -55.85 -18.92
N ASP B 31 57.46 -57.16 -18.79
CA ASP B 31 57.56 -58.06 -19.94
C ASP B 31 56.23 -58.33 -20.66
N GLY B 32 55.16 -57.67 -20.19
CA GLY B 32 53.87 -57.66 -20.90
C GLY B 32 52.78 -58.57 -20.33
N ASP B 33 53.14 -59.37 -19.33
CA ASP B 33 52.21 -60.30 -18.68
C ASP B 33 51.25 -59.52 -17.81
N LEU B 34 50.02 -60.00 -17.70
CA LEU B 34 49.07 -59.40 -16.77
C LEU B 34 49.08 -60.18 -15.48
N LEU B 35 49.12 -59.48 -14.36
CA LEU B 35 48.99 -60.10 -13.05
C LEU B 35 47.72 -59.64 -12.29
N ALA B 36 46.86 -60.60 -11.98
CA ALA B 36 45.68 -60.31 -11.12
C ALA B 36 45.89 -60.97 -9.76
N SER B 37 45.68 -60.20 -8.70
CA SER B 37 45.87 -60.72 -7.35
C SER B 37 44.66 -60.36 -6.48
N TYR B 38 44.32 -61.21 -5.53
CA TYR B 38 43.15 -61.00 -4.71
C TYR B 38 43.32 -61.89 -3.47
N ASP B 39 42.40 -61.74 -2.50
CA ASP B 39 42.41 -62.54 -1.27
C ASP B 39 41.75 -63.88 -1.50
N GLY B 40 42.33 -64.93 -0.94
CA GLY B 40 41.62 -66.17 -0.71
C GLY B 40 41.28 -66.11 0.75
N ARG B 41 40.00 -66.19 1.06
CA ARG B 41 39.52 -66.07 2.45
C ARG B 41 38.80 -67.33 2.95
N PRO B 42 39.51 -68.22 3.71
CA PRO B 42 38.99 -69.48 4.32
C PRO B 42 37.79 -69.32 5.27
N THR B 43 37.64 -68.15 5.88
CA THR B 43 36.49 -67.87 6.75
C THR B 43 35.61 -66.69 6.24
N GLY B 44 35.83 -66.22 5.01
CA GLY B 44 34.94 -65.19 4.43
C GLY B 44 35.15 -63.76 4.90
N ILE B 45 36.23 -63.52 5.63
CA ILE B 45 36.44 -62.20 6.22
C ILE B 45 37.77 -61.50 5.83
N ASP B 46 37.84 -60.20 6.11
CA ASP B 46 39.09 -59.45 6.06
C ASP B 46 39.90 -59.74 7.31
N ALA B 47 41.07 -59.10 7.46
CA ALA B 47 41.90 -59.31 8.65
C ALA B 47 41.05 -59.15 9.93
N PRO B 48 41.21 -60.07 10.92
CA PRO B 48 42.15 -61.16 11.17
C PRO B 48 41.83 -62.56 10.59
N GLY B 49 41.01 -62.63 9.54
CA GLY B 49 40.82 -63.90 8.83
C GLY B 49 42.18 -64.44 8.35
N PRO B 50 42.37 -65.77 8.40
CA PRO B 50 43.62 -66.41 8.05
C PRO B 50 43.81 -66.47 6.53
N ASN B 51 43.89 -65.30 5.89
CA ASN B 51 43.75 -65.17 4.43
C ASN B 51 45.04 -65.33 3.67
N SER B 52 44.94 -65.66 2.38
CA SER B 52 46.12 -65.77 1.51
C SER B 52 46.02 -64.73 0.38
N ILE B 53 47.15 -64.17 -0.04
CA ILE B 53 47.24 -63.32 -1.22
C ILE B 53 47.49 -64.25 -2.39
N LEU B 54 46.63 -64.22 -3.41
CA LEU B 54 46.79 -65.09 -4.57
C LEU B 54 47.13 -64.35 -5.86
N GLN B 55 47.40 -65.10 -6.91
CA GLN B 55 47.75 -64.44 -8.17
C GLN B 55 47.43 -65.36 -9.34
N ARG B 56 46.89 -64.76 -10.40
CA ARG B 56 46.84 -65.46 -11.68
C ARG B 56 47.62 -64.65 -12.70
N ARG B 57 48.30 -65.31 -13.62
CA ARG B 57 49.06 -64.68 -14.70
C ARG B 57 48.42 -64.96 -16.04
N SER B 58 48.37 -63.92 -16.89
CA SER B 58 48.10 -64.08 -18.31
C SER B 58 49.31 -63.69 -19.18
N THR B 59 49.72 -64.62 -20.05
CA THR B 59 50.75 -64.38 -21.03
C THR B 59 50.18 -64.11 -22.44
N ASP B 60 48.89 -63.79 -22.52
CA ASP B 60 48.31 -63.40 -23.81
C ASP B 60 47.50 -62.13 -23.77
N GLY B 61 47.95 -61.18 -22.96
CA GLY B 61 47.33 -59.87 -22.89
C GLY B 61 45.94 -60.00 -22.35
N GLY B 62 45.74 -61.00 -21.50
CA GLY B 62 44.48 -61.20 -20.77
C GLY B 62 43.46 -62.15 -21.35
N ARG B 63 43.77 -62.81 -22.46
CA ARG B 63 42.82 -63.72 -23.11
C ARG B 63 42.59 -65.00 -22.27
N THR B 64 43.69 -65.65 -21.86
CA THR B 64 43.62 -66.81 -20.95
C THR B 64 44.55 -66.66 -19.74
N TRP B 65 44.19 -67.37 -18.68
CA TRP B 65 44.82 -67.23 -17.39
C TRP B 65 45.26 -68.60 -16.90
N GLY B 66 46.41 -68.66 -16.24
CA GLY B 66 46.97 -69.93 -15.77
C GLY B 66 46.56 -70.20 -14.33
N GLU B 67 47.34 -71.01 -13.63
CA GLU B 67 46.99 -71.48 -12.28
C GLU B 67 46.96 -70.37 -11.25
N GLN B 68 46.02 -70.51 -10.33
CA GLN B 68 45.92 -69.68 -9.13
C GLN B 68 47.08 -70.09 -8.22
N GLN B 69 47.94 -69.13 -7.91
CA GLN B 69 49.13 -69.45 -7.12
C GLN B 69 49.15 -68.58 -5.88
N VAL B 70 49.95 -68.97 -4.89
CA VAL B 70 49.95 -68.29 -3.62
C VAL B 70 51.14 -67.36 -3.53
N VAL B 71 50.85 -66.08 -3.32
CA VAL B 71 51.89 -65.04 -3.10
C VAL B 71 52.35 -65.04 -1.63
N SER B 72 51.38 -64.93 -0.71
CA SER B 72 51.59 -64.95 0.76
C SER B 72 50.60 -65.95 1.39
N ALA B 73 51.11 -67.03 1.98
CA ALA B 73 50.23 -68.10 2.46
C ALA B 73 49.71 -67.81 3.86
N GLY B 74 48.40 -67.62 4.00
CA GLY B 74 47.80 -67.53 5.34
C GLY B 74 47.99 -68.81 6.14
N GLN B 75 47.70 -68.77 7.44
CA GLN B 75 47.84 -69.94 8.31
C GLN B 75 46.62 -70.07 9.16
N THR B 76 45.91 -71.18 9.03
CA THR B 76 44.56 -71.34 9.60
C THR B 76 44.53 -72.05 10.96
N THR B 77 45.59 -72.76 11.29
CA THR B 77 45.68 -73.34 12.64
C THR B 77 46.62 -72.51 13.51
N ALA B 78 46.49 -72.64 14.83
CA ALA B 78 47.13 -71.68 15.73
C ALA B 78 48.63 -71.91 15.82
N PRO B 79 49.43 -70.82 15.84
CA PRO B 79 49.06 -69.38 15.76
C PRO B 79 48.70 -68.95 14.32
N ILE B 80 47.53 -68.31 14.19
CA ILE B 80 46.95 -67.78 12.96
C ILE B 80 47.84 -66.67 12.35
N LYS B 81 47.91 -66.68 11.01
CA LYS B 81 48.53 -65.62 10.23
C LYS B 81 47.65 -65.32 9.03
N GLY B 82 47.32 -64.04 8.83
CA GLY B 82 46.62 -63.62 7.60
C GLY B 82 47.35 -62.59 6.79
N PHE B 83 47.14 -62.63 5.48
CA PHE B 83 47.72 -61.71 4.54
C PHE B 83 46.58 -61.44 3.62
N SER B 84 46.22 -60.18 3.56
CA SER B 84 44.97 -59.77 2.97
C SER B 84 45.11 -58.36 2.33
N ASP B 85 44.29 -58.06 1.31
CA ASP B 85 44.22 -56.71 0.68
C ASP B 85 45.44 -56.28 -0.16
N PRO B 86 45.65 -56.94 -1.31
CA PRO B 86 46.84 -56.62 -2.10
C PRO B 86 46.74 -55.34 -2.93
N SER B 87 47.91 -54.79 -3.26
CA SER B 87 48.07 -53.67 -4.19
C SER B 87 49.41 -53.92 -4.89
N TYR B 88 49.40 -53.92 -6.23
CA TYR B 88 50.63 -54.03 -7.03
C TYR B 88 51.29 -52.69 -7.26
N LEU B 89 52.59 -52.72 -7.46
CA LEU B 89 53.34 -51.53 -7.78
C LEU B 89 54.47 -52.06 -8.60
N VAL B 90 54.55 -51.66 -9.86
CA VAL B 90 55.72 -52.01 -10.69
C VAL B 90 56.69 -50.82 -10.78
N ASP B 91 57.95 -51.05 -10.41
CA ASP B 91 59.05 -50.13 -10.78
C ASP B 91 59.50 -50.41 -12.23
N ARG B 92 59.10 -49.50 -13.11
CA ARG B 92 59.27 -49.58 -14.55
C ARG B 92 60.68 -49.19 -14.98
N GLU B 93 61.43 -48.58 -14.06
CA GLU B 93 62.85 -48.32 -14.27
C GLU B 93 63.72 -49.57 -14.02
N THR B 94 63.51 -50.25 -12.89
CA THR B 94 64.33 -51.44 -12.49
C THR B 94 63.76 -52.78 -12.94
N GLY B 95 62.44 -52.83 -13.19
CA GLY B 95 61.75 -54.09 -13.47
C GLY B 95 61.16 -54.82 -12.27
N THR B 96 61.37 -54.27 -11.06
CA THR B 96 60.89 -54.93 -9.83
C THR B 96 59.40 -54.71 -9.54
N ILE B 97 58.72 -55.80 -9.17
CA ILE B 97 57.29 -55.76 -8.84
C ILE B 97 57.07 -55.98 -7.34
N PHE B 98 56.20 -55.15 -6.75
CA PHE B 98 55.82 -55.20 -5.33
C PHE B 98 54.35 -55.52 -5.20
N ASN B 99 54.00 -56.22 -4.13
CA ASN B 99 52.63 -56.52 -3.74
C ASN B 99 52.51 -56.22 -2.24
N PHE B 100 51.91 -55.09 -1.87
CA PHE B 100 51.68 -54.74 -0.48
C PHE B 100 50.41 -55.40 0.03
N HIS B 101 50.39 -55.77 1.31
CA HIS B 101 49.19 -56.36 1.94
C HIS B 101 49.37 -56.31 3.46
N VAL B 102 48.30 -56.51 4.21
CA VAL B 102 48.39 -56.54 5.68
C VAL B 102 49.07 -57.85 6.14
N TYR B 103 49.66 -57.83 7.34
CA TYR B 103 50.05 -59.05 8.01
C TYR B 103 49.33 -59.07 9.34
N SER B 104 48.31 -59.91 9.47
CA SER B 104 47.59 -60.06 10.73
C SER B 104 47.95 -61.32 11.51
N GLN B 105 47.77 -61.19 12.83
CA GLN B 105 47.76 -62.32 13.72
C GLN B 105 46.42 -62.29 14.46
N ARG B 106 46.39 -61.70 15.67
CA ARG B 106 45.13 -61.59 16.43
C ARG B 106 44.20 -60.42 16.04
N GLN B 107 44.74 -59.35 15.45
CA GLN B 107 43.95 -58.15 15.20
C GLN B 107 43.83 -57.78 13.73
N GLY B 108 42.72 -57.14 13.41
CA GLY B 108 42.52 -56.49 12.13
C GLY B 108 42.71 -55.01 12.35
N PHE B 109 42.27 -54.23 11.36
CA PHE B 109 42.49 -52.78 11.32
C PHE B 109 41.95 -52.04 12.53
N ALA B 110 40.71 -52.32 12.90
CA ALA B 110 40.09 -51.65 14.04
C ALA B 110 40.73 -52.03 15.39
N GLY B 111 41.24 -53.27 15.49
CA GLY B 111 41.78 -53.80 16.74
C GLY B 111 43.28 -53.51 16.98
N SER B 112 43.98 -53.17 15.91
CA SER B 112 45.44 -53.04 15.99
C SER B 112 45.90 -52.17 17.18
N ARG B 113 46.89 -52.62 17.92
CA ARG B 113 47.41 -51.79 19.03
C ARG B 113 48.66 -51.07 18.56
N PRO B 114 49.05 -50.00 19.28
CA PRO B 114 50.28 -49.33 18.93
C PRO B 114 51.50 -50.23 19.08
N GLY B 115 52.53 -49.92 18.30
CA GLY B 115 53.82 -50.61 18.37
C GLY B 115 54.14 -50.92 16.94
N THR B 116 55.40 -51.30 16.68
CA THR B 116 55.78 -51.65 15.31
C THR B 116 56.61 -52.94 15.24
N ASP B 117 56.75 -53.63 16.37
CA ASP B 117 57.55 -54.85 16.37
C ASP B 117 56.96 -55.94 15.49
N PRO B 118 57.74 -56.40 14.50
CA PRO B 118 57.20 -57.33 13.49
C PRO B 118 56.62 -58.63 14.05
N ALA B 119 56.96 -59.01 15.29
CA ALA B 119 56.41 -60.23 15.87
C ALA B 119 55.24 -59.98 16.84
N ASP B 120 54.87 -58.71 17.05
CA ASP B 120 53.78 -58.33 17.97
C ASP B 120 52.42 -58.86 17.42
N PRO B 121 51.76 -59.75 18.18
CA PRO B 121 50.57 -60.40 17.62
C PRO B 121 49.30 -59.60 17.64
N ASN B 122 49.38 -58.39 18.21
CA ASN B 122 48.25 -57.47 18.34
C ASN B 122 48.39 -56.21 17.50
N VAL B 123 49.40 -56.20 16.64
CA VAL B 123 49.62 -55.14 15.66
C VAL B 123 49.08 -55.63 14.30
N LEU B 124 48.36 -54.76 13.58
CA LEU B 124 48.20 -55.05 12.12
C LEU B 124 49.37 -54.47 11.33
N HIS B 125 50.16 -55.38 10.76
CA HIS B 125 51.41 -55.02 10.10
C HIS B 125 51.28 -54.63 8.64
N ALA B 126 52.27 -53.87 8.20
CA ALA B 126 52.39 -53.49 6.83
C ALA B 126 53.46 -54.37 6.26
N ASN B 127 53.04 -55.29 5.38
CA ASN B 127 53.94 -56.17 4.66
C ASN B 127 54.06 -55.83 3.15
N VAL B 128 55.16 -56.26 2.55
CA VAL B 128 55.34 -56.18 1.11
C VAL B 128 56.07 -57.44 0.62
N ALA B 129 55.54 -58.03 -0.46
CA ALA B 129 56.22 -59.10 -1.19
C ALA B 129 56.90 -58.46 -2.40
N THR B 130 58.16 -58.83 -2.62
CA THR B 130 58.97 -58.25 -3.69
C THR B 130 59.35 -59.37 -4.68
N SER B 131 59.12 -59.10 -5.97
CA SER B 131 59.55 -60.01 -7.05
C SER B 131 60.47 -59.32 -8.04
N THR B 132 61.66 -59.91 -8.23
CA THR B 132 62.64 -59.48 -9.22
C THR B 132 62.57 -60.37 -10.47
N ASP B 133 61.67 -61.35 -10.46
CA ASP B 133 61.52 -62.22 -11.64
C ASP B 133 60.18 -62.17 -12.40
N GLY B 134 59.58 -60.98 -12.47
CA GLY B 134 58.33 -60.80 -13.21
C GLY B 134 57.12 -61.34 -12.44
N GLY B 135 57.27 -61.42 -11.12
CA GLY B 135 56.20 -61.91 -10.26
C GLY B 135 56.08 -63.41 -10.16
N LEU B 136 57.12 -64.13 -10.62
CA LEU B 136 57.22 -65.60 -10.48
C LEU B 136 57.47 -66.05 -9.02
N THR B 137 58.47 -65.43 -8.37
CA THR B 137 58.77 -65.70 -6.95
C THR B 137 58.76 -64.39 -6.15
N TRP B 138 58.51 -64.52 -4.85
CA TRP B 138 58.37 -63.39 -3.92
C TRP B 138 59.22 -63.58 -2.65
N SER B 139 59.90 -62.51 -2.24
CA SER B 139 60.46 -62.42 -0.88
C SER B 139 59.47 -61.53 -0.12
N HIS B 140 59.55 -61.54 1.21
CA HIS B 140 58.59 -60.88 2.09
C HIS B 140 59.30 -60.06 3.17
N ARG B 141 58.77 -58.88 3.45
CA ARG B 141 59.30 -58.04 4.52
C ARG B 141 58.17 -57.31 5.24
N THR B 142 58.46 -56.84 6.45
CA THR B 142 57.54 -56.09 7.27
C THR B 142 58.17 -54.71 7.39
N ILE B 143 57.44 -53.71 6.94
CA ILE B 143 57.95 -52.32 6.92
C ILE B 143 57.18 -51.41 7.87
N THR B 144 56.39 -52.00 8.75
CA THR B 144 55.66 -51.23 9.75
C THR B 144 56.54 -50.16 10.43
N ALA B 145 57.68 -50.57 11.00
CA ALA B 145 58.58 -49.62 11.73
C ALA B 145 59.20 -48.53 10.85
N ASP B 146 59.25 -48.76 9.54
CA ASP B 146 59.72 -47.78 8.58
C ASP B 146 58.68 -46.72 8.22
N ILE B 147 57.41 -47.05 8.37
CA ILE B 147 56.33 -46.18 7.91
C ILE B 147 55.45 -45.66 9.06
N THR B 148 55.97 -45.75 10.27
CA THR B 148 55.26 -45.24 11.43
C THR B 148 56.07 -44.15 12.16
N PRO B 149 56.14 -42.92 11.58
CA PRO B 149 56.86 -41.84 12.26
C PRO B 149 56.16 -41.26 13.51
N ASP B 150 54.84 -41.41 13.58
CA ASP B 150 54.08 -40.97 14.74
C ASP B 150 53.67 -42.23 15.51
N PRO B 151 54.11 -42.36 16.79
CA PRO B 151 53.79 -43.56 17.60
C PRO B 151 52.30 -43.71 17.88
N GLY B 152 51.54 -42.64 17.63
CA GLY B 152 50.08 -42.66 17.78
C GLY B 152 49.31 -43.29 16.63
N TRP B 153 49.99 -43.51 15.50
CA TRP B 153 49.44 -44.32 14.40
C TRP B 153 49.50 -45.75 14.84
N ARG B 154 48.36 -46.27 15.32
CA ARG B 154 48.27 -47.60 15.86
C ARG B 154 47.79 -48.62 14.86
N SER B 155 47.51 -48.17 13.63
CA SER B 155 47.01 -49.05 12.57
C SER B 155 47.23 -48.46 11.17
N ARG B 156 47.36 -49.37 10.20
CA ARG B 156 47.42 -49.01 8.79
C ARG B 156 47.06 -50.20 7.90
N PHE B 157 46.68 -49.89 6.66
CA PHE B 157 46.61 -50.87 5.57
C PHE B 157 46.78 -50.13 4.27
N ALA B 158 47.60 -50.70 3.41
CA ALA B 158 47.72 -50.28 2.03
C ALA B 158 46.35 -50.40 1.37
N ALA B 159 45.96 -49.34 0.65
CA ALA B 159 44.80 -49.34 -0.26
C ALA B 159 44.98 -50.37 -1.35
N SER B 160 44.10 -51.38 -1.39
CA SER B 160 44.13 -52.44 -2.40
C SER B 160 43.88 -51.90 -3.80
N GLY B 161 44.63 -52.42 -4.77
CA GLY B 161 44.60 -51.91 -6.13
C GLY B 161 45.96 -51.90 -6.78
N GLU B 162 46.40 -50.72 -7.20
CA GLU B 162 47.70 -50.55 -7.83
C GLU B 162 48.29 -49.19 -7.49
N GLY B 163 49.54 -49.19 -7.03
CA GLY B 163 50.26 -47.93 -6.80
C GLY B 163 50.97 -47.48 -8.06
N ILE B 164 51.83 -46.46 -7.93
CA ILE B 164 52.46 -45.78 -9.09
C ILE B 164 53.97 -45.55 -8.99
N GLN B 165 54.59 -45.26 -10.14
CA GLN B 165 55.88 -44.58 -10.15
C GLN B 165 55.79 -43.20 -10.83
N LEU B 166 56.42 -42.21 -10.22
CA LEU B 166 56.52 -40.88 -10.82
C LEU B 166 57.45 -40.94 -12.03
N ARG B 167 57.06 -40.28 -13.11
CA ARG B 167 57.94 -40.04 -14.27
C ARG B 167 58.45 -38.60 -14.37
N TYR B 168 57.80 -37.66 -13.67
CA TYR B 168 58.15 -36.23 -13.76
C TYR B 168 58.83 -35.65 -12.53
N GLY B 169 59.68 -34.65 -12.77
CA GLY B 169 60.17 -33.76 -11.73
C GLY B 169 61.36 -34.26 -10.94
N PRO B 170 61.74 -33.53 -9.87
CA PRO B 170 62.89 -33.87 -9.03
C PRO B 170 62.81 -35.29 -8.52
N HIS B 171 61.59 -35.75 -8.22
CA HIS B 171 61.30 -37.09 -7.69
C HIS B 171 60.83 -38.10 -8.74
N ALA B 172 61.14 -37.88 -10.02
CA ALA B 172 61.02 -38.96 -11.03
C ALA B 172 61.65 -40.26 -10.48
N GLY B 173 61.01 -41.40 -10.73
CA GLY B 173 61.48 -42.67 -10.16
C GLY B 173 60.81 -43.07 -8.86
N ARG B 174 60.22 -42.10 -8.16
CA ARG B 174 59.58 -42.39 -6.85
C ARG B 174 58.43 -43.36 -7.02
N LEU B 175 58.41 -44.37 -6.15
CA LEU B 175 57.30 -45.30 -6.04
C LEU B 175 56.39 -44.80 -4.93
N ILE B 176 55.09 -44.63 -5.22
CA ILE B 176 54.08 -44.18 -4.21
C ILE B 176 52.96 -45.20 -4.01
N GLN B 177 52.80 -45.66 -2.77
CA GLN B 177 51.70 -46.57 -2.39
C GLN B 177 50.88 -45.94 -1.29
N GLN B 178 49.56 -45.95 -1.45
CA GLN B 178 48.67 -45.29 -0.49
C GLN B 178 48.31 -46.19 0.65
N TYR B 179 48.24 -45.57 1.84
CA TYR B 179 47.80 -46.24 3.06
C TYR B 179 46.70 -45.44 3.74
N THR B 180 45.95 -46.08 4.62
CA THR B 180 45.07 -45.40 5.54
C THR B 180 45.70 -45.68 6.90
N ILE B 181 45.63 -44.69 7.80
CA ILE B 181 46.13 -44.90 9.17
C ILE B 181 45.04 -44.61 10.18
N ILE B 182 45.19 -45.14 11.38
CA ILE B 182 44.37 -44.68 12.49
C ILE B 182 45.33 -43.95 13.43
N ASN B 183 44.95 -42.75 13.84
CA ASN B 183 45.77 -41.94 14.75
C ASN B 183 45.32 -42.02 16.21
N ALA B 184 46.04 -41.25 17.03
CA ALA B 184 45.94 -41.23 18.49
C ALA B 184 44.57 -40.78 18.94
N ALA B 185 43.90 -39.99 18.11
CA ALA B 185 42.52 -39.58 18.37
C ALA B 185 41.44 -40.49 17.72
N GLY B 186 41.85 -41.57 17.10
CA GLY B 186 40.90 -42.47 16.47
C GLY B 186 40.49 -42.12 15.04
N ALA B 187 40.91 -40.96 14.50
CA ALA B 187 40.59 -40.60 13.09
C ALA B 187 41.30 -41.45 12.02
N PHE B 188 40.57 -41.73 10.93
CA PHE B 188 41.13 -42.42 9.73
C PHE B 188 41.69 -41.33 8.78
N GLN B 189 43.01 -41.37 8.55
CA GLN B 189 43.70 -40.37 7.74
C GLN B 189 44.40 -41.10 6.61
N ALA B 190 44.51 -40.45 5.46
CA ALA B 190 45.26 -41.02 4.33
C ALA B 190 46.77 -40.66 4.41
N VAL B 191 47.64 -41.58 4.05
CA VAL B 191 49.07 -41.25 3.93
C VAL B 191 49.73 -41.91 2.69
N SER B 192 50.65 -41.18 2.06
CA SER B 192 51.52 -41.74 1.01
C SER B 192 52.78 -42.38 1.61
N VAL B 193 52.99 -43.62 1.25
CA VAL B 193 54.23 -44.31 1.58
C VAL B 193 55.04 -44.40 0.30
N TYR B 194 56.32 -44.03 0.37
CA TYR B 194 57.14 -44.01 -0.82
C TYR B 194 58.61 -44.39 -0.66
N SER B 195 59.18 -44.75 -1.81
CA SER B 195 60.57 -45.07 -1.96
C SER B 195 61.16 -44.25 -3.12
N ASP B 196 62.36 -43.72 -2.88
CA ASP B 196 63.15 -43.00 -3.85
C ASP B 196 64.40 -43.80 -4.21
N ASP B 197 64.48 -45.04 -3.71
CA ASP B 197 65.62 -45.91 -3.99
C ASP B 197 65.10 -47.26 -4.44
N HIS B 198 64.02 -47.23 -5.20
CA HIS B 198 63.53 -48.39 -5.98
C HIS B 198 63.07 -49.56 -5.12
N GLY B 199 62.49 -49.26 -3.96
CA GLY B 199 61.91 -50.30 -3.09
C GLY B 199 62.74 -50.72 -1.91
N ARG B 200 64.02 -50.31 -1.87
CA ARG B 200 64.95 -50.75 -0.83
C ARG B 200 64.52 -50.21 0.54
N THR B 201 64.24 -48.91 0.62
CA THR B 201 63.68 -48.34 1.86
C THR B 201 62.39 -47.57 1.58
N TRP B 202 61.49 -47.62 2.56
CA TRP B 202 60.15 -47.01 2.52
C TRP B 202 60.00 -46.03 3.69
N ARG B 203 59.14 -45.03 3.50
CA ARG B 203 58.81 -44.08 4.53
C ARG B 203 57.41 -43.58 4.24
N ALA B 204 56.75 -43.05 5.27
CA ALA B 204 55.48 -42.35 5.12
C ALA B 204 55.72 -40.84 4.92
N GLY B 205 54.87 -40.20 4.11
CA GLY B 205 54.88 -38.74 4.01
C GLY B 205 54.08 -38.18 5.19
N GLU B 206 53.48 -37.00 5.02
CA GLU B 206 52.56 -36.45 6.03
C GLU B 206 51.13 -36.92 5.75
N ALA B 207 50.39 -37.20 6.81
CA ALA B 207 49.01 -37.69 6.78
C ALA B 207 48.09 -36.54 6.43
N VAL B 208 47.05 -36.82 5.66
CA VAL B 208 46.15 -35.77 5.24
C VAL B 208 44.71 -36.22 5.48
N GLY B 209 43.93 -35.32 6.05
CA GLY B 209 42.48 -35.48 6.15
C GLY B 209 41.92 -36.24 7.33
N VAL B 210 40.59 -36.17 7.48
CA VAL B 210 39.85 -36.98 8.43
C VAL B 210 38.70 -37.61 7.69
N GLY B 211 38.15 -38.69 8.23
CA GLY B 211 37.14 -39.44 7.54
C GLY B 211 37.64 -40.05 6.24
N MET B 212 38.90 -40.50 6.24
CA MET B 212 39.50 -40.99 5.01
C MET B 212 39.38 -42.52 5.00
N ASP B 213 39.91 -43.15 3.96
CA ASP B 213 39.83 -44.60 3.86
C ASP B 213 40.68 -44.98 2.68
N ALA B 214 40.51 -46.19 2.14
CA ALA B 214 41.25 -46.61 0.97
C ALA B 214 41.31 -45.49 -0.03
N ASN B 215 42.52 -45.07 -0.39
CA ASN B 215 42.73 -44.00 -1.34
C ASN B 215 43.73 -44.37 -2.45
N LYS B 216 43.67 -43.62 -3.54
CA LYS B 216 44.53 -43.82 -4.71
C LYS B 216 45.17 -42.51 -5.18
N THR B 217 46.36 -42.61 -5.77
CA THR B 217 47.06 -41.47 -6.37
C THR B 217 47.44 -41.72 -7.82
N VAL B 218 47.51 -40.62 -8.54
CA VAL B 218 47.83 -40.60 -9.95
C VAL B 218 48.67 -39.33 -10.21
N GLU B 219 49.63 -39.44 -11.12
CA GLU B 219 50.48 -38.31 -11.51
C GLU B 219 49.86 -37.52 -12.65
N LEU B 220 49.62 -36.24 -12.39
CA LEU B 220 48.97 -35.37 -13.38
C LEU B 220 50.01 -34.86 -14.38
N SER B 221 49.57 -34.12 -15.40
CA SER B 221 50.46 -33.69 -16.48
C SER B 221 51.61 -32.73 -16.09
N ASP B 222 51.56 -32.16 -14.90
CA ASP B 222 52.62 -31.30 -14.38
C ASP B 222 53.37 -31.99 -13.24
N GLY B 223 52.98 -33.22 -12.95
CA GLY B 223 53.67 -34.00 -11.93
C GLY B 223 53.16 -33.77 -10.52
N ARG B 224 52.10 -32.98 -10.39
CA ARG B 224 51.36 -32.89 -9.12
C ARG B 224 50.65 -34.21 -8.91
N VAL B 225 50.60 -34.66 -7.66
CA VAL B 225 50.02 -35.97 -7.33
C VAL B 225 48.60 -35.72 -6.84
N LEU B 226 47.64 -36.12 -7.65
CA LEU B 226 46.24 -36.14 -7.24
C LEU B 226 45.90 -37.36 -6.34
N LEU B 227 45.43 -37.10 -5.12
CA LEU B 227 44.88 -38.14 -4.24
C LEU B 227 43.33 -38.23 -4.41
N ASN B 228 42.79 -39.46 -4.40
CA ASN B 228 41.36 -39.66 -4.61
C ASN B 228 40.90 -40.76 -3.70
N SER B 229 40.10 -40.38 -2.71
CA SER B 229 39.86 -41.23 -1.55
C SER B 229 38.41 -41.62 -1.33
N ARG B 230 38.23 -42.87 -0.89
CA ARG B 230 36.98 -43.31 -0.24
C ARG B 230 36.72 -42.49 1.02
N ASP B 231 35.49 -42.05 1.22
CA ASP B 231 35.09 -41.27 2.41
C ASP B 231 34.42 -42.09 3.55
N SER B 232 35.10 -42.25 4.68
CA SER B 232 34.55 -43.02 5.82
C SER B 232 33.58 -42.22 6.66
N ALA B 233 33.40 -40.94 6.29
CA ALA B 233 32.36 -40.13 6.90
C ALA B 233 31.13 -40.20 6.00
N ARG B 234 31.22 -41.00 4.93
CA ARG B 234 30.06 -41.37 4.12
C ARG B 234 29.23 -40.22 3.46
N SER B 235 29.92 -39.30 2.78
CA SER B 235 29.25 -38.22 2.07
C SER B 235 28.41 -38.64 0.87
N GLY B 236 28.73 -39.80 0.26
CA GLY B 236 28.09 -40.19 -1.00
C GLY B 236 28.98 -39.80 -2.16
N TYR B 237 30.19 -39.37 -1.85
CA TYR B 237 31.11 -38.94 -2.89
C TYR B 237 32.54 -39.30 -2.52
N ARG B 238 33.43 -39.19 -3.52
CA ARG B 238 34.89 -39.32 -3.33
C ARG B 238 35.46 -38.08 -2.65
N LYS B 239 36.50 -38.25 -1.86
CA LYS B 239 37.23 -37.10 -1.34
C LYS B 239 38.53 -36.92 -2.16
N VAL B 240 38.93 -35.66 -2.38
CA VAL B 240 40.13 -35.35 -3.22
C VAL B 240 41.15 -34.44 -2.51
N ALA B 241 42.44 -34.65 -2.78
CA ALA B 241 43.51 -33.75 -2.32
C ALA B 241 44.64 -33.75 -3.36
N VAL B 242 45.51 -32.74 -3.32
CA VAL B 242 46.62 -32.72 -4.27
C VAL B 242 47.97 -32.35 -3.60
N SER B 243 49.04 -32.97 -4.10
CA SER B 243 50.36 -32.69 -3.62
C SER B 243 51.12 -31.97 -4.71
N THR B 244 51.92 -30.98 -4.34
CA THR B 244 52.87 -30.35 -5.27
C THR B 244 54.32 -30.85 -5.03
N ASP B 245 54.51 -31.70 -4.02
CA ASP B 245 55.86 -32.09 -3.60
C ASP B 245 56.18 -33.58 -3.78
N GLY B 246 55.49 -34.24 -4.73
CA GLY B 246 55.71 -35.66 -5.06
C GLY B 246 55.00 -36.62 -4.10
N GLY B 247 53.88 -36.17 -3.51
CA GLY B 247 53.16 -36.98 -2.59
C GLY B 247 53.65 -36.96 -1.16
N HIS B 248 54.64 -36.13 -0.82
CA HIS B 248 55.18 -36.09 0.56
C HIS B 248 54.21 -35.46 1.49
N SER B 249 53.50 -34.46 0.98
CA SER B 249 52.35 -33.88 1.67
C SER B 249 51.34 -33.41 0.64
N TYR B 250 50.08 -33.35 1.07
CA TYR B 250 48.97 -32.95 0.25
C TYR B 250 48.33 -31.66 0.78
N GLY B 251 47.53 -30.99 -0.05
CA GLY B 251 46.75 -29.84 0.39
C GLY B 251 45.44 -30.28 1.02
N PRO B 252 44.49 -29.35 1.18
CA PRO B 252 43.21 -29.67 1.84
C PRO B 252 42.39 -30.70 1.08
N VAL B 253 41.70 -31.54 1.84
CA VAL B 253 40.82 -32.54 1.29
C VAL B 253 39.47 -31.90 1.11
N THR B 254 38.93 -32.03 -0.10
CA THR B 254 37.58 -31.56 -0.38
C THR B 254 36.70 -32.67 -0.93
N ILE B 255 35.39 -32.53 -0.74
CA ILE B 255 34.40 -33.44 -1.36
C ILE B 255 34.29 -33.13 -2.89
N ASP B 256 34.43 -34.18 -3.70
CA ASP B 256 34.29 -34.02 -5.15
C ASP B 256 32.91 -34.51 -5.56
N ARG B 257 31.99 -33.59 -5.80
CA ARG B 257 30.61 -33.96 -6.19
C ARG B 257 30.43 -34.41 -7.66
N ASP B 258 31.49 -34.35 -8.47
CA ASP B 258 31.43 -34.96 -9.81
C ASP B 258 31.49 -36.48 -9.69
N LEU B 259 31.92 -36.98 -8.52
CA LEU B 259 32.23 -38.39 -8.39
C LEU B 259 31.44 -39.12 -7.27
N PRO B 260 30.18 -39.49 -7.56
CA PRO B 260 29.34 -40.20 -6.59
C PRO B 260 29.94 -41.56 -6.29
N ASP B 261 29.85 -41.99 -5.02
CA ASP B 261 30.49 -43.20 -4.52
C ASP B 261 29.56 -43.72 -3.40
N PRO B 262 29.41 -45.05 -3.22
CA PRO B 262 28.63 -45.47 -2.05
C PRO B 262 29.43 -45.77 -0.76
N THR B 263 30.64 -45.22 -0.64
CA THR B 263 31.65 -45.58 0.39
C THR B 263 32.30 -46.94 0.07
N ASN B 264 33.18 -46.93 -0.94
CA ASN B 264 33.64 -48.14 -1.62
C ASN B 264 34.98 -47.78 -2.25
N ASN B 265 35.82 -48.78 -2.52
CA ASN B 265 37.08 -48.57 -3.24
C ASN B 265 36.79 -48.18 -4.70
N ALA B 266 37.84 -47.73 -5.37
CA ALA B 266 37.73 -47.18 -6.70
C ALA B 266 39.14 -47.14 -7.21
N SER B 267 39.33 -46.93 -8.52
CA SER B 267 40.67 -46.66 -9.06
C SER B 267 40.71 -45.47 -10.05
N ILE B 268 41.89 -44.86 -10.21
CA ILE B 268 42.09 -43.72 -11.07
C ILE B 268 43.49 -43.91 -11.65
N ILE B 269 43.61 -43.89 -12.99
CA ILE B 269 44.89 -44.12 -13.69
C ILE B 269 45.12 -43.12 -14.83
N ARG B 270 46.37 -43.00 -15.27
CA ARG B 270 46.68 -42.34 -16.54
C ARG B 270 46.37 -43.28 -17.74
N ALA B 271 45.61 -42.78 -18.70
CA ALA B 271 45.24 -43.56 -19.88
C ALA B 271 46.46 -43.73 -20.78
N PHE B 272 47.37 -42.74 -20.76
CA PHE B 272 48.60 -42.73 -21.58
C PHE B 272 49.79 -42.43 -20.63
N PRO B 273 50.25 -43.48 -19.91
CA PRO B 273 51.15 -43.34 -18.76
C PRO B 273 52.56 -42.89 -19.16
N ASP B 274 52.87 -43.04 -20.45
CA ASP B 274 54.15 -42.69 -21.02
C ASP B 274 54.19 -41.36 -21.80
N ALA B 275 53.05 -40.68 -21.92
CA ALA B 275 52.98 -39.35 -22.54
C ALA B 275 53.87 -38.32 -21.80
N PRO B 276 54.48 -37.37 -22.56
CA PRO B 276 55.42 -36.42 -21.93
C PRO B 276 54.76 -35.38 -21.02
N ALA B 277 55.55 -34.80 -20.10
CA ALA B 277 55.05 -33.76 -19.21
C ALA B 277 54.34 -32.68 -20.02
N GLY B 278 53.14 -32.30 -19.55
CA GLY B 278 52.45 -31.12 -20.11
C GLY B 278 51.78 -31.30 -21.47
N SER B 279 51.73 -32.53 -21.98
CA SER B 279 51.09 -32.84 -23.26
C SER B 279 49.59 -33.14 -23.11
N ALA B 280 48.86 -33.08 -24.23
CA ALA B 280 47.43 -33.34 -24.22
C ALA B 280 47.13 -34.75 -23.71
N ARG B 281 47.89 -35.74 -24.19
CA ARG B 281 47.73 -37.15 -23.75
C ARG B 281 47.94 -37.33 -22.23
N ALA B 282 48.86 -36.55 -21.68
CA ALA B 282 49.22 -36.57 -20.27
C ALA B 282 48.11 -36.17 -19.31
N LYS B 283 47.11 -35.44 -19.82
CA LYS B 283 45.99 -34.93 -19.02
C LYS B 283 44.81 -35.91 -18.92
N VAL B 284 44.83 -36.97 -19.74
CA VAL B 284 43.77 -38.03 -19.76
C VAL B 284 43.81 -39.04 -18.59
N LEU B 285 42.69 -39.10 -17.86
CA LEU B 285 42.52 -39.99 -16.70
C LEU B 285 41.36 -40.95 -16.90
N LEU B 286 41.52 -42.14 -16.35
CA LEU B 286 40.44 -43.10 -16.29
C LEU B 286 40.11 -43.41 -14.83
N PHE B 287 38.82 -43.44 -14.55
CA PHE B 287 38.31 -43.68 -13.20
C PHE B 287 37.33 -44.88 -13.26
N SER B 288 37.44 -45.79 -12.29
CA SER B 288 36.47 -46.89 -12.17
C SER B 288 35.89 -46.88 -10.76
N ASN B 289 34.55 -46.81 -10.66
CA ASN B 289 33.86 -47.04 -9.37
C ASN B 289 32.43 -47.59 -9.54
N ALA B 290 31.73 -47.78 -8.43
CA ALA B 290 30.28 -47.93 -8.45
C ALA B 290 29.63 -46.53 -8.41
N ALA B 291 28.93 -46.19 -9.50
CA ALA B 291 28.41 -44.83 -9.73
C ALA B 291 27.10 -44.48 -9.04
N SER B 292 27.03 -44.73 -7.75
CA SER B 292 25.78 -44.65 -7.02
C SER B 292 26.11 -44.33 -5.55
N GLN B 293 25.41 -43.38 -4.94
CA GLN B 293 25.75 -42.95 -3.59
C GLN B 293 25.26 -43.93 -2.54
N THR B 294 24.28 -44.74 -2.91
CA THR B 294 23.66 -45.63 -1.94
C THR B 294 24.05 -47.10 -2.15
N SER B 295 24.41 -47.45 -3.39
CA SER B 295 24.52 -48.83 -3.78
C SER B 295 25.82 -49.19 -4.50
N ARG B 296 26.41 -50.31 -4.08
CA ARG B 296 27.54 -50.91 -4.78
C ARG B 296 27.01 -51.62 -6.03
N SER B 297 26.78 -50.80 -7.04
CA SER B 297 26.18 -51.19 -8.30
C SER B 297 26.40 -50.04 -9.28
N GLN B 298 26.00 -50.22 -10.53
CA GLN B 298 26.27 -49.24 -11.56
C GLN B 298 27.78 -49.04 -11.76
N GLY B 299 28.50 -50.12 -12.01
CA GLY B 299 29.93 -50.02 -12.26
C GLY B 299 30.11 -49.17 -13.50
N THR B 300 30.89 -48.10 -13.38
CA THR B 300 31.07 -47.10 -14.42
C THR B 300 32.58 -46.80 -14.66
N ILE B 301 32.95 -46.58 -15.93
CA ILE B 301 34.25 -46.01 -16.30
C ILE B 301 34.02 -44.53 -16.67
N ARG B 302 34.73 -43.61 -16.01
CA ARG B 302 34.75 -42.19 -16.45
C ARG B 302 36.10 -41.77 -17.02
N MET B 303 36.06 -40.87 -18.00
CA MET B 303 37.29 -40.35 -18.61
C MET B 303 37.41 -38.85 -18.43
N SER B 304 38.59 -38.39 -18.02
CA SER B 304 38.86 -36.95 -17.94
C SER B 304 39.96 -36.58 -18.91
N CYS B 305 39.88 -35.41 -19.54
CA CYS B 305 40.93 -34.99 -20.50
C CYS B 305 41.67 -33.72 -20.03
N ASP B 306 41.60 -33.44 -18.72
CA ASP B 306 42.20 -32.22 -18.14
C ASP B 306 42.70 -32.38 -16.69
N ASP B 307 43.39 -33.48 -16.42
CA ASP B 307 43.98 -33.71 -15.10
C ASP B 307 42.92 -33.90 -14.01
N GLY B 308 41.74 -34.39 -14.43
CA GLY B 308 40.68 -34.75 -13.49
C GLY B 308 39.85 -33.56 -13.03
N GLN B 309 39.90 -32.46 -13.78
CA GLN B 309 39.06 -31.29 -13.49
C GLN B 309 37.59 -31.52 -13.88
N THR B 310 37.38 -32.15 -15.03
CA THR B 310 36.05 -32.47 -15.50
C THR B 310 36.00 -33.93 -15.90
N TRP B 311 34.81 -34.52 -15.86
CA TRP B 311 34.67 -35.92 -16.23
C TRP B 311 33.53 -36.04 -17.24
N PRO B 312 33.75 -35.60 -18.49
CA PRO B 312 32.65 -35.52 -19.46
C PRO B 312 32.20 -36.86 -20.02
N VAL B 313 33.04 -37.88 -19.86
CA VAL B 313 32.81 -39.19 -20.46
C VAL B 313 32.59 -40.24 -19.38
N SER B 314 31.49 -40.99 -19.50
CA SER B 314 31.24 -42.15 -18.65
C SER B 314 30.59 -43.24 -19.47
N LYS B 315 30.62 -44.45 -18.93
CA LYS B 315 29.98 -45.61 -19.52
C LYS B 315 29.94 -46.70 -18.48
N VAL B 316 28.76 -47.29 -18.31
CA VAL B 316 28.55 -48.43 -17.42
C VAL B 316 29.23 -49.70 -17.97
N PHE B 317 29.99 -50.38 -17.11
CA PHE B 317 30.56 -51.67 -17.47
C PHE B 317 29.80 -52.81 -16.77
N GLN B 318 29.16 -52.50 -15.64
CA GLN B 318 28.43 -53.48 -14.83
C GLN B 318 27.18 -52.85 -14.22
N PRO B 319 26.01 -53.06 -14.84
CA PRO B 319 24.74 -52.48 -14.40
C PRO B 319 24.28 -52.97 -13.03
N GLY B 320 24.76 -54.14 -12.63
CA GLY B 320 24.39 -54.76 -11.35
C GLY B 320 25.47 -54.65 -10.29
N SER B 321 25.58 -55.66 -9.42
CA SER B 321 26.50 -55.69 -8.29
C SER B 321 27.95 -55.49 -8.70
N MET B 322 28.56 -54.46 -8.13
CA MET B 322 29.91 -54.06 -8.48
C MET B 322 30.54 -53.34 -7.27
N SER B 323 31.37 -54.05 -6.51
CA SER B 323 32.03 -53.51 -5.33
C SER B 323 33.38 -52.91 -5.69
N TYR B 324 34.51 -53.57 -5.35
CA TYR B 324 35.85 -53.01 -5.66
C TYR B 324 36.21 -53.19 -7.12
N SER B 325 36.90 -52.22 -7.72
CA SER B 325 37.45 -52.36 -9.06
C SER B 325 38.83 -51.74 -9.14
N THR B 326 39.68 -52.26 -10.00
CA THR B 326 40.98 -51.61 -10.24
C THR B 326 41.35 -51.65 -11.74
N LEU B 327 41.88 -50.52 -12.22
CA LEU B 327 42.21 -50.35 -13.67
C LEU B 327 43.70 -50.47 -13.91
N THR B 328 44.08 -50.85 -15.14
CA THR B 328 45.47 -50.86 -15.53
C THR B 328 45.58 -50.68 -17.04
N ALA B 329 46.57 -49.90 -17.47
CA ALA B 329 46.85 -49.65 -18.88
C ALA B 329 47.63 -50.78 -19.49
N LEU B 330 47.11 -51.30 -20.62
CA LEU B 330 47.73 -52.47 -21.27
C LEU B 330 48.59 -52.13 -22.49
N PRO B 331 49.65 -52.93 -22.75
CA PRO B 331 50.59 -52.74 -23.85
C PRO B 331 49.92 -52.55 -25.22
N ASP B 332 48.75 -53.14 -25.42
CA ASP B 332 48.01 -52.96 -26.68
C ASP B 332 47.14 -51.70 -26.81
N GLY B 333 47.08 -50.85 -25.80
CA GLY B 333 46.24 -49.65 -25.84
C GLY B 333 44.88 -49.82 -25.17
N THR B 334 44.58 -51.06 -24.79
CA THR B 334 43.32 -51.37 -24.15
C THR B 334 43.57 -51.26 -22.66
N TYR B 335 42.53 -51.54 -21.86
CA TYR B 335 42.57 -51.38 -20.41
C TYR B 335 42.09 -52.63 -19.66
N GLY B 336 42.86 -53.00 -18.64
CA GLY B 336 42.56 -54.14 -17.78
C GLY B 336 41.62 -53.64 -16.67
N LEU B 337 40.64 -54.45 -16.30
CA LEU B 337 39.67 -54.03 -15.28
C LEU B 337 39.27 -55.19 -14.39
N LEU B 338 39.93 -55.29 -13.25
CA LEU B 338 39.70 -56.38 -12.28
C LEU B 338 38.69 -55.93 -11.20
N TYR B 339 37.54 -56.61 -11.12
CA TYR B 339 36.48 -56.16 -10.21
C TYR B 339 35.71 -57.23 -9.48
N GLU B 340 34.86 -56.82 -8.53
CA GLU B 340 34.08 -57.75 -7.71
C GLU B 340 32.61 -57.73 -8.15
N PRO B 341 32.15 -58.79 -8.86
CA PRO B 341 30.75 -58.85 -9.30
C PRO B 341 29.81 -59.48 -8.24
N GLY B 342 30.35 -59.83 -7.06
CA GLY B 342 29.59 -60.46 -5.97
C GLY B 342 29.87 -61.94 -5.75
N THR B 343 30.31 -62.63 -6.81
CA THR B 343 30.57 -64.06 -6.77
C THR B 343 32.05 -64.37 -6.80
N GLY B 344 32.89 -63.33 -6.72
CA GLY B 344 34.35 -63.51 -6.67
C GLY B 344 35.09 -62.38 -7.34
N ILE B 345 36.00 -62.76 -8.24
CA ILE B 345 36.86 -61.82 -8.96
C ILE B 345 36.68 -62.01 -10.46
N ARG B 346 36.53 -60.92 -11.16
CA ARG B 346 36.23 -60.97 -12.59
C ARG B 346 37.17 -60.05 -13.39
N TYR B 347 37.68 -60.51 -14.54
CA TYR B 347 38.57 -59.65 -15.36
C TYR B 347 37.88 -59.11 -16.61
N ALA B 348 37.89 -57.78 -16.79
CA ALA B 348 37.35 -57.17 -18.00
C ALA B 348 38.37 -56.46 -18.91
N ASN B 349 38.13 -56.57 -20.22
CA ASN B 349 38.92 -55.83 -21.16
C ASN B 349 38.03 -54.86 -21.95
N PHE B 350 38.51 -53.63 -22.13
CA PHE B 350 37.79 -52.62 -22.89
C PHE B 350 38.77 -51.64 -23.54
N ASN B 351 38.31 -50.98 -24.60
CA ASN B 351 39.11 -49.96 -25.29
C ASN B 351 38.40 -48.61 -25.31
N LEU B 352 39.10 -47.57 -25.78
CA LEU B 352 38.54 -46.23 -25.70
C LEU B 352 37.36 -46.06 -26.64
N ALA B 353 37.40 -46.77 -27.76
CA ALA B 353 36.27 -46.90 -28.66
C ALA B 353 34.99 -47.31 -27.93
N TRP B 354 35.04 -48.38 -27.13
CA TRP B 354 33.87 -48.86 -26.38
C TRP B 354 33.30 -47.79 -25.45
N LEU B 355 34.21 -47.08 -24.78
CA LEU B 355 33.89 -45.99 -23.87
C LEU B 355 33.02 -44.96 -24.53
N GLY B 356 33.09 -44.94 -25.87
CA GLY B 356 32.27 -44.10 -26.75
C GLY B 356 32.19 -42.61 -26.41
N GLY B 357 33.32 -42.02 -26.06
CA GLY B 357 33.30 -40.64 -25.58
C GLY B 357 33.99 -39.63 -26.46
N ILE B 358 33.71 -38.35 -26.18
CA ILE B 358 34.44 -37.20 -26.77
C ILE B 358 34.88 -36.26 -25.62
N CYS B 359 36.12 -35.81 -25.66
CA CYS B 359 36.70 -34.91 -24.66
C CYS B 359 36.18 -33.51 -24.89
N ALA B 360 34.90 -33.33 -24.66
CA ALA B 360 34.34 -32.00 -24.85
C ALA B 360 33.41 -31.70 -23.65
N PRO B 361 33.98 -31.49 -22.44
CA PRO B 361 33.13 -31.15 -21.30
C PRO B 361 32.44 -29.81 -21.53
N PHE B 362 31.26 -29.65 -20.95
CA PHE B 362 30.50 -28.42 -21.14
C PHE B 362 29.76 -28.10 -19.86
N THR B 363 29.49 -26.81 -19.65
CA THR B 363 28.74 -26.31 -18.51
C THR B 363 27.39 -25.73 -18.94
N ILE B 364 26.39 -25.98 -18.08
CA ILE B 364 25.14 -25.24 -18.11
C ILE B 364 24.95 -24.77 -16.69
N PRO B 365 24.80 -23.44 -16.51
CA PRO B 365 24.58 -22.91 -15.19
C PRO B 365 23.27 -23.47 -14.59
N ASP B 366 23.27 -23.62 -13.28
CA ASP B 366 22.06 -23.89 -12.52
C ASP B 366 21.15 -22.65 -12.67
N VAL B 367 19.85 -22.83 -12.60
CA VAL B 367 18.98 -21.70 -12.84
C VAL B 367 17.76 -21.75 -11.91
N ALA B 368 17.22 -20.58 -11.59
CA ALA B 368 16.01 -20.46 -10.82
C ALA B 368 14.94 -19.69 -11.59
N LEU B 369 13.75 -20.26 -11.67
CA LEU B 369 12.57 -19.51 -12.20
C LEU B 369 11.28 -19.88 -11.44
N GLU B 370 10.20 -19.16 -11.69
CA GLU B 370 8.88 -19.47 -11.17
C GLU B 370 8.22 -20.56 -12.00
N PRO B 371 7.30 -21.35 -11.40
CA PRO B 371 6.59 -22.28 -12.27
C PRO B 371 5.80 -21.46 -13.31
N GLY B 372 5.69 -21.99 -14.53
CA GLY B 372 4.94 -21.30 -15.58
C GLY B 372 5.75 -20.26 -16.31
N GLN B 373 7.06 -20.36 -16.17
CA GLN B 373 7.98 -19.46 -16.80
C GLN B 373 9.06 -20.21 -17.60
N GLN B 374 9.77 -19.50 -18.46
CA GLN B 374 10.88 -20.09 -19.19
C GLN B 374 12.10 -19.18 -19.05
N VAL B 375 13.28 -19.78 -19.11
CA VAL B 375 14.52 -18.99 -19.19
C VAL B 375 15.40 -19.65 -20.26
N THR B 376 16.39 -18.91 -20.75
CA THR B 376 17.39 -19.39 -21.67
C THR B 376 18.78 -19.17 -21.03
N VAL B 377 19.66 -20.15 -21.13
CA VAL B 377 20.93 -20.07 -20.40
C VAL B 377 22.11 -20.31 -21.36
N PRO B 378 23.27 -19.67 -21.08
CA PRO B 378 24.41 -19.97 -21.95
C PRO B 378 25.04 -21.37 -21.72
N VAL B 379 25.41 -22.02 -22.84
CA VAL B 379 26.22 -23.24 -22.86
C VAL B 379 27.65 -22.92 -23.31
N ALA B 380 28.63 -23.47 -22.60
CA ALA B 380 30.06 -23.32 -22.98
C ALA B 380 30.74 -24.67 -23.05
N VAL B 381 31.21 -25.03 -24.24
CA VAL B 381 31.87 -26.31 -24.48
C VAL B 381 33.36 -26.10 -24.67
N THR B 382 34.19 -26.81 -23.91
CA THR B 382 35.64 -26.72 -24.03
C THR B 382 36.08 -27.96 -24.80
N ASN B 383 36.44 -27.77 -26.06
CA ASN B 383 36.85 -28.91 -26.87
C ASN B 383 38.30 -29.33 -26.63
N GLN B 384 38.46 -30.40 -25.85
CA GLN B 384 39.78 -30.92 -25.53
C GLN B 384 40.18 -32.09 -26.42
N SER B 385 39.34 -32.39 -27.41
CA SER B 385 39.49 -33.60 -28.24
C SER B 385 40.36 -33.42 -29.45
N GLY B 386 40.69 -32.17 -29.77
CA GLY B 386 41.40 -31.85 -31.02
C GLY B 386 40.76 -32.33 -32.32
N ILE B 387 39.45 -32.57 -32.31
CA ILE B 387 38.74 -32.83 -33.57
C ILE B 387 37.58 -31.87 -33.81
N ALA B 388 37.23 -31.69 -35.07
CA ALA B 388 36.14 -30.81 -35.46
C ALA B 388 34.86 -31.60 -35.63
N VAL B 389 33.76 -31.02 -35.16
CA VAL B 389 32.43 -31.60 -35.31
C VAL B 389 31.57 -30.52 -35.96
N PRO B 390 31.30 -30.64 -37.28
CA PRO B 390 30.40 -29.70 -37.98
C PRO B 390 29.00 -29.54 -37.37
N LYS B 391 28.35 -30.65 -37.03
CA LYS B 391 26.96 -30.63 -36.58
C LYS B 391 26.79 -31.31 -35.21
N PRO B 392 27.23 -30.63 -34.13
CA PRO B 392 27.04 -31.19 -32.78
C PRO B 392 25.57 -31.05 -32.39
N SER B 393 25.11 -31.84 -31.43
CA SER B 393 23.72 -31.72 -31.00
C SER B 393 23.57 -31.93 -29.51
N LEU B 394 22.53 -31.33 -28.98
CA LEU B 394 22.31 -31.33 -27.54
C LEU B 394 20.95 -31.95 -27.22
N GLN B 395 20.97 -32.87 -26.27
CA GLN B 395 19.81 -33.61 -25.86
C GLN B 395 19.70 -33.48 -24.35
N LEU B 396 18.60 -32.87 -23.90
CA LEU B 396 18.37 -32.60 -22.46
C LEU B 396 17.31 -33.55 -21.89
N ASP B 397 17.53 -34.01 -20.67
CA ASP B 397 16.64 -34.98 -20.06
C ASP B 397 16.01 -34.31 -18.83
N ALA B 398 14.74 -33.92 -18.95
CA ALA B 398 14.04 -33.34 -17.80
C ALA B 398 12.71 -34.04 -17.59
N SER B 399 11.86 -33.53 -16.68
CA SER B 399 10.56 -34.16 -16.43
C SER B 399 9.73 -34.13 -17.72
N PRO B 400 9.18 -35.30 -18.13
CA PRO B 400 8.42 -35.49 -19.40
C PRO B 400 7.56 -34.32 -19.93
N ASP B 401 7.03 -33.50 -19.02
CA ASP B 401 6.09 -32.39 -19.32
C ASP B 401 6.73 -31.00 -19.44
N TRP B 402 7.98 -30.90 -19.02
CA TRP B 402 8.76 -29.72 -19.30
C TRP B 402 9.18 -29.76 -20.77
N GLN B 403 9.46 -28.59 -21.32
CA GLN B 403 10.04 -28.52 -22.63
C GLN B 403 11.42 -27.92 -22.38
N VAL B 404 12.43 -28.69 -22.73
CA VAL B 404 13.79 -28.30 -22.53
C VAL B 404 14.51 -28.66 -23.82
N GLN B 405 15.24 -27.70 -24.36
CA GLN B 405 15.90 -27.90 -25.65
C GLN B 405 17.03 -26.90 -25.89
N GLY B 406 17.96 -27.29 -26.74
CA GLY B 406 19.19 -26.54 -26.93
C GLY B 406 20.01 -27.00 -28.12
N SER B 407 21.16 -26.34 -28.28
CA SER B 407 21.95 -26.43 -29.51
C SER B 407 23.28 -25.76 -29.25
N VAL B 408 24.31 -26.26 -29.90
CA VAL B 408 25.63 -25.67 -29.79
C VAL B 408 26.20 -25.43 -31.17
N GLU B 409 27.02 -24.41 -31.31
CA GLU B 409 27.82 -24.16 -32.53
C GLU B 409 28.87 -25.25 -32.81
N PRO B 410 29.31 -25.38 -34.08
CA PRO B 410 30.33 -26.37 -34.47
C PRO B 410 31.60 -26.40 -33.60
N LEU B 411 32.16 -27.60 -33.43
CA LEU B 411 33.32 -27.79 -32.58
C LEU B 411 34.54 -27.63 -33.44
N MET B 412 35.47 -26.77 -33.01
CA MET B 412 36.71 -26.59 -33.73
C MET B 412 37.88 -27.07 -32.86
N PRO B 413 38.91 -27.69 -33.49
CA PRO B 413 40.03 -28.26 -32.75
C PRO B 413 40.67 -27.24 -31.81
N GLY B 414 40.89 -27.65 -30.57
CA GLY B 414 41.48 -26.79 -29.54
C GLY B 414 40.72 -25.55 -29.12
N ARG B 415 39.38 -25.50 -29.33
CA ARG B 415 38.58 -24.30 -29.04
C ARG B 415 37.31 -24.47 -28.23
N GLN B 416 36.81 -23.34 -27.73
CA GLN B 416 35.59 -23.31 -26.97
C GLN B 416 34.43 -22.97 -27.90
N ALA B 417 33.28 -23.59 -27.66
CA ALA B 417 32.05 -23.41 -28.46
C ALA B 417 30.88 -22.88 -27.62
N LYS B 418 30.13 -21.94 -28.21
CA LYS B 418 28.95 -21.35 -27.58
C LYS B 418 27.66 -22.11 -27.89
N GLY B 419 26.71 -22.04 -26.95
CA GLY B 419 25.37 -22.61 -27.11
C GLY B 419 24.34 -21.92 -26.24
N GLN B 420 23.09 -22.40 -26.35
CA GLN B 420 21.97 -21.98 -25.48
C GLN B 420 21.06 -23.16 -25.16
N VAL B 421 20.47 -23.14 -23.95
CA VAL B 421 19.40 -24.07 -23.56
C VAL B 421 18.20 -23.23 -23.04
N THR B 422 17.03 -23.51 -23.59
CA THR B 422 15.75 -22.93 -23.13
C THR B 422 14.98 -23.97 -22.34
N ILE B 423 14.48 -23.57 -21.18
CA ILE B 423 13.82 -24.46 -20.25
C ILE B 423 12.46 -23.83 -19.96
N THR B 424 11.38 -24.54 -20.27
CA THR B 424 10.04 -24.08 -19.93
C THR B 424 9.48 -24.98 -18.84
N VAL B 425 9.19 -24.42 -17.67
CA VAL B 425 8.52 -25.18 -16.59
C VAL B 425 6.99 -24.95 -16.59
N PRO B 426 6.18 -26.03 -16.70
CA PRO B 426 4.71 -25.86 -16.67
C PRO B 426 4.17 -25.17 -15.43
N ALA B 427 3.05 -24.47 -15.57
CA ALA B 427 2.31 -23.94 -14.41
C ALA B 427 1.83 -25.14 -13.56
N GLY B 428 1.86 -25.02 -12.24
CA GLY B 428 1.41 -26.15 -11.44
C GLY B 428 2.54 -27.08 -11.07
N THR B 429 3.75 -26.81 -11.59
CA THR B 429 4.97 -27.55 -11.18
C THR B 429 5.22 -27.33 -9.67
N THR B 430 5.30 -28.41 -8.94
CA THR B 430 5.61 -28.42 -7.51
C THR B 430 6.95 -27.70 -7.32
N PRO B 431 7.06 -26.83 -6.28
CA PRO B 431 8.32 -26.19 -5.93
C PRO B 431 9.35 -27.21 -5.69
N GLY B 432 10.58 -26.96 -6.10
CA GLY B 432 11.66 -27.89 -5.77
C GLY B 432 12.89 -27.61 -6.60
N ARG B 433 13.90 -28.44 -6.40
CA ARG B 433 15.15 -28.43 -7.13
C ARG B 433 15.14 -29.63 -8.09
N TYR B 434 15.27 -29.37 -9.36
CA TYR B 434 15.12 -30.44 -10.34
C TYR B 434 16.40 -30.58 -11.09
N ARG B 435 16.88 -31.82 -11.17
CA ARG B 435 18.10 -32.15 -11.88
C ARG B 435 17.78 -32.39 -13.37
N VAL B 436 18.45 -31.68 -14.27
CA VAL B 436 18.29 -31.90 -15.72
C VAL B 436 19.60 -32.45 -16.27
N GLY B 437 19.52 -33.56 -17.00
CA GLY B 437 20.65 -34.15 -17.68
C GLY B 437 20.85 -33.50 -19.05
N ALA B 438 22.10 -33.36 -19.47
CA ALA B 438 22.41 -32.87 -20.80
C ALA B 438 23.46 -33.77 -21.47
N THR B 439 23.23 -34.13 -22.73
CA THR B 439 24.20 -34.90 -23.57
C THR B 439 24.62 -34.13 -24.84
N LEU B 440 25.91 -33.87 -25.00
CA LEU B 440 26.46 -33.42 -26.29
C LEU B 440 26.72 -34.66 -27.16
N ARG B 441 25.95 -34.77 -28.24
CA ARG B 441 26.06 -35.92 -29.14
C ARG B 441 26.78 -35.55 -30.43
N THR B 442 27.88 -36.25 -30.70
CA THR B 442 28.65 -36.08 -31.93
C THR B 442 28.89 -37.48 -32.54
N SER B 443 29.21 -37.52 -33.83
CA SER B 443 29.58 -38.78 -34.49
C SER B 443 30.95 -39.27 -34.01
N ALA B 444 31.70 -38.38 -33.36
CA ALA B 444 33.00 -38.70 -32.77
C ALA B 444 32.91 -39.21 -31.32
N GLY B 445 31.68 -39.32 -30.80
CA GLY B 445 31.46 -39.79 -29.44
C GLY B 445 30.80 -38.70 -28.63
N ASN B 446 30.30 -39.09 -27.45
CA ASN B 446 29.45 -38.23 -26.62
C ASN B 446 30.05 -37.70 -25.32
N ALA B 447 29.46 -36.60 -24.85
CA ALA B 447 29.86 -35.98 -23.58
C ALA B 447 28.61 -35.63 -22.80
N SER B 448 28.71 -35.53 -21.50
CA SER B 448 27.53 -35.19 -20.74
C SER B 448 27.78 -34.32 -19.49
N THR B 449 26.69 -33.72 -19.03
CA THR B 449 26.73 -32.88 -17.86
C THR B 449 25.33 -32.83 -17.23
N THR B 450 25.21 -32.18 -16.10
CA THR B 450 23.91 -31.91 -15.49
C THR B 450 23.90 -30.50 -14.94
N PHE B 451 22.70 -29.95 -14.80
CA PHE B 451 22.51 -28.70 -14.09
C PHE B 451 21.17 -28.84 -13.34
N THR B 452 20.92 -27.87 -12.46
CA THR B 452 19.79 -27.93 -11.58
C THR B 452 18.86 -26.74 -11.88
N VAL B 453 17.55 -27.00 -11.98
CA VAL B 453 16.55 -25.97 -12.16
C VAL B 453 15.73 -25.82 -10.87
N THR B 454 15.78 -24.64 -10.26
CA THR B 454 15.08 -24.42 -8.99
C THR B 454 13.79 -23.69 -9.33
N VAL B 455 12.67 -24.27 -8.88
CA VAL B 455 11.33 -23.83 -9.27
C VAL B 455 10.63 -23.39 -7.98
N GLY B 456 10.18 -22.13 -7.93
CA GLY B 456 9.35 -21.70 -6.82
C GLY B 456 9.95 -21.82 -5.42
N LEU B 457 11.27 -21.75 -5.34
CA LEU B 457 12.00 -21.70 -4.05
C LEU B 457 12.76 -20.40 -3.85
N LEU B 458 12.93 -19.99 -2.60
CA LEU B 458 13.70 -18.79 -2.32
C LEU B 458 15.20 -18.99 -2.46
N ASP B 459 15.94 -17.89 -2.70
CA ASP B 459 17.40 -17.93 -2.87
C ASP B 459 18.13 -18.21 -1.57
N GLN B 460 18.71 -19.39 -1.42
CA GLN B 460 19.40 -19.75 -0.17
C GLN B 460 20.68 -18.90 0.12
N ALA B 461 21.25 -18.34 -0.94
CA ALA B 461 22.46 -17.51 -0.86
C ALA B 461 22.17 -16.16 -0.24
N ARG B 462 20.89 -15.87 -0.01
CA ARG B 462 20.47 -14.58 0.56
C ARG B 462 20.03 -14.77 2.02
N MET B 463 20.08 -16.03 2.44
CA MET B 463 19.59 -16.46 3.72
C MET B 463 20.76 -16.56 4.72
N SER B 464 20.44 -16.59 6.01
CA SER B 464 21.42 -16.78 7.07
C SER B 464 20.64 -17.35 8.23
N ILE B 465 21.34 -17.89 9.21
CA ILE B 465 20.71 -18.47 10.37
C ILE B 465 20.37 -17.33 11.36
N ALA B 466 19.08 -17.15 11.62
CA ALA B 466 18.63 -16.25 12.69
C ALA B 466 18.98 -16.80 14.09
N ASP B 467 18.75 -18.10 14.28
CA ASP B 467 19.04 -18.76 15.57
C ASP B 467 18.99 -20.28 15.44
N VAL B 468 19.69 -20.95 16.34
CA VAL B 468 19.57 -22.38 16.48
C VAL B 468 19.64 -22.66 17.99
N ASP B 469 18.77 -23.55 18.49
CA ASP B 469 18.85 -23.95 19.91
C ASP B 469 20.24 -24.53 20.33
N SER B 470 20.89 -25.20 19.38
CA SER B 470 21.99 -26.18 19.63
C SER B 470 22.72 -26.67 18.36
N GLU B 471 24.02 -26.80 18.40
CA GLU B 471 24.75 -27.27 17.22
C GLU B 471 26.09 -27.79 17.65
N GLU B 472 26.48 -28.89 16.99
CA GLU B 472 27.79 -29.52 17.12
C GLU B 472 28.80 -28.93 16.18
N THR B 473 29.94 -28.55 16.74
CA THR B 473 31.05 -28.03 15.95
C THR B 473 32.36 -28.72 16.37
N ALA B 474 32.41 -29.22 17.60
CA ALA B 474 33.68 -29.66 18.21
C ALA B 474 34.15 -30.97 17.61
N ARG B 475 33.27 -31.95 17.55
CA ARG B 475 33.62 -33.28 17.03
C ARG B 475 33.25 -33.57 15.57
N GLU B 476 32.40 -32.72 14.99
CA GLU B 476 32.05 -32.79 13.56
C GLU B 476 31.42 -31.47 13.16
N ASP B 477 31.32 -31.26 11.85
CA ASP B 477 30.78 -30.04 11.30
C ASP B 477 29.28 -30.20 11.23
N GLY B 478 28.60 -29.83 12.30
CA GLY B 478 27.11 -29.90 12.36
C GLY B 478 26.56 -28.48 12.51
N ARG B 479 27.27 -27.51 11.93
CA ARG B 479 26.81 -26.10 11.88
C ARG B 479 25.37 -25.96 11.38
N ALA B 480 24.58 -25.09 12.01
CA ALA B 480 23.22 -24.76 11.49
C ALA B 480 23.22 -24.28 10.03
N SER B 481 24.22 -23.50 9.61
CA SER B 481 24.31 -22.95 8.22
C SER B 481 24.46 -24.02 7.10
N ASN B 482 24.85 -25.23 7.48
CA ASN B 482 24.81 -26.38 6.58
C ASN B 482 23.39 -26.63 5.98
N VAL B 483 22.30 -26.14 6.59
CA VAL B 483 20.95 -26.41 5.99
C VAL B 483 20.63 -25.54 4.79
N ILE B 484 21.41 -24.47 4.57
CA ILE B 484 21.13 -23.49 3.50
C ILE B 484 22.25 -23.37 2.49
N ASP B 485 23.06 -24.44 2.42
CA ASP B 485 24.23 -24.48 1.52
C ASP B 485 23.98 -25.20 0.22
N GLY B 486 22.79 -25.77 0.06
CA GLY B 486 22.39 -26.37 -1.22
C GLY B 486 22.88 -27.78 -1.47
N ASN B 487 23.25 -28.48 -0.40
CA ASN B 487 24.00 -29.72 -0.45
C ASN B 487 23.40 -30.76 0.53
N PRO B 488 22.66 -31.78 0.03
CA PRO B 488 22.19 -32.82 0.95
C PRO B 488 23.28 -33.66 1.72
N SER B 489 24.57 -33.54 1.35
CA SER B 489 25.70 -34.25 2.03
C SER B 489 26.31 -33.49 3.24
N THR B 490 25.76 -32.32 3.57
CA THR B 490 26.19 -31.60 4.75
C THR B 490 24.93 -31.30 5.57
N PHE B 491 25.06 -31.26 6.89
CA PHE B 491 23.89 -31.24 7.76
C PHE B 491 24.17 -30.41 9.01
N TRP B 492 23.12 -29.76 9.52
CA TRP B 492 23.01 -29.30 10.90
C TRP B 492 22.80 -30.52 11.80
N HIS B 493 23.50 -30.53 12.93
CA HIS B 493 23.34 -31.53 13.96
C HIS B 493 23.45 -30.74 15.27
N THR B 494 22.48 -30.95 16.14
CA THR B 494 22.44 -30.33 17.47
C THR B 494 23.59 -30.97 18.26
N GLU B 495 24.16 -30.22 19.18
CA GLU B 495 25.30 -30.67 19.98
C GLU B 495 25.23 -32.09 20.53
N TRP B 496 26.29 -32.85 20.35
CA TRP B 496 26.30 -34.19 20.87
C TRP B 496 27.46 -34.54 21.74
N SER B 497 28.58 -33.84 21.57
CA SER B 497 29.85 -34.31 22.11
C SER B 497 30.03 -34.03 23.60
N ARG B 498 29.07 -33.27 24.16
CA ARG B 498 28.94 -33.03 25.61
C ARG B 498 27.61 -33.63 26.05
N ALA B 499 27.63 -34.36 27.16
CA ALA B 499 26.47 -35.06 27.75
C ALA B 499 25.38 -34.12 28.25
N ASP B 500 25.77 -32.91 28.63
CA ASP B 500 24.80 -31.89 29.02
C ASP B 500 24.16 -31.20 27.82
N ALA B 501 24.44 -31.68 26.61
CA ALA B 501 23.70 -31.19 25.44
C ALA B 501 22.19 -31.39 25.66
N PRO B 502 21.34 -30.42 25.23
CA PRO B 502 19.88 -30.62 25.36
C PRO B 502 19.29 -31.65 24.42
N GLY B 503 18.28 -32.38 24.89
CA GLY B 503 17.43 -33.16 23.99
C GLY B 503 16.30 -32.29 23.43
N TYR B 504 15.21 -32.91 23.00
CA TYR B 504 14.12 -32.15 22.36
C TYR B 504 13.36 -31.24 23.34
N PRO B 505 12.68 -30.19 22.84
CA PRO B 505 12.56 -29.79 21.45
C PRO B 505 13.79 -29.05 20.91
N HIS B 506 14.00 -29.21 19.61
CA HIS B 506 15.02 -28.47 18.88
C HIS B 506 14.36 -27.37 17.99
N ARG B 507 15.18 -26.43 17.53
CA ARG B 507 14.69 -25.25 16.84
C ARG B 507 15.77 -24.69 15.91
N ILE B 508 15.36 -24.27 14.72
CA ILE B 508 16.28 -23.59 13.81
C ILE B 508 15.45 -22.55 13.06
N SER B 509 15.97 -21.31 12.97
CA SER B 509 15.21 -20.22 12.34
C SER B 509 16.05 -19.54 11.28
N LEU B 510 15.41 -19.18 10.19
CA LEU B 510 16.11 -18.63 9.02
C LEU B 510 15.76 -17.17 8.78
N ASP B 511 16.79 -16.37 8.59
CA ASP B 511 16.61 -15.00 8.13
C ASP B 511 16.56 -15.16 6.60
N LEU B 512 15.52 -14.65 5.95
CA LEU B 512 15.34 -14.84 4.50
C LEU B 512 16.12 -13.82 3.67
N GLY B 513 16.64 -12.80 4.37
CA GLY B 513 17.43 -11.75 3.75
C GLY B 513 16.57 -10.60 3.31
N GLY B 514 15.27 -10.67 3.61
CA GLY B 514 14.33 -9.65 3.16
C GLY B 514 12.95 -10.25 3.18
N THR B 515 11.95 -9.41 2.92
CA THR B 515 10.55 -9.85 2.94
C THR B 515 10.14 -10.57 1.63
N HIS B 516 9.55 -11.74 1.77
CA HIS B 516 9.04 -12.46 0.61
C HIS B 516 7.65 -13.01 0.89
N THR B 517 6.87 -13.23 -0.16
CA THR B 517 5.70 -14.08 -0.13
C THR B 517 6.17 -15.51 -0.10
N ILE B 518 5.80 -16.21 0.99
CA ILE B 518 6.21 -17.61 1.23
C ILE B 518 4.97 -18.43 1.57
N SER B 519 5.01 -19.73 1.24
CA SER B 519 3.87 -20.66 1.40
C SER B 519 4.27 -22.08 1.80
N GLY B 520 5.50 -22.31 2.21
CA GLY B 520 5.81 -23.63 2.68
C GLY B 520 7.27 -23.78 3.00
N LEU B 521 7.61 -24.93 3.59
CA LEU B 521 8.97 -25.26 3.96
C LEU B 521 9.29 -26.70 3.53
N GLN B 522 10.48 -26.89 2.95
CA GLN B 522 10.97 -28.21 2.52
C GLN B 522 12.06 -28.71 3.46
N TYR B 523 11.81 -29.89 3.99
CA TYR B 523 12.72 -30.54 4.92
C TYR B 523 13.36 -31.77 4.29
N THR B 524 14.68 -31.83 4.38
CA THR B 524 15.45 -32.99 3.94
C THR B 524 16.24 -33.45 5.15
N ARG B 525 15.98 -34.70 5.54
CA ARG B 525 16.65 -35.32 6.69
C ARG B 525 18.13 -35.61 6.41
N ARG B 526 18.94 -35.78 7.43
CA ARG B 526 20.26 -36.33 7.24
C ARG B 526 20.22 -37.70 6.52
N GLN B 527 21.16 -37.88 5.61
CA GLN B 527 21.12 -38.96 4.63
C GLN B 527 21.98 -40.15 4.98
N ASN B 528 22.97 -39.94 5.84
CA ASN B 528 23.92 -40.98 6.19
C ASN B 528 23.81 -41.51 7.63
N SER B 529 22.71 -41.18 8.30
CA SER B 529 22.38 -41.66 9.66
C SER B 529 20.88 -41.47 9.91
N ALA B 530 20.30 -42.35 10.72
CA ALA B 530 18.85 -42.49 10.83
C ALA B 530 18.29 -42.28 12.24
N ASN B 531 19.14 -41.93 13.20
CA ASN B 531 18.65 -41.74 14.54
C ASN B 531 18.55 -40.28 14.98
N GLU B 532 18.60 -39.33 14.03
CA GLU B 532 18.42 -37.96 14.39
C GLU B 532 17.38 -37.36 13.48
N GLN B 533 16.34 -38.13 13.21
CA GLN B 533 15.27 -37.70 12.31
C GLN B 533 14.09 -37.02 13.00
N VAL B 534 13.85 -35.75 12.66
CA VAL B 534 12.68 -35.02 13.10
C VAL B 534 11.41 -35.81 12.78
N ALA B 535 10.52 -35.88 13.78
CA ALA B 535 9.19 -36.46 13.59
C ALA B 535 8.22 -35.28 13.68
N ASP B 536 7.60 -35.08 14.84
CA ASP B 536 6.68 -33.94 15.08
C ASP B 536 7.34 -32.60 14.93
N TYR B 537 6.61 -31.67 14.28
CA TYR B 537 7.14 -30.34 13.99
C TYR B 537 6.01 -29.28 14.04
N GLU B 538 6.42 -28.03 14.29
CA GLU B 538 5.58 -26.82 14.24
C GLU B 538 6.45 -25.82 13.48
N ILE B 539 5.82 -25.07 12.58
CA ILE B 539 6.54 -24.05 11.80
C ILE B 539 5.93 -22.71 12.18
N TYR B 540 6.78 -21.70 12.37
CA TYR B 540 6.32 -20.32 12.58
C TYR B 540 6.90 -19.40 11.54
N THR B 541 6.24 -18.25 11.36
CA THR B 541 6.80 -17.19 10.54
C THR B 541 6.87 -15.88 11.27
N SER B 542 7.65 -14.96 10.73
CA SER B 542 7.76 -13.68 11.36
C SER B 542 8.12 -12.57 10.41
N LEU B 543 7.61 -11.40 10.70
CA LEU B 543 8.05 -10.20 10.01
C LEU B 543 9.23 -9.47 10.67
N ASN B 544 9.31 -9.51 11.99
CA ASN B 544 10.30 -8.70 12.66
C ASN B 544 11.42 -9.51 13.29
N GLY B 545 11.21 -10.82 13.37
CA GLY B 545 12.18 -11.74 13.95
C GLY B 545 12.05 -11.96 15.45
N THR B 546 11.10 -11.27 16.09
CA THR B 546 10.90 -11.34 17.55
C THR B 546 9.47 -11.83 17.86
N THR B 547 8.50 -11.36 17.07
CA THR B 547 7.11 -11.78 17.16
C THR B 547 6.89 -12.94 16.16
N TRP B 548 6.66 -14.14 16.69
CA TRP B 548 6.51 -15.35 15.87
C TRP B 548 5.04 -15.80 15.70
N ASP B 549 4.58 -15.90 14.46
CA ASP B 549 3.18 -16.18 14.18
C ASP B 549 2.99 -17.69 13.93
N GLY B 550 1.97 -18.29 14.54
CA GLY B 550 1.73 -19.71 14.33
C GLY B 550 1.40 -20.49 15.59
N PRO B 551 1.51 -21.81 15.51
CA PRO B 551 1.99 -22.53 14.32
C PRO B 551 1.23 -22.24 13.01
N VAL B 552 1.97 -22.07 11.91
CA VAL B 552 1.31 -21.87 10.62
C VAL B 552 1.18 -23.21 9.88
N ALA B 553 2.06 -24.17 10.18
CA ALA B 553 1.90 -25.54 9.68
C ALA B 553 2.38 -26.44 10.82
N SER B 554 1.97 -27.71 10.83
CA SER B 554 2.44 -28.65 11.85
C SER B 554 2.24 -30.05 11.32
N GLY B 555 2.85 -31.04 11.94
CA GLY B 555 2.66 -32.39 11.46
C GLY B 555 3.75 -33.30 11.97
N ARG B 556 4.01 -34.36 11.21
CA ARG B 556 5.03 -35.29 11.61
C ARG B 556 5.65 -35.75 10.33
N PHE B 557 6.96 -35.53 10.19
CA PHE B 557 7.68 -35.91 8.98
C PHE B 557 7.80 -37.41 8.96
N THR B 558 8.13 -37.94 7.78
CA THR B 558 8.37 -39.35 7.63
C THR B 558 9.88 -39.56 7.54
N THR B 559 10.25 -40.81 7.29
CA THR B 559 11.64 -41.21 7.22
C THR B 559 12.19 -41.20 5.76
N SER B 560 11.35 -40.75 4.82
CA SER B 560 11.82 -40.48 3.46
C SER B 560 13.10 -39.71 3.41
N LEU B 561 13.99 -40.10 2.51
CA LEU B 561 15.23 -39.39 2.21
C LEU B 561 15.05 -38.13 1.33
N ALA B 562 13.90 -38.09 0.68
CA ALA B 562 13.52 -37.04 -0.23
C ALA B 562 13.03 -35.83 0.57
N PRO B 563 13.15 -34.64 -0.05
CA PRO B 563 12.62 -33.46 0.61
C PRO B 563 11.15 -33.60 0.97
N GLN B 564 10.75 -33.12 2.13
CA GLN B 564 9.35 -33.20 2.56
C GLN B 564 8.69 -31.81 2.71
N ARG B 565 7.55 -31.60 2.08
CA ARG B 565 6.89 -30.28 2.08
C ARG B 565 5.98 -30.04 3.28
N ALA B 566 6.06 -28.86 3.89
CA ALA B 566 5.07 -28.44 4.90
C ALA B 566 4.51 -27.09 4.39
N VAL B 567 3.21 -27.07 4.01
CA VAL B 567 2.62 -25.92 3.28
C VAL B 567 1.59 -25.16 4.12
N PHE B 568 1.38 -23.89 3.79
CA PHE B 568 0.47 -23.01 4.55
C PHE B 568 0.05 -21.92 3.57
N PRO B 569 -1.14 -21.34 3.79
CA PRO B 569 -1.52 -20.31 2.83
C PRO B 569 -0.51 -19.18 2.82
N ALA B 570 -0.26 -18.62 1.65
CA ALA B 570 0.82 -17.65 1.43
C ALA B 570 0.64 -16.34 2.17
N ARG B 571 1.74 -15.85 2.75
CA ARG B 571 1.81 -14.58 3.47
C ARG B 571 3.18 -13.97 3.25
N ASP B 572 3.31 -12.66 3.47
CA ASP B 572 4.64 -12.06 3.51
C ASP B 572 5.34 -12.46 4.80
N ALA B 573 6.68 -12.54 4.78
CA ALA B 573 7.46 -12.77 5.98
C ALA B 573 8.95 -12.58 5.69
N ARG B 574 9.72 -12.33 6.75
CA ARG B 574 11.17 -12.24 6.56
C ARG B 574 11.91 -13.37 7.28
N TYR B 575 11.20 -14.12 8.13
CA TYR B 575 11.80 -15.21 8.88
C TYR B 575 10.83 -16.37 8.97
N ILE B 576 11.42 -17.54 9.17
CA ILE B 576 10.73 -18.78 9.30
C ILE B 576 11.47 -19.65 10.30
N ARG B 577 10.70 -20.35 11.12
CA ARG B 577 11.24 -21.12 12.22
C ARG B 577 10.64 -22.49 12.20
N LEU B 578 11.53 -23.46 12.32
CA LEU B 578 11.14 -24.84 12.46
C LEU B 578 11.40 -25.22 13.90
N VAL B 579 10.38 -25.68 14.62
CA VAL B 579 10.55 -26.29 15.93
C VAL B 579 10.40 -27.79 15.68
N ALA B 580 11.47 -28.54 15.94
CA ALA B 580 11.44 -30.02 15.98
C ALA B 580 11.03 -30.52 17.37
N LEU B 581 9.83 -31.09 17.48
CA LEU B 581 9.29 -31.45 18.78
C LEU B 581 9.67 -32.86 19.22
N SER B 582 10.05 -33.68 18.25
CA SER B 582 10.38 -35.10 18.52
C SER B 582 11.22 -35.78 17.44
N GLU B 583 12.01 -36.79 17.82
CA GLU B 583 12.76 -37.66 16.88
C GLU B 583 11.91 -38.92 16.55
N GLN B 584 12.15 -39.56 15.40
CA GLN B 584 11.27 -40.63 14.90
C GLN B 584 11.10 -41.80 15.89
N THR B 585 12.18 -42.10 16.60
CA THR B 585 12.20 -43.15 17.61
C THR B 585 12.76 -42.58 18.90
N GLY B 586 12.42 -41.33 19.17
CA GLY B 586 12.56 -40.81 20.53
C GLY B 586 13.99 -40.57 20.92
N HIS B 587 14.87 -40.44 19.93
CA HIS B 587 16.24 -40.13 20.24
C HIS B 587 16.46 -38.66 20.60
N LYS B 588 17.66 -38.35 21.07
CA LYS B 588 18.02 -37.05 21.63
C LYS B 588 18.30 -35.92 20.61
N TYR B 589 18.83 -36.25 19.44
CA TYR B 589 19.38 -35.24 18.53
C TYR B 589 18.49 -34.99 17.33
N ALA B 590 18.62 -33.80 16.74
CA ALA B 590 18.05 -33.51 15.42
C ALA B 590 19.18 -33.32 14.46
N ALA B 591 19.01 -33.83 13.25
CA ALA B 591 19.89 -33.47 12.12
C ALA B 591 19.10 -33.11 10.86
N VAL B 592 19.49 -32.02 10.19
CA VAL B 592 18.83 -31.60 8.95
C VAL B 592 19.88 -31.30 7.88
N ALA B 593 19.71 -31.96 6.74
CA ALA B 593 20.61 -31.75 5.60
C ALA B 593 20.31 -30.45 4.80
N GLU B 594 19.04 -30.18 4.53
CA GLU B 594 18.58 -28.98 3.80
C GLU B 594 17.28 -28.46 4.31
N LEU B 595 17.14 -27.15 4.28
CA LEU B 595 15.86 -26.46 4.41
C LEU B 595 15.72 -25.52 3.22
N GLU B 596 14.57 -25.63 2.54
CA GLU B 596 14.21 -24.80 1.38
C GLU B 596 12.89 -24.16 1.71
N VAL B 597 12.72 -22.96 1.18
CA VAL B 597 11.59 -22.10 1.54
C VAL B 597 10.83 -21.86 0.26
N GLU B 598 9.56 -22.22 0.26
CA GLU B 598 8.73 -22.05 -0.92
C GLU B 598 8.16 -20.64 -0.91
N GLY B 599 8.43 -19.89 -1.99
CA GLY B 599 7.95 -18.54 -2.14
C GLY B 599 8.59 -17.86 -3.32
N GLN B 600 8.27 -16.57 -3.48
CA GLN B 600 8.70 -15.80 -4.66
C GLN B 600 9.98 -15.02 -4.41
N ARG B 601 11.00 -15.32 -5.20
CA ARG B 601 12.32 -14.79 -4.90
C ARG B 601 12.46 -13.32 -5.28
N GLU C 2 -7.05 -0.87 26.88
CA GLU C 2 -5.73 -1.25 26.23
C GLU C 2 -6.03 -2.07 24.95
N PRO C 3 -5.01 -2.21 24.07
CA PRO C 3 -5.18 -3.03 22.88
C PRO C 3 -5.74 -4.42 23.21
N LEU C 4 -6.92 -4.72 22.66
CA LEU C 4 -7.56 -6.03 22.87
C LEU C 4 -7.87 -6.76 21.60
N TYR C 5 -7.41 -8.00 21.49
CA TYR C 5 -7.92 -8.92 20.43
C TYR C 5 -8.09 -10.34 21.03
N THR C 6 -9.31 -10.87 21.03
CA THR C 6 -9.54 -12.22 21.55
C THR C 6 -10.42 -12.99 20.58
N GLU C 7 -10.26 -14.31 20.57
CA GLU C 7 -11.05 -15.19 19.71
C GLU C 7 -11.50 -16.47 20.44
N GLN C 8 -12.69 -16.95 20.09
CA GLN C 8 -13.09 -18.33 20.42
C GLN C 8 -14.00 -18.90 19.34
N ASP C 9 -13.88 -20.21 19.10
CA ASP C 9 -14.70 -20.88 18.11
C ASP C 9 -16.08 -21.13 18.66
N LEU C 10 -17.12 -20.80 17.91
CA LEU C 10 -18.46 -21.01 18.36
C LEU C 10 -19.04 -22.32 17.72
N ALA C 11 -18.50 -22.75 16.58
CA ALA C 11 -18.96 -23.98 15.91
C ALA C 11 -17.72 -24.59 15.24
N VAL C 12 -17.53 -25.90 15.41
CA VAL C 12 -16.43 -26.59 14.75
C VAL C 12 -17.00 -27.72 13.91
N ASN C 13 -16.78 -27.69 12.59
CA ASN C 13 -17.16 -28.82 11.69
C ASN C 13 -16.98 -30.16 12.37
N GLY C 14 -18.08 -30.92 12.48
CA GLY C 14 -18.07 -32.27 13.01
C GLY C 14 -18.50 -32.33 14.46
N ARG C 15 -18.50 -31.16 15.09
CA ARG C 15 -18.94 -31.10 16.49
C ARG C 15 -20.38 -30.56 16.63
N GLU C 16 -21.16 -31.18 17.50
CA GLU C 16 -22.48 -30.70 17.90
C GLU C 16 -23.56 -30.83 16.84
N GLY C 17 -23.40 -31.79 15.93
CA GLY C 17 -24.59 -32.27 15.17
C GLY C 17 -24.55 -32.02 13.68
N PHE C 18 -23.50 -31.32 13.23
CA PHE C 18 -23.33 -31.04 11.79
C PHE C 18 -21.87 -31.26 11.37
N PRO C 19 -21.68 -31.83 10.16
CA PRO C 19 -20.32 -32.07 9.68
C PRO C 19 -19.70 -30.79 9.14
N ASN C 20 -20.50 -29.75 8.90
CA ASN C 20 -20.01 -28.53 8.37
C ASN C 20 -20.82 -27.35 8.88
N TYR C 21 -20.12 -26.24 9.21
CA TYR C 21 -20.77 -24.99 9.56
C TYR C 21 -20.26 -23.83 8.71
N ARG C 22 -21.13 -22.95 8.25
CA ARG C 22 -20.72 -21.77 7.46
C ARG C 22 -21.73 -20.64 7.54
N ILE C 23 -21.28 -19.44 7.11
CA ILE C 23 -22.13 -18.30 6.78
C ILE C 23 -22.54 -17.53 8.04
N PRO C 24 -21.64 -16.70 8.60
CA PRO C 24 -21.90 -15.91 9.84
C PRO C 24 -22.87 -14.69 9.76
N ALA C 25 -23.65 -14.55 10.83
CA ALA C 25 -24.46 -13.39 11.08
C ALA C 25 -24.31 -13.04 12.55
N LEU C 26 -24.13 -11.77 12.87
CA LEU C 26 -23.88 -11.39 14.23
C LEU C 26 -24.65 -10.12 14.53
N THR C 27 -25.22 -10.04 15.72
CA THR C 27 -25.95 -8.83 16.16
C THR C 27 -25.97 -8.73 17.68
N VAL C 28 -26.47 -7.59 18.18
CA VAL C 28 -26.67 -7.29 19.60
C VAL C 28 -28.16 -6.97 19.78
N THR C 29 -28.81 -7.69 20.66
CA THR C 29 -30.24 -7.47 20.94
C THR C 29 -30.38 -6.16 21.71
N PRO C 30 -31.62 -5.57 21.73
CA PRO C 30 -31.86 -4.37 22.55
C PRO C 30 -31.46 -4.47 24.03
N ASP C 31 -31.58 -5.64 24.64
CA ASP C 31 -31.11 -5.88 26.01
C ASP C 31 -29.62 -6.15 26.15
N GLY C 32 -28.87 -6.13 25.05
CA GLY C 32 -27.41 -6.24 25.14
C GLY C 32 -26.78 -7.61 24.93
N ASP C 33 -27.59 -8.61 24.62
CA ASP C 33 -27.09 -9.98 24.38
C ASP C 33 -26.49 -10.08 22.98
N LEU C 34 -25.43 -10.85 22.80
CA LEU C 34 -24.95 -11.11 21.47
C LEU C 34 -25.57 -12.40 20.97
N LEU C 35 -25.98 -12.38 19.71
CA LEU C 35 -26.49 -13.50 18.91
C LEU C 35 -25.59 -13.73 17.71
N ALA C 36 -25.16 -14.98 17.60
CA ALA C 36 -24.34 -15.46 16.48
C ALA C 36 -25.20 -16.49 15.78
N SER C 37 -25.32 -16.37 14.47
CA SER C 37 -26.09 -17.26 13.67
C SER C 37 -25.27 -17.75 12.49
N TYR C 38 -25.58 -18.97 12.02
CA TYR C 38 -24.85 -19.60 10.94
C TYR C 38 -25.64 -20.82 10.48
N ASP C 39 -25.21 -21.38 9.34
CA ASP C 39 -25.79 -22.62 8.84
C ASP C 39 -25.16 -23.79 9.53
N GLY C 40 -25.98 -24.80 9.82
CA GLY C 40 -25.55 -26.19 9.92
C GLY C 40 -25.94 -26.82 8.59
N ARG C 41 -24.99 -27.53 7.99
CA ARG C 41 -25.06 -28.04 6.63
C ARG C 41 -24.82 -29.54 6.68
N PRO C 42 -25.92 -30.33 6.75
CA PRO C 42 -25.82 -31.76 6.89
C PRO C 42 -25.02 -32.48 5.80
N THR C 43 -24.92 -31.85 4.64
CA THR C 43 -24.23 -32.44 3.49
C THR C 43 -23.16 -31.54 2.93
N GLY C 44 -22.86 -30.44 3.63
CA GLY C 44 -21.68 -29.61 3.35
C GLY C 44 -21.81 -28.59 2.25
N ILE C 45 -23.04 -28.27 1.83
CA ILE C 45 -23.20 -27.43 0.65
C ILE C 45 -24.12 -26.23 0.86
N ASP C 46 -24.03 -25.20 0.00
CA ASP C 46 -25.03 -24.15 -0.01
C ASP C 46 -26.42 -24.80 -0.38
N ALA C 47 -27.46 -23.96 -0.46
CA ALA C 47 -28.78 -24.34 -1.02
C ALA C 47 -28.62 -24.95 -2.45
N PRO C 48 -29.33 -26.05 -2.75
CA PRO C 48 -30.44 -26.61 -1.93
C PRO C 48 -30.08 -27.72 -0.95
N GLY C 49 -28.89 -27.68 -0.32
CA GLY C 49 -28.64 -28.54 0.83
C GLY C 49 -29.70 -28.40 1.94
N PRO C 50 -29.98 -29.48 2.66
CA PRO C 50 -31.08 -29.46 3.67
C PRO C 50 -30.57 -28.79 4.95
N ASN C 51 -30.27 -27.51 4.82
CA ASN C 51 -29.57 -26.76 5.88
C ASN C 51 -30.50 -26.26 7.02
N SER C 52 -29.92 -25.99 8.19
CA SER C 52 -30.64 -25.32 9.29
C SER C 52 -29.99 -23.96 9.63
N ILE C 53 -30.78 -22.96 9.98
CA ILE C 53 -30.27 -21.72 10.58
C ILE C 53 -30.15 -21.95 12.09
N LEU C 54 -28.95 -21.69 12.63
CA LEU C 54 -28.63 -21.98 14.03
C LEU C 54 -28.26 -20.68 14.73
N GLN C 55 -28.34 -20.71 16.06
CA GLN C 55 -28.07 -19.53 16.87
C GLN C 55 -27.39 -19.93 18.18
N ARG C 56 -26.42 -19.14 18.58
CA ARG C 56 -25.89 -19.12 19.96
C ARG C 56 -25.94 -17.72 20.57
N ARG C 57 -26.23 -17.63 21.87
CA ARG C 57 -26.41 -16.35 22.61
C ARG C 57 -25.33 -16.18 23.68
N SER C 58 -24.83 -14.96 23.81
CA SER C 58 -24.01 -14.57 24.92
C SER C 58 -24.76 -13.51 25.74
N THR C 59 -24.82 -13.67 27.06
CA THR C 59 -25.47 -12.69 27.93
C THR C 59 -24.45 -11.95 28.80
N ASP C 60 -23.16 -12.16 28.57
CA ASP C 60 -22.09 -11.49 29.30
C ASP C 60 -21.09 -10.76 28.35
N GLY C 61 -21.62 -10.25 27.24
CA GLY C 61 -20.87 -9.43 26.25
C GLY C 61 -19.95 -10.20 25.32
N GLY C 62 -20.21 -11.49 25.15
CA GLY C 62 -19.43 -12.32 24.23
C GLY C 62 -18.37 -13.16 24.94
N ARG C 63 -18.31 -13.12 26.28
CA ARG C 63 -17.34 -13.93 27.03
C ARG C 63 -17.75 -15.41 27.01
N THR C 64 -19.00 -15.70 27.30
CA THR C 64 -19.41 -17.10 27.24
C THR C 64 -20.65 -17.21 26.39
N TRP C 65 -20.92 -18.40 25.87
CA TRP C 65 -22.01 -18.60 24.90
C TRP C 65 -22.82 -19.78 25.26
N GLY C 66 -24.13 -19.71 25.02
CA GLY C 66 -25.01 -20.83 25.43
C GLY C 66 -25.09 -21.92 24.40
N GLU C 67 -26.12 -22.77 24.51
CA GLU C 67 -26.33 -23.90 23.58
C GLU C 67 -26.62 -23.46 22.18
N GLN C 68 -26.22 -24.31 21.21
CA GLN C 68 -26.50 -24.10 19.80
C GLN C 68 -27.97 -24.47 19.62
N GLN C 69 -28.76 -23.50 19.17
CA GLN C 69 -30.21 -23.67 18.99
C GLN C 69 -30.60 -23.55 17.52
N VAL C 70 -31.79 -24.04 17.17
CA VAL C 70 -32.22 -24.04 15.78
C VAL C 70 -33.19 -22.87 15.66
N VAL C 71 -32.87 -21.94 14.77
CA VAL C 71 -33.83 -20.93 14.32
C VAL C 71 -34.81 -21.54 13.30
N SER C 72 -34.26 -22.18 12.26
CA SER C 72 -35.12 -22.77 11.19
C SER C 72 -34.58 -24.11 10.85
N ALA C 73 -35.40 -25.15 10.99
CA ALA C 73 -34.92 -26.51 10.94
C ALA C 73 -35.08 -27.02 9.53
N GLY C 74 -33.95 -27.35 8.90
CA GLY C 74 -33.95 -28.13 7.66
C GLY C 74 -34.53 -29.54 7.81
N GLN C 75 -34.88 -30.13 6.67
CA GLN C 75 -35.49 -31.46 6.55
C GLN C 75 -34.67 -32.31 5.56
N THR C 76 -33.99 -33.29 6.12
CA THR C 76 -33.01 -34.07 5.36
C THR C 76 -33.66 -35.22 4.59
N THR C 77 -34.89 -35.58 4.97
CA THR C 77 -35.69 -36.58 4.21
C THR C 77 -36.70 -35.93 3.29
N ALA C 78 -36.74 -36.44 2.07
CA ALA C 78 -37.63 -36.01 1.01
C ALA C 78 -39.08 -36.00 1.47
N PRO C 79 -39.81 -34.90 1.23
CA PRO C 79 -39.49 -33.61 0.58
C PRO C 79 -38.51 -32.74 1.40
N ILE C 80 -37.34 -32.49 0.83
CA ILE C 80 -36.26 -31.67 1.40
C ILE C 80 -36.69 -30.23 1.61
N LYS C 81 -36.18 -29.65 2.71
CA LYS C 81 -36.23 -28.22 2.99
C LYS C 81 -34.87 -27.78 3.47
N GLY C 82 -34.42 -26.63 2.99
CA GLY C 82 -33.24 -25.99 3.55
C GLY C 82 -33.49 -24.57 3.94
N PHE C 83 -32.82 -24.17 5.01
CA PHE C 83 -32.78 -22.79 5.46
C PHE C 83 -31.33 -22.37 5.62
N SER C 84 -30.93 -21.27 4.95
CA SER C 84 -29.51 -21.04 4.67
C SER C 84 -29.17 -19.58 4.49
N ASP C 85 -27.96 -19.16 4.88
CA ASP C 85 -27.48 -17.79 4.64
C ASP C 85 -28.18 -16.71 5.48
N PRO C 86 -27.95 -16.73 6.81
CA PRO C 86 -28.64 -15.76 7.66
C PRO C 86 -28.10 -14.35 7.58
N SER C 87 -29.00 -13.40 7.76
CA SER C 87 -28.65 -12.03 8.06
C SER C 87 -29.61 -11.53 9.15
N TYR C 88 -29.00 -10.98 10.20
CA TYR C 88 -29.73 -10.39 11.31
C TYR C 88 -30.08 -8.93 10.98
N LEU C 89 -31.14 -8.42 11.58
CA LEU C 89 -31.46 -7.00 11.54
C LEU C 89 -32.35 -6.66 12.73
N VAL C 90 -31.92 -5.70 13.49
CA VAL C 90 -32.64 -5.33 14.66
C VAL C 90 -33.29 -4.00 14.38
N ASP C 91 -34.59 -3.94 14.64
CA ASP C 91 -35.28 -2.67 14.71
C ASP C 91 -35.13 -2.15 16.14
N ARG C 92 -34.32 -1.11 16.28
CA ARG C 92 -33.95 -0.57 17.59
C ARG C 92 -35.04 0.35 18.15
N GLU C 93 -35.98 0.75 17.29
CA GLU C 93 -37.14 1.52 17.77
C GLU C 93 -38.22 0.63 18.39
N THR C 94 -38.49 -0.53 17.82
CA THR C 94 -39.55 -1.40 18.37
C THR C 94 -38.98 -2.58 19.17
N GLY C 95 -37.69 -2.83 19.02
CA GLY C 95 -37.00 -3.94 19.68
C GLY C 95 -37.15 -5.29 19.01
N THR C 96 -37.84 -5.33 17.88
CA THR C 96 -38.00 -6.59 17.14
C THR C 96 -36.72 -7.00 16.36
N ILE C 97 -36.52 -8.30 16.17
CA ILE C 97 -35.30 -8.81 15.52
C ILE C 97 -35.69 -9.72 14.41
N PHE C 98 -34.99 -9.55 13.28
CA PHE C 98 -35.25 -10.31 12.06
C PHE C 98 -34.03 -11.18 11.71
N ASN C 99 -34.29 -12.36 11.14
CA ASN C 99 -33.22 -13.19 10.65
C ASN C 99 -33.69 -13.61 9.29
N PHE C 100 -33.12 -12.97 8.26
CA PHE C 100 -33.40 -13.28 6.83
C PHE C 100 -32.59 -14.49 6.40
N HIS C 101 -33.12 -15.30 5.50
CA HIS C 101 -32.43 -16.52 5.02
C HIS C 101 -33.24 -17.11 3.87
N VAL C 102 -32.59 -17.92 3.06
CA VAL C 102 -33.32 -18.59 1.99
C VAL C 102 -34.20 -19.72 2.50
N TYR C 103 -35.30 -19.97 1.77
CA TYR C 103 -35.98 -21.21 1.94
C TYR C 103 -35.80 -21.99 0.65
N SER C 104 -35.09 -23.12 0.72
CA SER C 104 -34.89 -23.93 -0.49
C SER C 104 -35.62 -25.23 -0.42
N GLN C 105 -35.96 -25.76 -1.60
CA GLN C 105 -36.52 -27.08 -1.68
C GLN C 105 -35.75 -27.82 -2.72
N ARG C 106 -36.14 -27.68 -3.99
CA ARG C 106 -35.45 -28.40 -5.09
C ARG C 106 -34.24 -27.66 -5.63
N GLN C 107 -34.32 -26.33 -5.60
CA GLN C 107 -33.36 -25.41 -6.25
C GLN C 107 -32.56 -24.46 -5.32
N GLY C 108 -31.32 -24.18 -5.73
CA GLY C 108 -30.46 -23.19 -5.10
C GLY C 108 -30.60 -21.89 -5.86
N PHE C 109 -29.57 -21.06 -5.77
CA PHE C 109 -29.62 -19.69 -6.31
C PHE C 109 -29.70 -19.66 -7.82
N ALA C 110 -28.92 -20.53 -8.44
CA ALA C 110 -28.74 -20.50 -9.90
C ALA C 110 -29.88 -21.23 -10.60
N GLY C 111 -30.34 -22.32 -9.97
CA GLY C 111 -31.49 -23.15 -10.39
C GLY C 111 -32.89 -22.63 -10.21
N SER C 112 -33.07 -21.64 -9.35
CA SER C 112 -34.41 -21.08 -9.08
C SER C 112 -35.15 -20.54 -10.34
N ARG C 113 -36.46 -20.80 -10.38
CA ARG C 113 -37.32 -20.46 -11.53
C ARG C 113 -38.16 -19.26 -11.22
N PRO C 114 -38.65 -18.53 -12.27
CA PRO C 114 -39.53 -17.44 -11.89
C PRO C 114 -40.76 -18.01 -11.17
N GLY C 115 -41.42 -17.17 -10.35
CA GLY C 115 -42.52 -17.61 -9.46
C GLY C 115 -42.30 -17.05 -8.07
N THR C 116 -43.41 -16.84 -7.33
CA THR C 116 -43.36 -16.27 -5.98
C THR C 116 -44.26 -17.04 -4.99
N ASP C 117 -44.89 -18.13 -5.44
CA ASP C 117 -45.83 -18.78 -4.58
C ASP C 117 -45.04 -19.55 -3.50
N PRO C 118 -45.36 -19.26 -2.23
CA PRO C 118 -44.62 -19.81 -1.09
C PRO C 118 -44.41 -21.34 -1.12
N ALA C 119 -45.38 -22.09 -1.63
CA ALA C 119 -45.22 -23.54 -1.72
C ALA C 119 -44.41 -24.05 -2.90
N ASP C 120 -43.99 -23.18 -3.84
CA ASP C 120 -43.38 -23.66 -5.12
C ASP C 120 -42.03 -24.30 -4.84
N PRO C 121 -41.86 -25.59 -5.19
CA PRO C 121 -40.61 -26.23 -4.84
C PRO C 121 -39.37 -25.87 -5.69
N ASN C 122 -39.56 -25.15 -6.79
CA ASN C 122 -38.43 -24.75 -7.65
C ASN C 122 -38.13 -23.28 -7.60
N VAL C 123 -38.67 -22.59 -6.60
CA VAL C 123 -38.34 -21.21 -6.34
C VAL C 123 -37.39 -21.21 -5.13
N LEU C 124 -36.25 -20.51 -5.25
CA LEU C 124 -35.46 -20.22 -4.02
C LEU C 124 -36.14 -19.09 -3.26
N HIS C 125 -36.88 -19.41 -2.17
CA HIS C 125 -37.68 -18.38 -1.49
C HIS C 125 -36.85 -17.50 -0.57
N ALA C 126 -37.27 -16.27 -0.44
CA ALA C 126 -36.82 -15.34 0.55
C ALA C 126 -37.70 -15.52 1.82
N ASN C 127 -37.08 -16.05 2.88
CA ASN C 127 -37.73 -16.15 4.23
C ASN C 127 -37.18 -15.13 5.19
N VAL C 128 -37.94 -14.86 6.25
CA VAL C 128 -37.49 -14.06 7.36
C VAL C 128 -38.16 -14.61 8.62
N ALA C 129 -37.34 -14.81 9.67
CA ALA C 129 -37.79 -15.19 11.01
C ALA C 129 -37.83 -13.91 11.83
N THR C 130 -38.93 -13.75 12.56
CA THR C 130 -39.17 -12.56 13.36
C THR C 130 -39.21 -12.98 14.85
N SER C 131 -38.53 -12.23 15.69
CA SER C 131 -38.55 -12.45 17.14
C SER C 131 -38.87 -11.21 17.91
N THR C 132 -39.89 -11.31 18.78
CA THR C 132 -40.24 -10.17 19.59
C THR C 132 -39.79 -10.31 21.05
N ASP C 133 -39.02 -11.37 21.33
CA ASP C 133 -38.55 -11.66 22.70
C ASP C 133 -37.01 -11.82 22.69
N GLY C 134 -36.34 -10.96 21.92
CA GLY C 134 -34.88 -10.95 21.85
C GLY C 134 -34.23 -12.21 21.30
N GLY C 135 -34.92 -12.92 20.42
CA GLY C 135 -34.26 -14.05 19.76
C GLY C 135 -34.41 -15.41 20.46
N LEU C 136 -35.24 -15.44 21.51
CA LEU C 136 -35.60 -16.68 22.20
C LEU C 136 -36.47 -17.57 21.32
N THR C 137 -37.50 -17.00 20.71
CA THR C 137 -38.41 -17.78 19.87
C THR C 137 -38.69 -16.99 18.63
N TRP C 138 -39.15 -17.66 17.60
CA TRP C 138 -39.19 -17.11 16.28
C TRP C 138 -40.48 -17.51 15.57
N SER C 139 -41.13 -16.56 14.87
CA SER C 139 -42.11 -16.93 13.82
C SER C 139 -41.42 -16.86 12.43
N HIS C 140 -42.03 -17.45 11.41
CA HIS C 140 -41.44 -17.55 10.08
C HIS C 140 -42.42 -17.07 9.00
N ARG C 141 -41.91 -16.36 7.98
CA ARG C 141 -42.70 -15.98 6.82
C ARG C 141 -41.84 -16.06 5.60
N THR C 142 -42.51 -16.17 4.46
CA THR C 142 -41.91 -16.08 3.10
C THR C 142 -42.37 -14.77 2.51
N ILE C 143 -41.43 -13.97 2.00
CA ILE C 143 -41.74 -12.62 1.49
C ILE C 143 -41.38 -12.43 0.00
N THR C 144 -41.03 -13.50 -0.69
CA THR C 144 -40.75 -13.48 -2.11
C THR C 144 -41.75 -12.60 -2.92
N ALA C 145 -43.07 -12.79 -2.75
CA ALA C 145 -44.07 -12.03 -3.55
C ALA C 145 -43.90 -10.55 -3.38
N ASP C 146 -43.60 -10.17 -2.15
CA ASP C 146 -43.48 -8.79 -1.78
C ASP C 146 -42.22 -8.12 -2.32
N ILE C 147 -41.16 -8.87 -2.54
CA ILE C 147 -39.89 -8.21 -2.93
C ILE C 147 -39.51 -8.55 -4.37
N THR C 148 -40.48 -9.00 -5.15
CA THR C 148 -40.25 -9.39 -6.56
C THR C 148 -41.17 -8.58 -7.47
N PRO C 149 -40.94 -7.25 -7.57
CA PRO C 149 -41.82 -6.38 -8.34
C PRO C 149 -41.74 -6.67 -9.83
N ASP C 150 -40.69 -7.39 -10.22
CA ASP C 150 -40.36 -7.70 -11.59
C ASP C 150 -40.37 -9.22 -11.81
N PRO C 151 -41.33 -9.74 -12.61
CA PRO C 151 -41.40 -11.20 -12.70
C PRO C 151 -40.24 -11.82 -13.48
N GLY C 152 -39.36 -10.97 -14.02
CA GLY C 152 -38.08 -11.44 -14.54
C GLY C 152 -37.10 -11.89 -13.46
N TRP C 153 -37.18 -11.32 -12.27
CA TRP C 153 -36.33 -11.79 -11.15
C TRP C 153 -36.72 -13.19 -10.75
N ARG C 154 -35.96 -14.15 -11.25
CA ARG C 154 -36.23 -15.55 -10.99
C ARG C 154 -35.52 -16.10 -9.77
N SER C 155 -34.58 -15.34 -9.22
CA SER C 155 -33.85 -15.80 -8.04
C SER C 155 -33.47 -14.62 -7.21
N ARG C 156 -33.34 -14.83 -5.90
CA ARG C 156 -32.79 -13.84 -4.95
C ARG C 156 -32.25 -14.57 -3.70
N PHE C 157 -31.28 -13.94 -3.03
CA PHE C 157 -30.96 -14.32 -1.64
C PHE C 157 -30.48 -13.09 -0.84
N ALA C 158 -30.86 -12.97 0.44
CA ALA C 158 -30.33 -11.93 1.34
C ALA C 158 -28.82 -12.09 1.50
N ALA C 159 -28.10 -10.96 1.53
CA ALA C 159 -26.65 -10.99 1.75
C ALA C 159 -26.43 -11.36 3.20
N SER C 160 -25.77 -12.47 3.45
CA SER C 160 -25.61 -12.94 4.84
C SER C 160 -24.78 -11.90 5.63
N GLY C 161 -25.15 -11.68 6.89
CA GLY C 161 -24.36 -10.85 7.81
C GLY C 161 -25.34 -10.11 8.70
N GLU C 162 -25.44 -8.80 8.50
CA GLU C 162 -26.27 -7.97 9.29
C GLU C 162 -26.71 -6.77 8.49
N GLY C 163 -28.01 -6.52 8.56
CA GLY C 163 -28.64 -5.29 7.97
C GLY C 163 -28.63 -4.11 8.93
N ILE C 164 -29.21 -3.01 8.48
CA ILE C 164 -29.20 -1.75 9.18
C ILE C 164 -30.61 -1.16 9.35
N GLN C 165 -30.72 -0.20 10.27
CA GLN C 165 -31.83 0.74 10.42
C GLN C 165 -31.25 2.16 10.24
N LEU C 166 -31.85 2.93 9.32
CA LEU C 166 -31.50 4.34 9.20
C LEU C 166 -31.83 5.14 10.46
N ARG C 167 -30.89 6.03 10.80
CA ARG C 167 -31.07 6.91 11.97
C ARG C 167 -31.40 8.34 11.54
N TYR C 168 -31.05 8.72 10.30
CA TYR C 168 -31.26 10.13 9.89
C TYR C 168 -32.31 10.32 8.80
N GLY C 169 -32.81 11.58 8.70
CA GLY C 169 -33.60 12.04 7.55
C GLY C 169 -35.06 11.61 7.51
N PRO C 170 -35.73 11.79 6.34
CA PRO C 170 -37.18 11.50 6.22
C PRO C 170 -37.52 9.99 6.31
N HIS C 171 -36.56 9.10 6.06
CA HIS C 171 -36.82 7.69 6.26
C HIS C 171 -36.14 7.14 7.51
N ALA C 172 -35.90 7.99 8.51
CA ALA C 172 -35.39 7.52 9.79
C ALA C 172 -36.28 6.38 10.29
N GLY C 173 -35.66 5.22 10.46
CA GLY C 173 -36.27 4.08 11.13
C GLY C 173 -36.50 2.95 10.14
N ARG C 174 -36.18 3.28 8.90
CA ARG C 174 -36.29 2.37 7.79
C ARG C 174 -35.33 1.25 8.00
N LEU C 175 -35.77 0.04 7.69
CA LEU C 175 -35.00 -1.19 7.88
C LEU C 175 -34.49 -1.64 6.54
N ILE C 176 -33.18 -1.89 6.43
CA ILE C 176 -32.59 -2.22 5.13
C ILE C 176 -31.82 -3.50 5.07
N GLN C 177 -32.31 -4.44 4.24
CA GLN C 177 -31.64 -5.71 3.99
C GLN C 177 -31.15 -5.85 2.54
N GLN C 178 -29.85 -6.02 2.33
CA GLN C 178 -29.39 -6.30 0.94
C GLN C 178 -29.68 -7.69 0.39
N TYR C 179 -30.09 -7.70 -0.88
CA TYR C 179 -30.22 -8.92 -1.67
C TYR C 179 -29.40 -8.86 -2.96
N THR C 180 -29.16 -10.04 -3.54
CA THR C 180 -28.67 -10.19 -4.89
C THR C 180 -29.85 -10.91 -5.60
N ILE C 181 -30.21 -10.43 -6.80
CA ILE C 181 -31.22 -11.07 -7.66
C ILE C 181 -30.60 -11.53 -8.98
N ILE C 182 -31.29 -12.43 -9.69
CA ILE C 182 -30.94 -12.77 -11.08
C ILE C 182 -32.12 -12.31 -11.93
N ASN C 183 -31.86 -11.47 -12.94
CA ASN C 183 -32.94 -10.92 -13.74
C ASN C 183 -33.16 -11.77 -15.00
N ALA C 184 -34.03 -11.30 -15.89
CA ALA C 184 -34.40 -12.08 -17.09
C ALA C 184 -33.23 -12.34 -18.03
N ALA C 185 -32.36 -11.34 -18.10
CA ALA C 185 -31.17 -11.44 -18.91
C ALA C 185 -30.09 -12.31 -18.26
N GLY C 186 -30.29 -12.70 -16.99
CA GLY C 186 -29.34 -13.62 -16.32
C GLY C 186 -28.22 -12.89 -15.60
N ALA C 187 -28.34 -11.56 -15.51
CA ALA C 187 -27.37 -10.75 -14.78
C ALA C 187 -27.61 -10.77 -13.24
N PHE C 188 -26.52 -10.72 -12.46
CA PHE C 188 -26.57 -10.51 -11.00
C PHE C 188 -26.65 -9.04 -10.65
N GLN C 189 -27.76 -8.65 -10.03
CA GLN C 189 -27.92 -7.28 -9.61
C GLN C 189 -28.06 -7.20 -8.07
N ALA C 190 -27.75 -6.04 -7.52
CA ALA C 190 -27.96 -5.79 -6.11
C ALA C 190 -29.29 -5.04 -5.96
N VAL C 191 -29.93 -5.20 -4.81
CA VAL C 191 -31.14 -4.40 -4.55
C VAL C 191 -31.36 -4.30 -3.04
N SER C 192 -31.83 -3.15 -2.56
CA SER C 192 -32.12 -2.98 -1.13
C SER C 192 -33.56 -3.41 -0.95
N VAL C 193 -33.83 -4.20 0.10
CA VAL C 193 -35.17 -4.56 0.49
C VAL C 193 -35.41 -3.86 1.83
N TYR C 194 -36.53 -3.16 1.93
CA TYR C 194 -36.74 -2.30 3.08
C TYR C 194 -38.20 -2.25 3.54
N SER C 195 -38.34 -1.86 4.80
CA SER C 195 -39.61 -1.69 5.45
C SER C 195 -39.65 -0.35 6.10
N ASP C 196 -40.78 0.35 5.92
CA ASP C 196 -41.00 1.62 6.62
C ASP C 196 -42.04 1.49 7.71
N ASP C 197 -42.49 0.27 7.98
CA ASP C 197 -43.43 -0.02 9.06
C ASP C 197 -42.90 -1.12 9.99
N HIS C 198 -41.59 -1.07 10.26
CA HIS C 198 -40.96 -1.92 11.28
C HIS C 198 -41.13 -3.40 11.03
N GLY C 199 -41.12 -3.76 9.75
CA GLY C 199 -41.00 -5.14 9.38
C GLY C 199 -42.31 -5.80 9.05
N ARG C 200 -43.41 -5.08 9.23
CA ARG C 200 -44.69 -5.62 8.81
C ARG C 200 -44.77 -5.87 7.32
N THR C 201 -44.29 -4.91 6.53
CA THR C 201 -44.29 -5.02 5.09
C THR C 201 -42.88 -4.77 4.54
N TRP C 202 -42.52 -5.55 3.53
CA TRP C 202 -41.23 -5.40 2.88
C TRP C 202 -41.46 -5.14 1.40
N ARG C 203 -40.65 -4.27 0.82
CA ARG C 203 -40.55 -4.10 -0.62
C ARG C 203 -39.08 -4.07 -1.08
N ALA C 204 -38.89 -4.34 -2.36
CA ALA C 204 -37.62 -4.20 -3.04
C ALA C 204 -37.53 -2.78 -3.63
N GLY C 205 -36.36 -2.14 -3.55
CA GLY C 205 -36.14 -0.90 -4.26
C GLY C 205 -35.79 -1.19 -5.73
N GLU C 206 -35.08 -0.25 -6.36
CA GLU C 206 -34.68 -0.45 -7.75
C GLU C 206 -33.36 -1.22 -7.77
N ALA C 207 -33.27 -2.24 -8.62
CA ALA C 207 -32.05 -3.04 -8.75
C ALA C 207 -30.89 -2.26 -9.36
N VAL C 208 -29.66 -2.73 -9.16
CA VAL C 208 -28.51 -1.91 -9.58
C VAL C 208 -27.32 -2.80 -9.91
N GLY C 209 -26.54 -2.36 -10.90
CA GLY C 209 -25.36 -3.09 -11.30
C GLY C 209 -25.63 -4.30 -12.14
N VAL C 210 -24.54 -4.88 -12.66
CA VAL C 210 -24.42 -6.20 -13.23
C VAL C 210 -23.10 -6.66 -12.63
N GLY C 211 -22.80 -7.96 -12.73
CA GLY C 211 -21.64 -8.51 -12.07
C GLY C 211 -21.68 -8.21 -10.56
N MET C 212 -22.88 -8.16 -9.98
CA MET C 212 -23.08 -7.94 -8.54
C MET C 212 -23.15 -9.29 -7.84
N ASP C 213 -23.29 -9.26 -6.51
CA ASP C 213 -23.37 -10.45 -5.71
C ASP C 213 -23.63 -9.97 -4.26
N ALA C 214 -23.40 -10.82 -3.28
CA ALA C 214 -23.59 -10.44 -1.87
C ALA C 214 -23.04 -9.07 -1.61
N ASN C 215 -23.86 -8.22 -1.07
CA ASN C 215 -23.50 -6.80 -0.95
C ASN C 215 -23.99 -6.29 0.38
N LYS C 216 -23.37 -5.23 0.86
CA LYS C 216 -23.75 -4.61 2.12
C LYS C 216 -24.02 -3.13 2.00
N THR C 217 -24.83 -2.63 2.93
CA THR C 217 -25.06 -1.20 3.08
C THR C 217 -24.77 -0.60 4.46
N VAL C 218 -24.47 0.69 4.51
CA VAL C 218 -24.28 1.45 5.76
C VAL C 218 -24.70 2.91 5.54
N GLU C 219 -25.34 3.53 6.52
CA GLU C 219 -25.70 4.96 6.49
C GLU C 219 -24.51 5.88 6.78
N LEU C 220 -24.32 6.88 5.92
CA LEU C 220 -23.11 7.73 5.98
C LEU C 220 -23.46 8.86 6.89
N SER C 221 -22.47 9.67 7.29
CA SER C 221 -22.69 10.86 8.15
C SER C 221 -23.75 11.84 7.67
N ASP C 222 -23.94 11.89 6.36
CA ASP C 222 -24.96 12.76 5.76
C ASP C 222 -26.30 12.05 5.41
N GLY C 223 -26.44 10.77 5.82
CA GLY C 223 -27.68 9.99 5.60
C GLY C 223 -27.73 9.27 4.27
N ARG C 224 -26.71 9.47 3.44
CA ARG C 224 -26.62 8.75 2.19
C ARG C 224 -26.34 7.31 2.57
N VAL C 225 -26.78 6.40 1.72
CA VAL C 225 -26.58 5.00 2.01
C VAL C 225 -25.49 4.47 1.11
N LEU C 226 -24.44 3.91 1.69
CA LEU C 226 -23.35 3.39 0.87
C LEU C 226 -23.50 1.91 0.65
N LEU C 227 -23.37 1.48 -0.61
CA LEU C 227 -23.49 0.08 -1.03
C LEU C 227 -22.13 -0.46 -1.41
N ASN C 228 -21.78 -1.61 -0.82
CA ASN C 228 -20.48 -2.19 -0.97
C ASN C 228 -20.63 -3.64 -1.28
N SER C 229 -20.18 -4.05 -2.46
CA SER C 229 -20.51 -5.35 -3.01
C SER C 229 -19.37 -6.26 -3.40
N ARG C 230 -19.60 -7.57 -3.22
CA ARG C 230 -18.80 -8.59 -3.89
C ARG C 230 -19.00 -8.41 -5.41
N ASP C 231 -17.92 -8.64 -6.15
CA ASP C 231 -17.88 -8.49 -7.61
C ASP C 231 -17.86 -9.92 -8.25
N SER C 232 -19.00 -10.37 -8.78
CA SER C 232 -19.09 -11.64 -9.49
C SER C 232 -18.36 -11.56 -10.86
N ALA C 233 -18.08 -10.36 -11.34
CA ALA C 233 -17.23 -10.20 -12.56
C ALA C 233 -15.74 -10.27 -12.19
N ARG C 234 -15.47 -10.41 -10.88
CA ARG C 234 -14.11 -10.69 -10.35
C ARG C 234 -13.02 -9.67 -10.66
N SER C 235 -13.29 -8.40 -10.37
CA SER C 235 -12.28 -7.37 -10.61
C SER C 235 -11.04 -7.52 -9.71
N GLY C 236 -11.18 -8.24 -8.59
CA GLY C 236 -10.15 -8.21 -7.54
C GLY C 236 -10.40 -7.11 -6.52
N TYR C 237 -11.55 -6.45 -6.62
CA TYR C 237 -11.87 -5.34 -5.76
C TYR C 237 -13.32 -5.48 -5.37
N ARG C 238 -13.74 -4.59 -4.48
CA ARG C 238 -15.14 -4.40 -4.12
C ARG C 238 -15.79 -3.41 -5.12
N LYS C 239 -17.12 -3.50 -5.32
CA LYS C 239 -17.92 -2.54 -6.04
C LYS C 239 -18.66 -1.67 -5.05
N VAL C 240 -18.87 -0.42 -5.42
CA VAL C 240 -19.60 0.56 -4.61
C VAL C 240 -20.61 1.37 -5.43
N ALA C 241 -21.66 1.82 -4.75
CA ALA C 241 -22.61 2.80 -5.27
C ALA C 241 -23.16 3.47 -4.06
N VAL C 242 -23.79 4.60 -4.27
CA VAL C 242 -24.48 5.22 -3.18
C VAL C 242 -25.85 5.69 -3.62
N SER C 243 -26.76 5.66 -2.66
CA SER C 243 -28.11 6.04 -2.81
C SER C 243 -28.31 7.36 -2.08
N THR C 244 -29.08 8.28 -2.70
CA THR C 244 -29.47 9.52 -1.99
C THR C 244 -30.91 9.50 -1.49
N ASP C 245 -31.60 8.40 -1.73
CA ASP C 245 -33.00 8.27 -1.35
C ASP C 245 -33.31 7.10 -0.38
N GLY C 246 -32.40 6.80 0.54
CA GLY C 246 -32.68 5.85 1.61
C GLY C 246 -32.57 4.38 1.21
N GLY C 247 -31.85 4.11 0.13
CA GLY C 247 -31.75 2.78 -0.45
C GLY C 247 -32.76 2.44 -1.54
N HIS C 248 -33.74 3.32 -1.83
CA HIS C 248 -34.70 3.06 -2.96
C HIS C 248 -33.92 2.84 -4.28
N SER C 249 -33.06 3.78 -4.65
CA SER C 249 -32.14 3.53 -5.74
C SER C 249 -30.66 3.96 -5.50
N TYR C 250 -29.79 3.44 -6.35
CA TYR C 250 -28.39 3.80 -6.32
C TYR C 250 -27.97 4.54 -7.62
N GLY C 251 -26.87 5.28 -7.55
CA GLY C 251 -26.22 5.77 -8.77
C GLY C 251 -25.33 4.68 -9.36
N PRO C 252 -24.48 5.03 -10.35
CA PRO C 252 -23.58 4.03 -10.92
C PRO C 252 -22.74 3.24 -9.90
N VAL C 253 -22.38 2.06 -10.34
CA VAL C 253 -21.56 1.14 -9.63
C VAL C 253 -20.12 1.33 -10.15
N THR C 254 -19.21 1.66 -9.25
CA THR C 254 -17.79 1.75 -9.63
C THR C 254 -16.93 0.78 -8.84
N ILE C 255 -15.73 0.52 -9.34
CA ILE C 255 -14.72 -0.28 -8.65
C ILE C 255 -13.95 0.58 -7.61
N ASP C 256 -13.79 0.04 -6.40
CA ASP C 256 -13.10 0.72 -5.32
C ASP C 256 -11.75 0.06 -5.11
N ARG C 257 -10.73 0.55 -5.82
CA ARG C 257 -9.43 -0.10 -5.84
C ARG C 257 -8.68 0.08 -4.51
N ASP C 258 -9.29 0.83 -3.58
CA ASP C 258 -8.78 0.99 -2.19
C ASP C 258 -9.07 -0.32 -1.47
N LEU C 259 -9.98 -1.13 -2.03
CA LEU C 259 -10.48 -2.36 -1.35
C LEU C 259 -10.28 -3.69 -2.10
N PRO C 260 -9.06 -4.25 -2.06
CA PRO C 260 -8.81 -5.54 -2.71
C PRO C 260 -9.73 -6.65 -2.13
N ASP C 261 -10.14 -7.60 -2.97
CA ASP C 261 -11.13 -8.62 -2.54
C ASP C 261 -11.00 -9.75 -3.53
N PRO C 262 -11.00 -11.01 -3.06
CA PRO C 262 -10.92 -12.11 -4.00
C PRO C 262 -12.27 -12.70 -4.43
N THR C 263 -13.34 -11.88 -4.41
CA THR C 263 -14.70 -12.27 -4.78
C THR C 263 -15.26 -13.15 -3.64
N ASN C 264 -15.72 -12.44 -2.60
CA ASN C 264 -15.98 -13.03 -1.28
C ASN C 264 -16.84 -12.03 -0.52
N ASN C 265 -17.58 -12.54 0.49
CA ASN C 265 -18.39 -11.69 1.38
C ASN C 265 -17.51 -10.80 2.24
N ALA C 266 -18.11 -9.79 2.89
CA ALA C 266 -17.38 -8.82 3.68
C ALA C 266 -18.43 -8.02 4.41
N SER C 267 -18.01 -7.19 5.38
CA SER C 267 -18.91 -6.33 6.08
C SER C 267 -18.40 -4.91 6.23
N ILE C 268 -19.33 -3.99 6.45
CA ILE C 268 -19.01 -2.59 6.56
C ILE C 268 -20.00 -1.96 7.56
N ILE C 269 -19.46 -1.39 8.64
CA ILE C 269 -20.32 -0.78 9.66
C ILE C 269 -19.88 0.63 10.07
N ARG C 270 -20.77 1.41 10.66
CA ARG C 270 -20.39 2.61 11.41
C ARG C 270 -19.72 2.20 12.72
N ALA C 271 -18.56 2.78 12.99
CA ALA C 271 -17.87 2.57 14.27
C ALA C 271 -18.65 3.24 15.38
N PHE C 272 -19.36 4.30 15.04
CA PHE C 272 -20.20 5.03 16.02
C PHE C 272 -21.60 5.19 15.44
N PRO C 273 -22.45 4.12 15.59
CA PRO C 273 -23.79 4.13 15.06
C PRO C 273 -24.69 5.22 15.66
N ASP C 274 -24.39 5.70 16.86
CA ASP C 274 -25.24 6.69 17.48
C ASP C 274 -24.83 8.16 17.23
N ALA C 275 -23.69 8.37 16.61
CA ALA C 275 -23.14 9.72 16.47
C ALA C 275 -24.09 10.62 15.66
N PRO C 276 -24.19 11.91 16.03
CA PRO C 276 -25.06 12.87 15.30
C PRO C 276 -24.62 13.06 13.85
N ALA C 277 -25.57 13.37 12.98
CA ALA C 277 -25.31 13.56 11.55
C ALA C 277 -24.32 14.71 11.35
N GLY C 278 -23.44 14.57 10.36
CA GLY C 278 -22.42 15.55 10.06
C GLY C 278 -21.19 15.60 10.97
N SER C 279 -21.21 14.84 12.07
CA SER C 279 -20.14 14.82 13.06
C SER C 279 -18.97 13.98 12.57
N ALA C 280 -17.76 14.20 13.11
CA ALA C 280 -16.54 13.49 12.68
C ALA C 280 -16.67 11.99 12.95
N ARG C 281 -17.28 11.65 14.07
CA ARG C 281 -17.49 10.26 14.52
C ARG C 281 -18.46 9.55 13.62
N ALA C 282 -19.47 10.30 13.11
CA ALA C 282 -20.41 9.84 12.09
C ALA C 282 -19.76 9.39 10.81
N LYS C 283 -18.53 9.85 10.52
CA LYS C 283 -17.82 9.52 9.24
C LYS C 283 -16.93 8.32 9.30
N VAL C 284 -16.80 7.74 10.48
CA VAL C 284 -15.92 6.60 10.71
C VAL C 284 -16.64 5.24 10.45
N LEU C 285 -16.00 4.44 9.59
CA LEU C 285 -16.50 3.17 9.11
C LEU C 285 -15.43 2.15 9.33
N LEU C 286 -15.85 0.94 9.67
CA LEU C 286 -15.00 -0.20 9.76
C LEU C 286 -15.38 -1.23 8.71
N PHE C 287 -14.39 -1.94 8.16
CA PHE C 287 -14.60 -2.89 7.12
C PHE C 287 -13.76 -4.12 7.38
N SER C 288 -14.38 -5.29 7.15
CA SER C 288 -13.74 -6.58 7.27
C SER C 288 -13.79 -7.35 5.98
N ASN C 289 -12.70 -8.04 5.63
CA ASN C 289 -12.68 -8.87 4.43
C ASN C 289 -11.39 -9.68 4.29
N ALA C 290 -11.35 -10.60 3.35
CA ALA C 290 -10.05 -11.16 2.92
C ALA C 290 -9.37 -10.13 1.98
N ALA C 291 -8.20 -9.63 2.41
CA ALA C 291 -7.46 -8.62 1.63
C ALA C 291 -6.72 -9.14 0.38
N SER C 292 -6.38 -10.42 0.33
CA SER C 292 -5.82 -11.01 -0.88
C SER C 292 -6.75 -10.99 -2.11
N GLN C 293 -6.17 -10.87 -3.30
CA GLN C 293 -6.98 -10.79 -4.53
C GLN C 293 -7.20 -12.19 -5.11
N THR C 294 -6.39 -13.09 -4.60
CA THR C 294 -6.17 -14.37 -5.21
C THR C 294 -6.68 -15.48 -4.31
N SER C 295 -6.75 -15.21 -3.02
CA SER C 295 -7.24 -16.22 -2.12
C SER C 295 -8.03 -15.66 -0.91
N ARG C 296 -8.85 -16.53 -0.34
CA ARG C 296 -9.57 -16.22 0.89
C ARG C 296 -8.61 -16.34 2.09
N SER C 297 -7.80 -15.32 2.25
CA SER C 297 -6.92 -15.21 3.40
C SER C 297 -6.55 -13.80 3.68
N GLN C 298 -5.70 -13.63 4.69
CA GLN C 298 -5.26 -12.33 5.10
C GLN C 298 -6.45 -11.45 5.52
N GLY C 299 -7.23 -11.90 6.52
CA GLY C 299 -8.42 -11.15 6.93
C GLY C 299 -7.93 -9.87 7.57
N THR C 300 -8.49 -8.74 7.15
CA THR C 300 -8.01 -7.45 7.56
C THR C 300 -9.23 -6.68 7.97
N ILE C 301 -9.07 -5.91 9.02
CA ILE C 301 -9.96 -4.81 9.34
C ILE C 301 -9.37 -3.48 8.80
N ARG C 302 -10.20 -2.71 8.12
CA ARG C 302 -9.86 -1.34 7.68
C ARG C 302 -10.79 -0.35 8.32
N MET C 303 -10.28 0.87 8.49
CA MET C 303 -11.01 1.98 9.04
C MET C 303 -10.87 3.22 8.14
N SER C 304 -12.03 3.90 7.94
CA SER C 304 -12.08 5.13 7.19
C SER C 304 -12.63 6.20 8.09
N CYS C 305 -12.02 7.38 8.10
CA CYS C 305 -12.54 8.50 8.90
C CYS C 305 -13.28 9.52 8.06
N ASP C 306 -13.56 9.18 6.83
CA ASP C 306 -14.24 10.14 5.91
C ASP C 306 -15.37 9.56 5.05
N ASP C 307 -16.27 8.80 5.69
CA ASP C 307 -17.43 8.20 5.00
C ASP C 307 -17.00 7.25 3.91
N GLY C 308 -15.88 6.56 4.08
CA GLY C 308 -15.42 5.62 3.03
C GLY C 308 -14.64 6.21 1.84
N GLN C 309 -14.44 7.54 1.81
CA GLN C 309 -13.60 8.14 0.79
C GLN C 309 -12.21 7.47 0.77
N THR C 310 -11.58 7.28 1.94
CA THR C 310 -10.24 6.65 2.04
C THR C 310 -10.19 5.69 3.22
N TRP C 311 -9.20 4.80 3.20
CA TRP C 311 -8.96 3.84 4.29
C TRP C 311 -7.53 3.93 4.82
N PRO C 312 -7.23 4.95 5.64
CA PRO C 312 -5.84 5.13 6.07
C PRO C 312 -5.31 3.94 6.91
N VAL C 313 -6.22 3.25 7.59
CA VAL C 313 -5.85 2.36 8.72
C VAL C 313 -6.13 0.93 8.32
N SER C 314 -5.16 0.04 8.47
CA SER C 314 -5.48 -1.38 8.32
C SER C 314 -4.75 -2.33 9.25
N LYS C 315 -5.41 -3.38 9.69
CA LYS C 315 -4.70 -4.37 10.48
C LYS C 315 -5.22 -5.75 10.17
N VAL C 316 -4.30 -6.66 9.98
CA VAL C 316 -4.61 -8.04 9.74
C VAL C 316 -5.03 -8.71 11.07
N PHE C 317 -6.23 -9.32 11.03
CA PHE C 317 -6.70 -10.17 12.13
C PHE C 317 -6.45 -11.65 11.91
N GLN C 318 -6.31 -12.05 10.65
CA GLN C 318 -6.13 -13.47 10.36
C GLN C 318 -5.25 -13.62 9.13
N PRO C 319 -3.94 -13.92 9.36
CA PRO C 319 -2.96 -14.12 8.29
C PRO C 319 -3.27 -15.29 7.36
N GLY C 320 -3.83 -16.38 7.87
CA GLY C 320 -4.21 -17.49 7.02
C GLY C 320 -5.62 -17.49 6.45
N SER C 321 -6.25 -18.67 6.45
CA SER C 321 -7.52 -18.87 5.83
C SER C 321 -8.67 -18.03 6.50
N MET C 322 -9.41 -17.28 5.70
CA MET C 322 -10.44 -16.36 6.20
C MET C 322 -11.45 -16.12 5.08
N SER C 323 -12.68 -16.65 5.23
CA SER C 323 -13.70 -16.40 4.21
C SER C 323 -14.69 -15.33 4.59
N TYR C 324 -15.90 -15.74 4.97
CA TYR C 324 -16.93 -14.75 5.25
C TYR C 324 -16.66 -14.10 6.60
N SER C 325 -17.02 -12.83 6.74
CA SER C 325 -16.80 -12.10 8.03
C SER C 325 -17.88 -11.04 8.19
N THR C 326 -18.33 -10.85 9.44
CA THR C 326 -19.32 -9.87 9.71
C THR C 326 -18.99 -9.12 11.02
N LEU C 327 -19.10 -7.81 10.96
CA LEU C 327 -18.82 -6.93 12.09
C LEU C 327 -20.06 -6.47 12.78
N THR C 328 -19.98 -6.25 14.11
CA THR C 328 -21.08 -5.55 14.82
C THR C 328 -20.45 -4.70 15.91
N ALA C 329 -21.06 -3.54 16.17
CA ALA C 329 -20.61 -2.64 17.22
C ALA C 329 -21.25 -3.06 18.55
N LEU C 330 -20.45 -3.17 19.60
CA LEU C 330 -20.90 -3.70 20.88
C LEU C 330 -21.17 -2.53 21.83
N PRO C 331 -22.14 -2.70 22.74
CA PRO C 331 -22.47 -1.70 23.76
C PRO C 331 -21.27 -1.21 24.57
N ASP C 332 -20.23 -2.02 24.71
CA ASP C 332 -19.09 -1.62 25.55
C ASP C 332 -18.03 -0.82 24.79
N GLY C 333 -18.37 -0.45 23.56
CA GLY C 333 -17.47 0.42 22.80
C GLY C 333 -16.52 -0.39 21.97
N THR C 334 -16.55 -1.74 22.04
CA THR C 334 -15.65 -2.60 21.22
C THR C 334 -16.41 -3.24 20.04
N TYR C 335 -15.76 -4.12 19.30
CA TYR C 335 -16.35 -4.65 18.07
C TYR C 335 -16.36 -6.18 18.06
N GLY C 336 -17.50 -6.76 17.68
CA GLY C 336 -17.61 -8.19 17.44
C GLY C 336 -17.32 -8.52 15.98
N LEU C 337 -16.72 -9.69 15.77
CA LEU C 337 -16.28 -10.12 14.43
C LEU C 337 -16.53 -11.60 14.36
N LEU C 338 -17.57 -12.00 13.60
CA LEU C 338 -17.89 -13.40 13.41
C LEU C 338 -17.39 -13.86 12.03
N TYR C 339 -16.55 -14.88 11.99
CA TYR C 339 -15.88 -15.18 10.74
C TYR C 339 -15.54 -16.66 10.55
N GLU C 340 -15.23 -17.00 9.31
CA GLU C 340 -14.94 -18.36 8.88
C GLU C 340 -13.43 -18.59 8.65
N PRO C 341 -12.79 -19.34 9.56
CA PRO C 341 -11.41 -19.79 9.47
C PRO C 341 -11.14 -21.15 8.74
N GLY C 342 -12.19 -21.76 8.17
CA GLY C 342 -12.03 -23.06 7.48
C GLY C 342 -12.53 -24.21 8.33
N THR C 343 -12.62 -23.98 9.64
CA THR C 343 -13.04 -25.01 10.57
C THR C 343 -14.48 -24.88 11.13
N GLY C 344 -15.23 -23.87 10.63
CA GLY C 344 -16.59 -23.54 11.08
C GLY C 344 -16.71 -22.05 11.32
N ILE C 345 -17.08 -21.70 12.56
CA ILE C 345 -17.47 -20.31 12.93
C ILE C 345 -16.69 -19.79 14.15
N ARG C 346 -16.05 -18.62 14.03
CA ARG C 346 -15.19 -18.12 15.10
C ARG C 346 -15.63 -16.73 15.45
N TYR C 347 -15.66 -16.43 16.75
CA TYR C 347 -16.09 -15.11 17.22
C TYR C 347 -14.86 -14.37 17.78
N ALA C 348 -14.65 -13.18 17.26
CA ALA C 348 -13.53 -12.38 17.70
C ALA C 348 -14.07 -11.07 18.20
N ASN C 349 -13.34 -10.46 19.13
CA ASN C 349 -13.66 -9.17 19.73
C ASN C 349 -12.38 -8.33 19.66
N PHE C 350 -12.48 -7.11 19.14
CA PHE C 350 -11.31 -6.22 19.15
C PHE C 350 -11.75 -4.82 19.49
N ASN C 351 -10.78 -4.01 19.90
CA ASN C 351 -11.08 -2.62 20.15
C ASN C 351 -10.30 -1.72 19.18
N LEU C 352 -10.67 -0.44 19.15
CA LEU C 352 -9.93 0.51 18.28
C LEU C 352 -8.44 0.64 18.65
N ALA C 353 -8.11 0.50 19.93
CA ALA C 353 -6.67 0.50 20.33
C ALA C 353 -5.93 -0.63 19.68
N TRP C 354 -6.53 -1.81 19.55
CA TRP C 354 -5.88 -2.93 18.86
C TRP C 354 -5.62 -2.55 17.40
N LEU C 355 -6.50 -1.76 16.82
CA LEU C 355 -6.45 -1.51 15.39
C LEU C 355 -5.24 -0.65 15.02
N GLY C 356 -4.96 0.30 15.91
CA GLY C 356 -3.67 1.01 16.00
C GLY C 356 -3.39 2.10 14.97
N GLY C 357 -4.41 2.87 14.61
CA GLY C 357 -4.32 3.70 13.42
C GLY C 357 -4.46 5.16 13.72
N ILE C 358 -4.13 5.97 12.72
CA ILE C 358 -4.35 7.40 12.76
C ILE C 358 -5.13 7.70 11.49
N CYS C 359 -6.14 8.55 11.61
CA CYS C 359 -6.91 9.08 10.47
C CYS C 359 -6.07 10.13 9.75
N ALA C 360 -5.09 9.69 9.00
CA ALA C 360 -4.19 10.55 8.22
C ALA C 360 -3.99 9.84 6.89
N PRO C 361 -5.05 9.73 6.08
CA PRO C 361 -4.87 9.14 4.77
C PRO C 361 -3.87 9.99 3.94
N PHE C 362 -3.08 9.32 3.12
CA PHE C 362 -2.14 10.05 2.31
C PHE C 362 -1.97 9.41 0.92
N THR C 363 -1.34 10.16 0.03
CA THR C 363 -1.11 9.71 -1.34
C THR C 363 0.34 9.85 -1.78
N ILE C 364 0.74 8.84 -2.54
CA ILE C 364 1.95 8.84 -3.28
C ILE C 364 1.56 8.42 -4.69
N PRO C 365 2.06 9.18 -5.72
CA PRO C 365 1.63 8.91 -7.10
C PRO C 365 2.36 7.72 -7.73
N ASP C 366 1.72 7.08 -8.71
CA ASP C 366 2.40 6.08 -9.49
C ASP C 366 3.38 6.84 -10.41
N VAL C 367 4.54 6.24 -10.68
CA VAL C 367 5.67 6.83 -11.41
C VAL C 367 6.30 5.76 -12.31
N ALA C 368 6.74 6.13 -13.53
CA ALA C 368 7.51 5.23 -14.43
C ALA C 368 9.01 5.59 -14.53
N LEU C 369 9.87 4.59 -14.51
CA LEU C 369 11.29 4.81 -14.71
C LEU C 369 11.98 3.64 -15.47
N GLU C 370 13.26 3.82 -15.81
CA GLU C 370 14.02 2.81 -16.50
C GLU C 370 14.96 2.23 -15.47
N PRO C 371 15.43 0.99 -15.68
CA PRO C 371 16.40 0.43 -14.75
C PRO C 371 17.54 1.40 -14.51
N GLY C 372 18.22 1.29 -13.37
CA GLY C 372 19.38 2.11 -13.08
C GLY C 372 19.07 3.50 -12.54
N GLN C 373 17.96 4.07 -13.07
CA GLN C 373 17.43 5.40 -12.70
C GLN C 373 16.96 5.55 -11.25
N GLN C 374 16.90 6.80 -10.81
CA GLN C 374 16.44 7.18 -9.47
C GLN C 374 15.44 8.35 -9.62
N VAL C 375 14.40 8.34 -8.79
CA VAL C 375 13.39 9.37 -8.89
C VAL C 375 12.89 9.78 -7.49
N THR C 376 12.28 10.96 -7.41
CA THR C 376 11.72 11.50 -6.17
C THR C 376 10.31 11.96 -6.42
N VAL C 377 9.38 11.46 -5.59
CA VAL C 377 7.93 11.73 -5.78
C VAL C 377 7.31 12.39 -4.54
N PRO C 378 6.25 13.18 -4.70
CA PRO C 378 5.74 13.91 -3.57
C PRO C 378 4.72 13.11 -2.75
N VAL C 379 4.65 13.43 -1.46
CA VAL C 379 3.72 12.78 -0.56
C VAL C 379 2.75 13.84 -0.04
N ALA C 380 1.42 13.54 -0.10
CA ALA C 380 0.37 14.40 0.41
C ALA C 380 -0.42 13.73 1.56
N VAL C 381 -0.21 14.22 2.80
CA VAL C 381 -0.91 13.65 3.95
C VAL C 381 -2.11 14.51 4.28
N THR C 382 -3.32 13.94 4.27
CA THR C 382 -4.47 14.73 4.73
C THR C 382 -4.74 14.39 6.18
N ASN C 383 -4.42 15.31 7.09
CA ASN C 383 -4.59 14.99 8.51
C ASN C 383 -6.05 15.08 9.00
N GLN C 384 -6.69 13.94 9.15
CA GLN C 384 -8.08 13.93 9.60
C GLN C 384 -8.24 13.69 11.13
N SER C 385 -7.11 13.72 11.88
CA SER C 385 -7.03 13.09 13.19
C SER C 385 -7.44 14.02 14.31
N GLY C 386 -7.42 15.32 14.03
CA GLY C 386 -7.78 16.33 15.00
C GLY C 386 -6.63 16.74 15.91
N ILE C 387 -5.44 16.18 15.67
CA ILE C 387 -4.26 16.41 16.55
C ILE C 387 -2.98 16.71 15.72
N ALA C 388 -1.99 17.34 16.38
CA ALA C 388 -0.64 17.60 15.85
C ALA C 388 0.24 16.34 16.04
N VAL C 389 1.13 16.05 15.08
CA VAL C 389 2.12 15.00 15.23
C VAL C 389 3.48 15.64 14.95
N PRO C 390 4.19 16.03 16.02
CA PRO C 390 5.47 16.72 15.79
C PRO C 390 6.53 15.88 15.08
N LYS C 391 6.55 14.57 15.27
CA LYS C 391 7.63 13.80 14.66
C LYS C 391 7.22 12.52 13.94
N PRO C 392 6.52 12.64 12.79
CA PRO C 392 6.10 11.44 12.05
C PRO C 392 7.24 10.85 11.25
N SER C 393 7.12 9.58 10.91
CA SER C 393 8.17 9.00 10.11
C SER C 393 7.48 8.26 9.01
N LEU C 394 8.22 7.97 7.95
CA LEU C 394 7.67 7.34 6.77
C LEU C 394 8.54 6.13 6.41
N GLN C 395 7.92 4.95 6.40
CA GLN C 395 8.60 3.66 6.14
C GLN C 395 8.09 3.03 4.86
N LEU C 396 9.02 2.49 4.06
CA LEU C 396 8.66 1.95 2.73
C LEU C 396 9.05 0.49 2.56
N ASP C 397 8.17 -0.29 1.93
CA ASP C 397 8.45 -1.69 1.54
C ASP C 397 8.53 -1.86 0.03
N ALA C 398 9.74 -2.03 -0.46
CA ALA C 398 9.94 -2.31 -1.88
C ALA C 398 10.91 -3.48 -2.02
N SER C 399 11.15 -3.91 -3.26
CA SER C 399 12.05 -5.04 -3.53
C SER C 399 13.38 -4.81 -2.80
N PRO C 400 14.06 -5.89 -2.39
CA PRO C 400 15.12 -5.67 -1.41
C PRO C 400 16.35 -5.06 -2.06
N ASP C 401 16.62 -5.36 -3.33
CA ASP C 401 17.78 -4.73 -3.98
C ASP C 401 17.63 -3.24 -4.36
N TRP C 402 16.38 -2.78 -4.43
CA TRP C 402 16.03 -1.37 -4.59
C TRP C 402 16.40 -0.52 -3.36
N GLN C 403 16.63 0.77 -3.58
CA GLN C 403 16.90 1.67 -2.49
C GLN C 403 15.77 2.72 -2.37
N VAL C 404 14.95 2.59 -1.32
CA VAL C 404 13.78 3.48 -1.16
C VAL C 404 13.77 4.12 0.25
N GLN C 405 13.58 5.43 0.31
CA GLN C 405 13.52 6.18 1.57
C GLN C 405 12.51 7.31 1.48
N GLY C 406 11.88 7.65 2.59
CA GLY C 406 10.89 8.70 2.58
C GLY C 406 10.93 9.52 3.83
N SER C 407 10.33 10.69 3.76
CA SER C 407 10.21 11.56 4.93
C SER C 407 8.92 12.32 4.77
N VAL C 408 8.36 12.81 5.89
CA VAL C 408 7.17 13.68 5.87
C VAL C 408 7.40 14.77 6.93
N GLU C 409 6.79 15.94 6.73
CA GLU C 409 6.87 17.06 7.69
C GLU C 409 5.81 16.88 8.80
N PRO C 410 5.95 17.61 9.94
CA PRO C 410 4.99 17.42 11.03
C PRO C 410 3.53 17.60 10.61
N LEU C 411 2.66 16.80 11.23
CA LEU C 411 1.19 16.92 11.00
C LEU C 411 0.64 17.97 11.93
N MET C 412 -0.39 18.66 11.46
CA MET C 412 -1.08 19.70 12.21
C MET C 412 -2.60 19.48 12.07
N PRO C 413 -3.41 19.83 13.08
CA PRO C 413 -4.86 19.61 13.03
C PRO C 413 -5.53 20.23 11.78
N GLY C 414 -6.26 19.42 11.02
CA GLY C 414 -7.02 19.99 9.85
C GLY C 414 -6.20 20.52 8.69
N ARG C 415 -4.94 20.09 8.58
CA ARG C 415 -4.09 20.51 7.47
C ARG C 415 -3.46 19.39 6.69
N GLN C 416 -3.04 19.71 5.47
CA GLN C 416 -2.34 18.75 4.65
C GLN C 416 -0.83 18.84 4.93
N ALA C 417 -0.13 17.72 5.02
CA ALA C 417 1.32 17.75 5.24
C ALA C 417 1.99 17.29 3.97
N LYS C 418 3.11 17.90 3.64
CA LYS C 418 3.85 17.41 2.48
C LYS C 418 5.00 16.52 2.93
N GLY C 419 5.41 15.59 2.07
CA GLY C 419 6.60 14.78 2.28
C GLY C 419 7.14 14.25 0.94
N GLN C 420 8.14 13.37 0.99
CA GLN C 420 8.74 12.84 -0.21
C GLN C 420 9.30 11.44 -0.07
N VAL C 421 9.34 10.75 -1.21
CA VAL C 421 9.94 9.41 -1.32
C VAL C 421 10.98 9.45 -2.45
N THR C 422 12.19 8.95 -2.19
CA THR C 422 13.17 8.69 -3.25
C THR C 422 13.36 7.20 -3.46
N ILE C 423 13.37 6.81 -4.74
CA ILE C 423 13.45 5.43 -5.13
C ILE C 423 14.62 5.25 -6.11
N THR C 424 15.52 4.31 -5.81
CA THR C 424 16.60 3.82 -6.75
C THR C 424 16.30 2.42 -7.24
N VAL C 425 16.26 2.25 -8.57
CA VAL C 425 15.95 0.96 -9.21
C VAL C 425 17.24 0.45 -9.86
N PRO C 426 17.76 -0.73 -9.43
CA PRO C 426 19.01 -1.25 -10.01
C PRO C 426 18.92 -1.40 -11.54
N ALA C 427 20.06 -1.51 -12.22
CA ALA C 427 20.03 -1.93 -13.62
C ALA C 427 19.87 -3.45 -13.62
N GLY C 428 19.40 -4.01 -14.73
CA GLY C 428 19.14 -5.43 -14.73
C GLY C 428 17.71 -5.65 -14.31
N THR C 429 17.23 -4.87 -13.32
CA THR C 429 15.82 -4.94 -12.89
C THR C 429 14.89 -5.27 -14.07
N THR C 430 13.97 -6.19 -13.81
CA THR C 430 13.14 -6.81 -14.80
C THR C 430 11.99 -5.88 -15.12
N PRO C 431 11.80 -5.53 -16.41
CA PRO C 431 10.58 -4.76 -16.74
C PRO C 431 9.33 -5.33 -16.06
N GLY C 432 8.40 -4.47 -15.65
CA GLY C 432 7.28 -4.85 -14.77
C GLY C 432 6.69 -3.72 -13.93
N ARG C 433 5.48 -3.92 -13.43
CA ARG C 433 4.79 -3.00 -12.53
C ARG C 433 4.84 -3.43 -11.03
N TYR C 434 5.76 -2.84 -10.25
CA TYR C 434 5.99 -3.24 -8.84
C TYR C 434 5.20 -2.39 -7.86
N ARG C 435 4.48 -3.05 -6.96
CA ARG C 435 3.76 -2.30 -5.94
C ARG C 435 4.72 -2.01 -4.76
N VAL C 436 4.79 -0.74 -4.36
CA VAL C 436 5.57 -0.31 -3.20
C VAL C 436 4.65 0.18 -2.08
N GLY C 437 4.89 -0.32 -0.86
CA GLY C 437 4.06 0.04 0.30
C GLY C 437 4.64 1.13 1.15
N ALA C 438 3.78 2.01 1.63
CA ALA C 438 4.23 3.12 2.53
C ALA C 438 3.48 3.11 3.88
N THR C 439 4.19 3.24 4.99
CA THR C 439 3.56 3.37 6.32
C THR C 439 3.95 4.70 6.96
N LEU C 440 2.96 5.54 7.20
CA LEU C 440 3.18 6.74 7.96
C LEU C 440 3.14 6.24 9.41
N ARG C 441 4.23 6.46 10.16
CA ARG C 441 4.29 6.01 11.58
C ARG C 441 4.27 7.19 12.50
N THR C 442 3.34 7.16 13.47
CA THR C 442 3.17 8.28 14.40
C THR C 442 2.79 7.73 15.77
N SER C 443 2.72 8.66 16.72
CA SER C 443 2.36 8.40 18.12
C SER C 443 0.92 7.89 18.28
N ALA C 444 0.00 8.48 17.54
CA ALA C 444 -1.42 8.12 17.57
C ALA C 444 -1.64 6.80 16.91
N GLY C 445 -0.64 6.35 16.17
CA GLY C 445 -0.80 5.19 15.34
C GLY C 445 -0.37 5.40 13.91
N ASN C 446 -0.63 4.38 13.10
CA ASN C 446 -0.09 4.30 11.77
C ASN C 446 -1.20 4.44 10.71
N ALA C 447 -0.82 5.01 9.57
CA ALA C 447 -1.63 4.90 8.38
C ALA C 447 -0.75 4.32 7.27
N SER C 448 -1.36 3.77 6.22
CA SER C 448 -0.59 3.27 5.12
C SER C 448 -1.25 3.51 3.74
N THR C 449 -0.47 3.28 2.70
CA THR C 449 -0.93 3.37 1.31
C THR C 449 0.00 2.58 0.41
N THR C 450 -0.36 2.46 -0.85
CA THR C 450 0.50 1.78 -1.80
C THR C 450 0.56 2.62 -3.06
N PHE C 451 1.60 2.42 -3.85
CA PHE C 451 1.74 3.06 -5.15
C PHE C 451 2.55 2.12 -6.05
N THR C 452 2.41 2.29 -7.35
CA THR C 452 3.12 1.45 -8.31
C THR C 452 4.27 2.18 -8.97
N VAL C 453 5.41 1.50 -9.11
CA VAL C 453 6.57 1.93 -9.85
C VAL C 453 6.78 1.00 -11.08
N THR C 454 6.54 1.54 -12.27
CA THR C 454 6.68 0.81 -13.53
C THR C 454 8.11 0.95 -14.08
N VAL C 455 8.76 -0.20 -14.26
CA VAL C 455 10.11 -0.26 -14.74
C VAL C 455 10.13 -0.79 -16.19
N GLY C 456 10.66 0.03 -17.11
CA GLY C 456 11.02 -0.43 -18.46
C GLY C 456 9.90 -0.97 -19.32
N LEU C 457 8.67 -0.55 -19.02
CA LEU C 457 7.49 -0.82 -19.84
C LEU C 457 6.95 0.46 -20.47
N LEU C 458 6.77 0.47 -21.79
CA LEU C 458 6.04 1.56 -22.45
C LEU C 458 4.72 1.93 -21.78
N ASP C 459 4.25 3.14 -22.08
CA ASP C 459 2.97 3.69 -21.58
C ASP C 459 1.79 3.21 -22.38
N GLN C 460 0.92 2.45 -21.74
CA GLN C 460 -0.30 1.95 -22.37
C GLN C 460 -1.28 3.04 -22.84
N ALA C 461 -1.18 4.23 -22.27
CA ALA C 461 -2.15 5.31 -22.53
C ALA C 461 -1.97 5.93 -23.91
N ARG C 462 -0.76 5.80 -24.43
CA ARG C 462 -0.31 6.33 -25.71
C ARG C 462 -0.44 5.32 -26.86
N MET C 463 -0.78 4.08 -26.48
CA MET C 463 -1.01 2.94 -27.38
C MET C 463 -2.47 2.87 -27.81
N SER C 464 -2.69 2.33 -29.02
CA SER C 464 -4.01 2.05 -29.60
C SER C 464 -3.95 0.73 -30.35
N ILE C 465 -5.12 0.12 -30.52
CA ILE C 465 -5.24 -1.08 -31.35
C ILE C 465 -5.09 -0.66 -32.82
N ALA C 466 -4.06 -1.18 -33.47
CA ALA C 466 -3.87 -1.01 -34.92
C ALA C 466 -4.79 -1.95 -35.69
N ASP C 467 -4.89 -3.19 -35.22
CA ASP C 467 -5.70 -4.24 -35.86
C ASP C 467 -5.99 -5.43 -34.90
N VAL C 468 -7.05 -6.17 -35.21
CA VAL C 468 -7.41 -7.42 -34.56
C VAL C 468 -8.11 -8.30 -35.59
N ASP C 469 -7.86 -9.61 -35.55
CA ASP C 469 -8.42 -10.51 -36.56
C ASP C 469 -9.90 -10.73 -36.30
N SER C 470 -10.24 -10.81 -35.02
CA SER C 470 -11.54 -11.26 -34.62
C SER C 470 -11.79 -10.85 -33.19
N GLU C 471 -13.06 -10.73 -32.86
CA GLU C 471 -13.42 -10.26 -31.55
C GLU C 471 -14.92 -10.39 -31.30
N GLU C 472 -15.24 -10.86 -30.10
CA GLU C 472 -16.60 -10.88 -29.58
C GLU C 472 -17.00 -9.53 -28.96
N THR C 473 -18.15 -9.00 -29.37
CA THR C 473 -18.76 -7.79 -28.75
C THR C 473 -20.26 -7.99 -28.48
N ALA C 474 -20.85 -8.96 -29.16
CA ALA C 474 -22.26 -9.31 -29.01
C ALA C 474 -22.63 -9.94 -27.66
N ARG C 475 -22.19 -11.18 -27.42
CA ARG C 475 -22.57 -11.87 -26.18
C ARG C 475 -21.77 -11.41 -24.96
N GLU C 476 -20.58 -10.82 -25.19
CA GLU C 476 -19.80 -10.17 -24.13
C GLU C 476 -18.77 -9.17 -24.66
N ASP C 477 -18.16 -8.42 -23.73
CA ASP C 477 -17.16 -7.41 -24.09
C ASP C 477 -15.72 -8.00 -24.27
N GLY C 478 -15.43 -8.49 -25.48
CA GLY C 478 -14.14 -9.12 -25.78
C GLY C 478 -13.32 -8.33 -26.76
N ARG C 479 -13.36 -7.00 -26.62
CA ARG C 479 -12.67 -6.02 -27.47
C ARG C 479 -11.20 -6.11 -27.36
N ALA C 480 -10.50 -5.90 -28.47
CA ALA C 480 -9.03 -5.84 -28.45
C ALA C 480 -8.45 -4.84 -27.44
N SER C 481 -8.95 -3.60 -27.48
CA SER C 481 -8.57 -2.52 -26.57
C SER C 481 -8.48 -2.95 -25.08
N ASN C 482 -9.34 -3.90 -24.69
CA ASN C 482 -9.21 -4.63 -23.40
C ASN C 482 -7.80 -5.10 -22.95
N VAL C 483 -6.94 -5.59 -23.85
CA VAL C 483 -5.53 -5.86 -23.50
C VAL C 483 -4.68 -4.64 -23.12
N ILE C 484 -5.12 -3.42 -23.39
CA ILE C 484 -4.33 -2.26 -22.99
C ILE C 484 -5.01 -1.29 -21.97
N ASP C 485 -6.09 -1.75 -21.33
CA ASP C 485 -6.78 -0.98 -20.29
C ASP C 485 -6.12 -1.09 -18.90
N GLY C 486 -5.03 -1.87 -18.81
CA GLY C 486 -4.34 -2.09 -17.53
C GLY C 486 -5.07 -2.88 -16.46
N ASN C 487 -6.18 -3.52 -16.83
CA ASN C 487 -7.09 -4.31 -15.97
C ASN C 487 -6.95 -5.81 -16.30
N PRO C 488 -6.52 -6.68 -15.35
CA PRO C 488 -6.50 -8.14 -15.68
C PRO C 488 -7.87 -8.84 -15.82
N SER C 489 -8.96 -8.21 -15.38
CA SER C 489 -10.27 -8.91 -15.36
C SER C 489 -11.17 -8.68 -16.58
N THR C 490 -10.68 -7.88 -17.51
CA THR C 490 -11.27 -7.69 -18.83
C THR C 490 -10.25 -8.23 -19.85
N PHE C 491 -10.72 -8.74 -20.97
CA PHE C 491 -9.86 -9.45 -21.88
C PHE C 491 -10.36 -9.27 -23.29
N TRP C 492 -9.43 -9.26 -24.23
CA TRP C 492 -9.78 -9.43 -25.62
C TRP C 492 -10.24 -10.89 -25.66
N HIS C 493 -11.31 -11.13 -26.40
CA HIS C 493 -11.74 -12.47 -26.71
C HIS C 493 -12.11 -12.45 -28.21
N THR C 494 -11.43 -13.28 -29.03
CA THR C 494 -11.83 -13.50 -30.44
C THR C 494 -13.30 -13.95 -30.54
N GLU C 495 -13.93 -13.75 -31.71
CA GLU C 495 -15.38 -13.98 -31.83
C GLU C 495 -15.82 -15.43 -31.62
N TRP C 496 -16.90 -15.60 -30.85
CA TRP C 496 -17.39 -16.94 -30.52
C TRP C 496 -18.89 -17.20 -30.71
N SER C 497 -19.71 -16.15 -30.79
CA SER C 497 -21.18 -16.36 -30.88
C SER C 497 -21.78 -16.53 -32.27
N ARG C 498 -20.98 -16.90 -33.25
CA ARG C 498 -21.53 -17.44 -34.49
C ARG C 498 -20.65 -18.63 -34.80
N ALA C 499 -21.23 -19.70 -35.34
CA ALA C 499 -20.45 -20.89 -35.69
C ALA C 499 -19.39 -20.65 -36.76
N ASP C 500 -19.62 -19.66 -37.65
CA ASP C 500 -18.68 -19.35 -38.74
C ASP C 500 -17.48 -18.48 -38.30
N ALA C 501 -17.42 -18.12 -37.02
CA ALA C 501 -16.31 -17.34 -36.45
C ALA C 501 -14.98 -18.02 -36.75
N PRO C 502 -13.92 -17.22 -36.92
CA PRO C 502 -12.64 -17.82 -37.28
C PRO C 502 -12.04 -18.60 -36.10
N GLY C 503 -11.34 -19.70 -36.42
CA GLY C 503 -10.51 -20.41 -35.47
C GLY C 503 -9.13 -19.84 -35.63
N TYR C 504 -8.13 -20.56 -35.14
CA TYR C 504 -6.74 -20.15 -35.25
C TYR C 504 -6.21 -20.12 -36.70
N PRO C 505 -5.24 -19.23 -36.98
CA PRO C 505 -4.52 -18.31 -36.10
C PRO C 505 -5.30 -17.02 -35.78
N HIS C 506 -4.84 -16.29 -34.76
CA HIS C 506 -5.50 -15.08 -34.28
C HIS C 506 -4.43 -14.03 -34.19
N ARG C 507 -4.82 -12.75 -34.11
CA ARG C 507 -3.84 -11.68 -34.29
C ARG C 507 -4.34 -10.35 -33.73
N ILE C 508 -3.45 -9.68 -33.03
CA ILE C 508 -3.72 -8.39 -32.39
C ILE C 508 -2.48 -7.49 -32.56
N SER C 509 -2.68 -6.25 -33.02
CA SER C 509 -1.53 -5.37 -33.21
C SER C 509 -1.76 -4.04 -32.55
N LEU C 510 -0.69 -3.54 -32.00
CA LEU C 510 -0.72 -2.33 -31.22
C LEU C 510 0.12 -1.29 -31.90
N ASP C 511 -0.45 -0.11 -31.97
CA ASP C 511 0.24 1.11 -32.33
C ASP C 511 0.77 1.74 -31.03
N LEU C 512 2.08 1.99 -30.96
CA LEU C 512 2.76 2.41 -29.73
C LEU C 512 2.76 3.93 -29.55
N GLY C 513 2.12 4.62 -30.51
CA GLY C 513 1.90 6.08 -30.51
C GLY C 513 3.17 6.87 -30.75
N GLY C 514 4.14 6.24 -31.40
CA GLY C 514 5.46 6.85 -31.58
C GLY C 514 6.53 5.77 -31.59
N THR C 515 7.71 6.13 -32.07
CA THR C 515 8.84 5.19 -32.12
C THR C 515 9.54 5.06 -30.79
N HIS C 516 9.77 3.81 -30.37
CA HIS C 516 10.53 3.50 -29.15
C HIS C 516 11.55 2.40 -29.41
N THR C 517 12.66 2.42 -28.69
CA THR C 517 13.52 1.24 -28.65
C THR C 517 12.78 0.22 -27.77
N ILE C 518 12.49 -0.95 -28.33
CA ILE C 518 11.71 -2.00 -27.64
C ILE C 518 12.49 -3.32 -27.70
N SER C 519 12.24 -4.19 -26.71
CA SER C 519 13.00 -5.42 -26.57
C SER C 519 12.16 -6.55 -25.95
N GLY C 520 10.84 -6.35 -25.82
CA GLY C 520 9.99 -7.37 -25.22
C GLY C 520 8.51 -7.12 -25.27
N LEU C 521 7.73 -8.21 -25.16
CA LEU C 521 6.27 -8.17 -24.97
C LEU C 521 5.92 -9.00 -23.73
N GLN C 522 4.95 -8.53 -22.95
CA GLN C 522 4.48 -9.25 -21.76
C GLN C 522 3.05 -9.65 -21.98
N TYR C 523 2.79 -10.95 -21.89
CA TYR C 523 1.46 -11.55 -22.07
C TYR C 523 0.83 -12.05 -20.78
N THR C 524 -0.38 -11.59 -20.50
CA THR C 524 -1.18 -12.13 -19.40
C THR C 524 -2.42 -12.77 -19.96
N ARG C 525 -2.61 -14.05 -19.61
CA ARG C 525 -3.75 -14.84 -20.07
C ARG C 525 -5.06 -14.36 -19.48
N ARG C 526 -6.20 -14.78 -20.04
CA ARG C 526 -7.51 -14.56 -19.44
C ARG C 526 -7.50 -15.28 -18.08
N GLN C 527 -7.86 -14.54 -17.04
CA GLN C 527 -7.93 -15.11 -15.67
C GLN C 527 -9.12 -16.06 -15.33
N ASN C 528 -10.30 -15.80 -15.86
CA ASN C 528 -11.50 -16.57 -15.43
C ASN C 528 -12.00 -17.67 -16.35
N SER C 529 -11.17 -18.08 -17.29
CA SER C 529 -11.48 -19.25 -18.09
C SER C 529 -10.14 -19.76 -18.62
N ALA C 530 -10.02 -21.06 -18.86
CA ALA C 530 -8.70 -21.67 -19.19
C ALA C 530 -8.58 -22.30 -20.59
N ASN C 531 -9.66 -22.23 -21.34
CA ASN C 531 -9.77 -22.91 -22.63
C ASN C 531 -9.58 -22.01 -23.86
N GLU C 532 -9.12 -20.79 -23.63
CA GLU C 532 -8.85 -19.84 -24.72
C GLU C 532 -7.45 -19.32 -24.62
N GLN C 533 -6.52 -20.19 -24.22
CA GLN C 533 -5.21 -19.66 -23.85
C GLN C 533 -4.28 -19.84 -25.00
N VAL C 534 -3.54 -18.77 -25.31
CA VAL C 534 -2.54 -18.76 -26.39
C VAL C 534 -1.46 -19.71 -25.97
N ALA C 535 -1.10 -20.63 -26.88
CA ALA C 535 0.10 -21.44 -26.66
C ALA C 535 1.21 -20.99 -27.59
N ASP C 536 1.28 -21.50 -28.83
CA ASP C 536 2.38 -21.03 -29.72
C ASP C 536 2.10 -19.62 -30.23
N TYR C 537 3.15 -18.80 -30.37
CA TYR C 537 2.99 -17.40 -30.74
C TYR C 537 4.13 -16.91 -31.63
N GLU C 538 3.85 -15.84 -32.35
CA GLU C 538 4.85 -15.05 -33.01
C GLU C 538 4.69 -13.57 -32.72
N ILE C 539 5.80 -12.86 -32.69
CA ILE C 539 5.83 -11.42 -32.48
C ILE C 539 6.52 -10.75 -33.69
N TYR C 540 5.86 -9.75 -34.25
CA TYR C 540 6.38 -8.90 -35.33
C TYR C 540 6.49 -7.47 -34.86
N THR C 541 7.49 -6.75 -35.38
CA THR C 541 7.50 -5.25 -35.26
C THR C 541 7.33 -4.57 -36.63
N SER C 542 7.10 -3.26 -36.61
CA SER C 542 6.87 -2.47 -37.82
C SER C 542 7.25 -1.04 -37.52
N LEU C 543 7.94 -0.37 -38.45
CA LEU C 543 8.16 1.08 -38.33
C LEU C 543 7.05 1.84 -39.07
N ASN C 544 6.40 1.15 -40.02
CA ASN C 544 5.44 1.81 -40.93
C ASN C 544 3.96 1.41 -40.75
N GLY C 545 3.71 0.41 -39.91
CA GLY C 545 2.33 -0.07 -39.67
C GLY C 545 1.70 -1.02 -40.69
N THR C 546 2.44 -1.32 -41.77
CA THR C 546 1.93 -2.14 -42.87
C THR C 546 2.94 -3.16 -43.39
N THR C 547 4.24 -2.92 -43.19
CA THR C 547 5.23 -3.98 -43.41
C THR C 547 5.84 -4.45 -42.10
N TRP C 548 5.79 -5.77 -41.91
CA TRP C 548 6.04 -6.41 -40.60
C TRP C 548 7.34 -7.21 -40.60
N ASP C 549 8.28 -6.75 -39.77
CA ASP C 549 9.53 -7.41 -39.51
C ASP C 549 9.45 -8.57 -38.50
N GLY C 550 9.98 -9.73 -38.86
CA GLY C 550 10.04 -10.83 -37.92
C GLY C 550 9.56 -12.11 -38.54
N PRO C 551 9.28 -13.13 -37.70
CA PRO C 551 9.13 -13.10 -36.22
C PRO C 551 10.37 -12.69 -35.46
N VAL C 552 10.25 -11.63 -34.65
CA VAL C 552 11.36 -11.14 -33.80
C VAL C 552 11.53 -11.94 -32.52
N ALA C 553 10.48 -12.69 -32.17
CA ALA C 553 10.49 -13.63 -31.07
C ALA C 553 9.36 -14.62 -31.38
N SER C 554 9.57 -15.89 -31.00
CA SER C 554 8.56 -16.94 -31.11
C SER C 554 8.75 -17.93 -29.94
N GLY C 555 7.79 -18.81 -29.74
CA GLY C 555 7.73 -19.58 -28.51
C GLY C 555 6.34 -20.12 -28.23
N ARG C 556 6.21 -20.68 -27.03
CA ARG C 556 4.99 -21.25 -26.56
C ARG C 556 4.79 -20.77 -25.11
N PHE C 557 3.76 -19.96 -24.88
CA PHE C 557 3.43 -19.55 -23.52
C PHE C 557 2.98 -20.75 -22.67
N THR C 558 2.96 -20.52 -21.36
CA THR C 558 2.52 -21.53 -20.39
C THR C 558 1.12 -21.13 -20.00
N THR C 559 0.55 -21.90 -19.08
CA THR C 559 -0.78 -21.61 -18.52
C THR C 559 -0.72 -20.78 -17.25
N SER C 560 0.43 -20.17 -17.02
CA SER C 560 0.62 -19.29 -15.87
C SER C 560 -0.40 -18.16 -15.90
N LEU C 561 -0.91 -17.82 -14.71
CA LEU C 561 -1.78 -16.63 -14.55
C LEU C 561 -0.99 -15.34 -14.52
N ALA C 562 0.32 -15.42 -14.33
CA ALA C 562 1.21 -14.26 -14.28
C ALA C 562 1.68 -13.80 -15.68
N PRO C 563 2.09 -12.52 -15.80
CA PRO C 563 2.82 -11.96 -16.95
C PRO C 563 3.97 -12.88 -17.40
N GLN C 564 3.99 -13.18 -18.70
CA GLN C 564 5.01 -13.97 -19.34
C GLN C 564 5.73 -13.10 -20.37
N ARG C 565 7.03 -12.96 -20.21
CA ARG C 565 7.84 -12.15 -21.10
C ARG C 565 8.31 -12.98 -22.31
N ALA C 566 8.34 -12.31 -23.44
CA ALA C 566 8.92 -12.79 -24.67
C ALA C 566 9.85 -11.65 -25.05
N VAL C 567 11.15 -11.89 -24.93
CA VAL C 567 12.17 -10.84 -25.19
C VAL C 567 12.87 -10.99 -26.55
N PHE C 568 13.33 -9.88 -27.12
CA PHE C 568 14.09 -9.90 -28.38
C PHE C 568 15.21 -8.81 -28.35
N PRO C 569 16.26 -8.93 -29.21
CA PRO C 569 17.28 -7.84 -29.28
C PRO C 569 16.65 -6.45 -29.47
N ALA C 570 17.26 -5.43 -28.84
CA ALA C 570 16.76 -4.04 -28.91
C ALA C 570 16.66 -3.60 -30.37
N ARG C 571 15.52 -2.99 -30.70
CA ARG C 571 15.22 -2.54 -32.03
C ARG C 571 14.20 -1.41 -31.93
N ASP C 572 14.11 -0.56 -32.94
CA ASP C 572 13.21 0.59 -32.92
C ASP C 572 11.91 0.30 -33.64
N ALA C 573 10.77 0.62 -33.04
CA ALA C 573 9.51 0.31 -33.69
C ALA C 573 8.39 1.24 -33.27
N ARG C 574 7.38 1.33 -34.14
CA ARG C 574 6.24 2.19 -33.91
C ARG C 574 5.04 1.33 -33.60
N TYR C 575 5.16 0.05 -33.98
CA TYR C 575 4.08 -0.95 -33.86
C TYR C 575 4.60 -2.31 -33.36
N ILE C 576 3.74 -3.08 -32.70
CA ILE C 576 4.11 -4.46 -32.31
C ILE C 576 2.89 -5.37 -32.52
N ARG C 577 3.16 -6.60 -32.99
CA ARG C 577 2.09 -7.53 -33.38
C ARG C 577 2.30 -8.89 -32.72
N LEU C 578 1.22 -9.40 -32.11
CA LEU C 578 1.19 -10.77 -31.58
C LEU C 578 0.35 -11.67 -32.51
N VAL C 579 0.94 -12.79 -32.92
CA VAL C 579 0.19 -13.81 -33.62
C VAL C 579 0.11 -15.00 -32.69
N ALA C 580 -1.13 -15.34 -32.36
CA ALA C 580 -1.47 -16.54 -31.62
C ALA C 580 -1.75 -17.66 -32.59
N LEU C 581 -0.82 -18.61 -32.64
CA LEU C 581 -0.84 -19.66 -33.64
C LEU C 581 -1.70 -20.83 -33.21
N SER C 582 -1.71 -21.09 -31.90
CA SER C 582 -2.52 -22.16 -31.32
C SER C 582 -2.98 -21.87 -29.88
N GLU C 583 -3.93 -22.68 -29.43
CA GLU C 583 -4.49 -22.70 -28.07
C GLU C 583 -3.86 -23.87 -27.29
N GLN C 584 -3.71 -23.71 -25.98
CA GLN C 584 -3.11 -24.74 -25.13
C GLN C 584 -3.71 -26.11 -25.34
N THR C 585 -5.04 -26.20 -25.53
CA THR C 585 -5.65 -27.50 -25.76
C THR C 585 -6.47 -27.61 -27.07
N GLY C 586 -6.07 -26.86 -28.09
CA GLY C 586 -6.56 -27.08 -29.46
C GLY C 586 -7.95 -26.53 -29.66
N HIS C 587 -8.40 -25.70 -28.74
CA HIS C 587 -9.68 -25.04 -28.81
C HIS C 587 -9.70 -23.93 -29.87
N LYS C 588 -10.87 -23.34 -30.09
CA LYS C 588 -11.08 -22.46 -31.26
C LYS C 588 -10.66 -20.98 -30.99
N TYR C 589 -10.72 -20.54 -29.73
CA TYR C 589 -10.61 -19.10 -29.44
C TYR C 589 -9.34 -18.68 -28.74
N ALA C 590 -8.97 -17.40 -28.93
CA ALA C 590 -7.92 -16.77 -28.13
C ALA C 590 -8.49 -15.72 -27.20
N ALA C 591 -7.91 -15.61 -26.02
CA ALA C 591 -8.23 -14.52 -25.11
C ALA C 591 -6.99 -14.06 -24.39
N VAL C 592 -6.94 -12.75 -24.17
CA VAL C 592 -5.77 -12.09 -23.64
C VAL C 592 -6.29 -11.03 -22.68
N ALA C 593 -5.70 -10.99 -21.49
CA ALA C 593 -6.05 -9.99 -20.49
C ALA C 593 -5.17 -8.72 -20.57
N GLU C 594 -3.85 -8.85 -20.72
CA GLU C 594 -3.00 -7.66 -20.87
C GLU C 594 -1.86 -7.88 -21.82
N LEU C 595 -1.47 -6.82 -22.52
CA LEU C 595 -0.18 -6.78 -23.20
C LEU C 595 0.60 -5.54 -22.77
N GLU C 596 1.85 -5.73 -22.40
CA GLU C 596 2.69 -4.62 -22.05
C GLU C 596 3.95 -4.69 -22.93
N VAL C 597 4.50 -3.54 -23.32
CA VAL C 597 5.67 -3.53 -24.19
C VAL C 597 6.94 -3.10 -23.43
N GLU C 598 7.97 -3.95 -23.45
CA GLU C 598 9.23 -3.62 -22.81
C GLU C 598 10.04 -2.69 -23.72
N GLY C 599 10.56 -1.61 -23.13
CA GLY C 599 11.32 -0.59 -23.85
C GLY C 599 11.31 0.77 -23.15
N GLN C 600 11.92 1.75 -23.81
CA GLN C 600 12.15 3.10 -23.27
C GLN C 600 11.06 4.09 -23.72
N ARG C 601 10.30 4.62 -22.74
CA ARG C 601 9.19 5.57 -22.93
C ARG C 601 9.58 6.92 -23.58
#